data_5TIL
#
_entry.id   5TIL
#
_cell.length_a   61.224
_cell.length_b   66.698
_cell.length_c   523.485
_cell.angle_alpha   90.00
_cell.angle_beta   90.00
_cell.angle_gamma   90.00
#
_symmetry.space_group_name_H-M   'P 21 21 21'
#
loop_
_entity.id
_entity.type
_entity.pdbx_description
1 polymer 'H-2 class I histocompatibility antigen, D-B alpha chain'
2 polymer Beta-2-microglobulin
3 polymer 'Pre-glycoprotein polyprotein GP complex'
4 polymer 'alpha chain of P14 T cell receptor'
5 polymer 'Beta chain of murine T cell receptor P14'
6 polymer 'Alpha chain of murine P14 T cell receptor'
7 water water
#
loop_
_entity_poly.entity_id
_entity_poly.type
_entity_poly.pdbx_seq_one_letter_code
_entity_poly.pdbx_strand_id
1 'polypeptide(L)'
;GPHSMRYFETAVSRPGLEEPRYISVGYVDNKEFVRFDSDAENPRYEPRAPWMEQEGPEYWERETQKAKGQEQWFRVSLRN
LLGYYNQSAGGSHTLQQMSGCDLGSDWRLLRGYLQFAYEGRDYIALNEDLKTWTAADMAAQITRRKWEQSGAAEHYKAYL
EGECVEWLHRYLKNGNATLLRTDSPKAHVTHHPRSKGEVTLRCWALGFYPADITLTWQLNGEELTQDMELVETRPAGDGT
FQKWASVVVPLGKEQNYTCRVYHEGLPEPLTLRWEP
;
A,D
2 'polypeptide(L)'
;IQKTPQIQVYSRHPPENGKPNILNCYVTQFHPPHIEIQMLKNGKKIPKVEMSDMSFSKDWSFYILAHTEFTPTETDTYAC
RVKHDSMAEPKTVYWDRDM
;
B,E
3 'polypeptide(L)' KAPYNFATM C,F
4 'polypeptide(L)'
;QQKEKHDQQQVRQSPQSLTVWEGGTTVLTCSYEDSTFNYFPWYQQFPGEGPALLISILSVSDKKEDGRFTTFFNKREKKL
SLHIIDSQPGDSATYFCAALYGNEKITFGAGTKLTIKPNIQNPEPAVYQLKDPRSQDSTLCLFTDFDSQINVPKTMESGT
FITDKCVLDMKAMDSKSNGAIAWSNQTSFTCQDIFKETNATYPSS
;
G
5 'polypeptide(L)'
;AVTQSPRSKVAVTGGKVTLSCHQTNNHDYMYWYRQDTGHGLRLIHYSYVADSTEKGDIPDGYKASRPSQENFSLILELAS
LSQTAVYFCASSDAGGRNTLYFGAGTRLSVLEDLRNVTPPKVSLFEPSKAEIANKQKATLVCLARGFFPDHVELSWWVNG
KEVHSGVCTDPQAYKESNYSYSLSSRLRVSATFWHNPRNHFRCQVQFHGLSEEDKWPEGSPKPVTQNISAEAWGRADC
;
H,L
6 'polypeptide(L)'
;QQKEKHDQQQVRQSPQSLTVWEGGTTVLTCSYEDSTFNYFPWYQQFPGEGPALLISILSVSDKKEDGRFTTFFNKREKKL
SLHIIDSQPGDSATYFCAALYGNEKITFGAGTKLTIKPNIQNPEPAVYQLKDPRSQDSTLCLFTDFDSQINVPKTMESGT
;
K
#
# COMPACT_ATOMS: atom_id res chain seq x y z
N PRO A 2 -2.26 7.98 2.47
CA PRO A 2 -3.23 6.88 2.35
C PRO A 2 -4.70 7.21 2.79
N HIS A 3 -5.17 8.42 2.47
CA HIS A 3 -6.39 9.02 3.06
C HIS A 3 -7.70 8.63 2.35
N SER A 4 -8.84 8.91 3.02
CA SER A 4 -10.15 8.65 2.42
C SER A 4 -11.33 9.41 3.05
N MET A 5 -12.37 9.57 2.24
CA MET A 5 -13.73 9.96 2.69
C MET A 5 -14.69 8.84 2.28
N ARG A 6 -15.75 8.66 3.07
CA ARG A 6 -16.82 7.69 2.77
C ARG A 6 -18.12 8.18 3.38
N TYR A 7 -19.20 8.13 2.61
CA TYR A 7 -20.50 8.40 3.16
C TYR A 7 -21.32 7.10 3.01
N PHE A 8 -21.73 6.54 4.14
CA PHE A 8 -22.53 5.31 4.21
C PHE A 8 -24.00 5.71 4.48
N GLU A 9 -24.89 5.17 3.65
CA GLU A 9 -26.30 5.57 3.65
C GLU A 9 -27.21 4.34 3.67
N THR A 10 -28.23 4.40 4.54
CA THR A 10 -29.19 3.28 4.67
C THR A 10 -30.65 3.75 4.65
N ALA A 11 -31.49 2.98 3.96
CA ALA A 11 -32.94 3.20 4.01
C ALA A 11 -33.63 1.90 4.37
N VAL A 12 -34.51 1.91 5.36
CA VAL A 12 -35.30 0.71 5.70
C VAL A 12 -36.81 0.97 5.57
N SER A 13 -37.46 0.22 4.66
CA SER A 13 -38.93 0.11 4.58
C SER A 13 -39.49 -0.43 5.87
N ARG A 14 -40.69 0.04 6.19
CA ARG A 14 -41.39 -0.40 7.38
C ARG A 14 -42.84 -0.63 7.02
N PRO A 15 -43.39 -1.83 7.31
CA PRO A 15 -44.81 -2.02 7.00
C PRO A 15 -45.63 -1.15 7.94
N GLY A 16 -46.70 -0.55 7.42
CA GLY A 16 -47.51 0.36 8.20
C GLY A 16 -47.39 1.80 7.77
N LEU A 17 -47.74 2.71 8.66
CA LEU A 17 -47.94 4.10 8.29
C LEU A 17 -46.64 4.84 8.03
N GLU A 18 -45.58 4.41 8.69
CA GLU A 18 -44.32 5.14 8.68
C GLU A 18 -43.55 5.03 7.37
N GLU A 19 -43.02 6.15 6.92
CA GLU A 19 -42.17 6.19 5.72
C GLU A 19 -40.83 5.53 6.07
N PRO A 20 -40.00 5.22 5.04
CA PRO A 20 -38.70 4.56 5.34
C PRO A 20 -37.77 5.37 6.22
N ARG A 21 -37.02 4.68 7.05
CA ARG A 21 -36.03 5.34 7.87
C ARG A 21 -34.80 5.54 7.04
N TYR A 22 -34.26 6.75 7.08
CA TYR A 22 -33.06 7.07 6.34
C TYR A 22 -31.98 7.56 7.29
N ILE A 23 -30.84 6.85 7.28
CA ILE A 23 -29.65 7.23 8.04
C ILE A 23 -28.43 7.36 7.12
N SER A 24 -27.73 8.48 7.25
CA SER A 24 -26.50 8.76 6.49
C SER A 24 -25.40 9.03 7.47
N VAL A 25 -24.30 8.33 7.32
CA VAL A 25 -23.15 8.55 8.17
C VAL A 25 -21.98 8.85 7.28
N GLY A 26 -21.26 9.94 7.59
CA GLY A 26 -20.01 10.31 6.90
C GLY A 26 -18.79 9.88 7.70
N TYR A 27 -17.77 9.39 7.01
CA TYR A 27 -16.51 8.97 7.60
C TYR A 27 -15.31 9.71 6.96
N VAL A 28 -14.36 10.19 7.77
CA VAL A 28 -13.05 10.68 7.27
C VAL A 28 -11.91 9.84 7.84
N ASP A 29 -11.16 9.13 6.99
CA ASP A 29 -10.12 8.21 7.45
C ASP A 29 -10.71 7.19 8.41
N ASN A 30 -11.88 6.68 8.05
CA ASN A 30 -12.67 5.75 8.88
C ASN A 30 -13.09 6.25 10.26
N LYS A 31 -13.19 7.56 10.43
CA LYS A 31 -13.61 8.18 11.68
C LYS A 31 -14.91 8.93 11.37
N GLU A 32 -15.98 8.54 12.04
CA GLU A 32 -17.28 9.17 11.86
C GLU A 32 -17.24 10.67 12.25
N PHE A 33 -17.72 11.53 11.35
CA PHE A 33 -17.69 12.98 11.58
C PHE A 33 -19.03 13.69 11.40
N VAL A 34 -19.94 13.10 10.63
CA VAL A 34 -21.29 13.63 10.49
C VAL A 34 -22.31 12.50 10.53
N ARG A 35 -23.52 12.84 10.94
CA ARG A 35 -24.63 11.88 10.88
C ARG A 35 -25.95 12.59 10.62
N PHE A 36 -26.79 11.91 9.84
CA PHE A 36 -28.18 12.31 9.66
C PHE A 36 -29.04 11.09 9.91
N ASP A 37 -30.18 11.31 10.55
CA ASP A 37 -31.13 10.26 10.92
C ASP A 37 -32.55 10.81 10.81
N SER A 38 -33.37 10.22 9.96
CA SER A 38 -34.73 10.71 9.74
C SER A 38 -35.64 10.51 10.97
N ASP A 39 -35.34 9.50 11.78
CA ASP A 39 -36.08 9.25 13.03
C ASP A 39 -35.80 10.23 14.15
N ALA A 40 -34.75 11.05 14.02
CA ALA A 40 -34.46 12.05 15.03
C ALA A 40 -35.62 13.03 15.20
N GLU A 41 -35.67 13.66 16.37
CA GLU A 41 -36.76 14.57 16.69
C GLU A 41 -36.82 15.69 15.68
N ASN A 42 -35.67 16.29 15.42
CA ASN A 42 -35.51 17.34 14.41
C ASN A 42 -34.42 16.92 13.45
N PRO A 43 -34.80 16.31 12.31
CA PRO A 43 -33.77 15.66 11.48
C PRO A 43 -32.88 16.66 10.75
N ARG A 44 -31.59 16.64 11.09
CA ARG A 44 -30.57 17.37 10.38
C ARG A 44 -29.25 16.67 10.47
N TYR A 45 -28.30 17.04 9.61
CA TYR A 45 -26.94 16.51 9.74
C TYR A 45 -26.40 17.11 11.01
N GLU A 46 -25.61 16.34 11.73
CA GLU A 46 -25.10 16.75 13.00
C GLU A 46 -23.59 16.45 13.03
N PRO A 47 -22.76 17.34 13.62
CA PRO A 47 -21.33 17.02 13.77
C PRO A 47 -21.09 15.88 14.77
N ARG A 48 -20.02 15.10 14.58
CA ARG A 48 -19.71 13.96 15.45
C ARG A 48 -18.36 14.11 16.16
N ALA A 49 -17.32 14.40 15.39
CA ALA A 49 -16.05 14.83 15.96
C ALA A 49 -16.20 16.29 16.41
N PRO A 50 -15.39 16.74 17.41
CA PRO A 50 -15.42 18.17 17.85
C PRO A 50 -14.92 19.16 16.77
N TRP A 51 -14.00 18.71 15.92
CA TRP A 51 -13.47 19.54 14.81
C TRP A 51 -14.44 19.97 13.69
N MET A 52 -15.66 19.44 13.69
CA MET A 52 -16.67 19.88 12.73
C MET A 52 -17.51 21.07 13.20
N GLU A 53 -17.48 21.37 14.49
CA GLU A 53 -18.21 22.53 15.02
C GLU A 53 -17.72 23.84 14.36
N GLN A 54 -16.54 23.80 13.76
CA GLN A 54 -16.04 24.87 12.88
C GLN A 54 -17.06 25.39 11.85
N GLU A 55 -17.67 24.46 11.12
CA GLU A 55 -18.51 24.81 9.96
C GLU A 55 -19.75 25.61 10.38
N GLY A 56 -20.15 26.55 9.51
CA GLY A 56 -21.19 27.52 9.82
C GLY A 56 -22.57 27.06 9.41
N PRO A 57 -23.62 27.68 9.96
CA PRO A 57 -25.02 27.36 9.70
C PRO A 57 -25.35 26.91 8.28
N GLU A 58 -24.85 27.63 7.28
CA GLU A 58 -25.15 27.33 5.88
C GLU A 58 -24.72 25.91 5.52
N TYR A 59 -23.56 25.47 6.01
CA TYR A 59 -23.07 24.11 5.75
C TYR A 59 -24.10 23.06 6.19
N TRP A 60 -24.56 23.21 7.43
CA TRP A 60 -25.52 22.28 8.03
C TRP A 60 -26.85 22.37 7.32
N GLU A 61 -27.31 23.60 7.11
CA GLU A 61 -28.60 23.84 6.50
C GLU A 61 -28.69 23.23 5.10
N ARG A 62 -27.67 23.45 4.27
CA ARG A 62 -27.64 22.89 2.91
C ARG A 62 -27.36 21.39 2.88
N GLU A 63 -26.53 20.89 3.78
CA GLU A 63 -26.34 19.42 3.87
C GLU A 63 -27.61 18.74 4.35
N THR A 64 -28.30 19.36 5.30
CA THR A 64 -29.62 18.91 5.72
C THR A 64 -30.60 18.86 4.55
N GLN A 65 -30.62 19.89 3.70
CA GLN A 65 -31.47 19.90 2.48
C GLN A 65 -31.11 18.81 1.49
N LYS A 66 -29.82 18.51 1.37
CA LYS A 66 -29.34 17.41 0.57
C LYS A 66 -29.90 16.08 1.08
N ALA A 67 -29.81 15.86 2.39
CA ALA A 67 -30.30 14.63 3.03
C ALA A 67 -31.79 14.40 2.73
N LYS A 68 -32.59 15.44 2.91
CA LYS A 68 -34.02 15.36 2.65
C LYS A 68 -34.37 14.95 1.19
N GLY A 69 -33.57 15.40 0.22
CA GLY A 69 -33.69 14.93 -1.15
C GLY A 69 -33.25 13.48 -1.36
N GLN A 70 -32.14 13.12 -0.73
CA GLN A 70 -31.71 11.71 -0.70
C GLN A 70 -32.79 10.80 -0.09
N GLU A 71 -33.39 11.24 1.01
CA GLU A 71 -34.45 10.50 1.69
C GLU A 71 -35.57 10.08 0.74
N GLN A 72 -36.05 11.08 -0.03
CA GLN A 72 -37.06 10.81 -1.05
C GLN A 72 -36.52 9.92 -2.17
N TRP A 73 -35.28 10.14 -2.56
CA TRP A 73 -34.64 9.29 -3.54
C TRP A 73 -34.70 7.81 -3.13
N PHE A 74 -34.40 7.52 -1.87
CA PHE A 74 -34.39 6.13 -1.42
C PHE A 74 -35.82 5.62 -1.27
N ARG A 75 -36.72 6.50 -0.82
CA ARG A 75 -38.11 6.12 -0.75
C ARG A 75 -38.60 5.62 -2.15
N VAL A 76 -38.29 6.38 -3.20
CA VAL A 76 -38.75 6.02 -4.54
C VAL A 76 -38.03 4.81 -5.08
N SER A 77 -36.75 4.68 -4.74
CA SER A 77 -35.92 3.58 -5.25
C SER A 77 -36.35 2.25 -4.65
N LEU A 78 -36.72 2.30 -3.36
CA LEU A 78 -37.25 1.12 -2.64
C LEU A 78 -38.52 0.59 -3.25
N ARG A 79 -39.46 1.50 -3.48
CA ARG A 79 -40.72 1.19 -4.18
C ARG A 79 -40.47 0.53 -5.56
N ASN A 80 -39.62 1.14 -6.39
CA ASN A 80 -39.31 0.61 -7.70
C ASN A 80 -38.72 -0.78 -7.61
N LEU A 81 -37.85 -0.99 -6.63
CA LEU A 81 -37.25 -2.30 -6.42
C LEU A 81 -38.26 -3.38 -6.02
N LEU A 82 -39.28 -3.02 -5.23
CA LEU A 82 -40.38 -3.96 -4.92
C LEU A 82 -40.99 -4.46 -6.19
N GLY A 83 -41.29 -3.52 -7.09
CA GLY A 83 -41.85 -3.82 -8.41
C GLY A 83 -40.99 -4.72 -9.28
N TYR A 84 -39.68 -4.49 -9.27
CA TYR A 84 -38.72 -5.24 -10.11
C TYR A 84 -38.63 -6.70 -9.74
N TYR A 85 -38.44 -6.94 -8.44
CA TYR A 85 -38.40 -8.30 -7.90
C TYR A 85 -39.80 -8.89 -7.62
N ASN A 86 -40.84 -8.26 -8.18
CA ASN A 86 -42.26 -8.53 -7.89
C ASN A 86 -42.58 -8.98 -6.45
N GLN A 87 -42.12 -8.18 -5.51
CA GLN A 87 -42.26 -8.45 -4.09
C GLN A 87 -43.63 -7.99 -3.54
N SER A 88 -44.09 -8.71 -2.53
CA SER A 88 -45.35 -8.41 -1.88
C SER A 88 -45.21 -7.21 -0.96
N ALA A 89 -46.36 -6.61 -0.64
CA ALA A 89 -46.44 -5.50 0.30
C ALA A 89 -46.27 -6.00 1.72
N GLY A 90 -46.19 -5.07 2.66
CA GLY A 90 -46.06 -5.40 4.08
C GLY A 90 -44.80 -6.20 4.35
N GLY A 91 -43.67 -5.74 3.80
CA GLY A 91 -42.35 -6.28 4.08
C GLY A 91 -41.44 -5.17 4.60
N SER A 92 -40.34 -5.56 5.23
CA SER A 92 -39.25 -4.65 5.58
C SER A 92 -37.99 -4.98 4.73
N HIS A 93 -37.60 -4.05 3.85
CA HIS A 93 -36.48 -4.23 2.93
C HIS A 93 -35.50 -3.09 3.06
N THR A 94 -34.20 -3.41 2.93
CA THR A 94 -33.09 -2.48 3.17
C THR A 94 -32.40 -2.11 1.87
N LEU A 95 -32.14 -0.81 1.70
CA LEU A 95 -31.33 -0.30 0.59
C LEU A 95 -30.14 0.43 1.19
N GLN A 96 -28.96 0.18 0.62
CA GLN A 96 -27.69 0.67 1.17
C GLN A 96 -26.79 1.23 0.10
N GLN A 97 -26.10 2.32 0.41
CA GLN A 97 -25.18 2.96 -0.51
C GLN A 97 -23.90 3.25 0.21
N MET A 98 -22.76 2.89 -0.39
CA MET A 98 -21.42 3.33 0.03
C MET A 98 -20.89 4.17 -1.09
N SER A 99 -20.20 5.24 -0.73
CA SER A 99 -19.75 6.23 -1.73
C SER A 99 -18.64 7.09 -1.16
N GLY A 100 -17.65 7.41 -1.99
CA GLY A 100 -16.47 8.17 -1.56
C GLY A 100 -15.25 8.11 -2.45
N CYS A 101 -14.17 8.69 -1.94
CA CYS A 101 -12.90 8.82 -2.65
C CYS A 101 -11.70 8.47 -1.77
N ASP A 102 -10.79 7.65 -2.31
CA ASP A 102 -9.44 7.47 -1.74
C ASP A 102 -8.44 8.54 -2.26
N LEU A 103 -7.44 8.87 -1.46
CA LEU A 103 -6.51 9.96 -1.75
C LEU A 103 -5.05 9.59 -1.47
N GLY A 104 -4.13 9.97 -2.35
CA GLY A 104 -2.69 9.88 -2.06
C GLY A 104 -2.21 11.01 -1.14
N SER A 105 -0.94 10.96 -0.74
CA SER A 105 -0.32 12.11 -0.04
C SER A 105 -0.13 13.29 -1.01
N ASP A 106 0.19 12.99 -2.28
CA ASP A 106 -0.11 13.92 -3.39
C ASP A 106 -1.63 13.95 -3.47
N TRP A 107 -2.23 15.13 -3.47
CA TRP A 107 -3.66 15.23 -3.14
C TRP A 107 -4.58 14.76 -4.27
N ARG A 108 -4.28 13.58 -4.81
CA ARG A 108 -4.73 13.13 -6.13
C ARG A 108 -5.67 11.95 -5.96
N LEU A 109 -6.77 11.94 -6.69
CA LEU A 109 -7.72 10.86 -6.56
C LEU A 109 -7.09 9.49 -6.88
N LEU A 110 -7.17 8.57 -5.92
CA LEU A 110 -6.69 7.20 -6.12
C LEU A 110 -7.78 6.30 -6.64
N ARG A 111 -8.91 6.29 -5.95
CA ARG A 111 -10.08 5.51 -6.36
C ARG A 111 -11.37 6.17 -5.93
N GLY A 112 -12.36 6.11 -6.83
CA GLY A 112 -13.72 6.53 -6.57
C GLY A 112 -14.60 5.32 -6.35
N TYR A 113 -15.58 5.48 -5.45
CA TYR A 113 -16.50 4.42 -5.04
C TYR A 113 -17.91 4.89 -5.07
N LEU A 114 -18.76 4.14 -5.77
CA LEU A 114 -20.20 4.35 -5.70
C LEU A 114 -20.85 3.02 -5.93
N GLN A 115 -21.47 2.47 -4.90
CA GLN A 115 -22.09 1.17 -5.02
C GLN A 115 -23.30 1.06 -4.12
N PHE A 116 -24.15 0.09 -4.44
CA PHE A 116 -25.39 -0.12 -3.75
C PHE A 116 -25.60 -1.58 -3.44
N ALA A 117 -26.49 -1.83 -2.47
CA ALA A 117 -26.89 -3.17 -2.11
C ALA A 117 -28.35 -3.13 -1.74
N TYR A 118 -29.09 -4.17 -2.13
CA TYR A 118 -30.49 -4.33 -1.75
C TYR A 118 -30.57 -5.61 -0.99
N GLU A 119 -31.16 -5.56 0.20
CA GLU A 119 -31.24 -6.75 1.07
C GLU A 119 -29.87 -7.38 1.35
N GLY A 120 -28.84 -6.54 1.53
CA GLY A 120 -27.49 -7.00 1.84
C GLY A 120 -26.78 -7.80 0.77
N ARG A 121 -27.28 -7.74 -0.47
CA ARG A 121 -26.61 -8.34 -1.62
C ARG A 121 -26.24 -7.19 -2.53
N ASP A 122 -25.06 -7.26 -3.16
CA ASP A 122 -24.62 -6.25 -4.16
C ASP A 122 -25.65 -6.10 -5.23
N TYR A 123 -25.99 -4.86 -5.56
CA TYR A 123 -27.02 -4.59 -6.58
C TYR A 123 -26.43 -3.93 -7.82
N ILE A 124 -25.85 -2.75 -7.64
CA ILE A 124 -25.19 -2.06 -8.71
C ILE A 124 -23.98 -1.30 -8.17
N ALA A 125 -22.94 -1.21 -8.98
CA ALA A 125 -21.75 -0.48 -8.60
C ALA A 125 -21.18 0.20 -9.81
N LEU A 126 -20.67 1.42 -9.59
CA LEU A 126 -19.90 2.11 -10.59
C LEU A 126 -18.55 1.44 -10.64
N ASN A 127 -18.05 1.24 -11.85
CA ASN A 127 -16.75 0.62 -12.03
C ASN A 127 -15.69 1.63 -11.72
N GLU A 128 -14.47 1.12 -11.61
CA GLU A 128 -13.28 1.91 -11.25
C GLU A 128 -13.05 3.07 -12.18
N ASP A 129 -13.38 2.90 -13.46
CA ASP A 129 -13.33 3.98 -14.48
C ASP A 129 -14.29 5.16 -14.30
N LEU A 130 -15.31 5.00 -13.48
CA LEU A 130 -16.34 6.04 -13.26
C LEU A 130 -17.18 6.37 -14.52
N LYS A 131 -17.31 5.42 -15.42
CA LYS A 131 -18.03 5.59 -16.68
C LYS A 131 -19.05 4.49 -16.99
N THR A 132 -18.81 3.29 -16.48
CA THR A 132 -19.62 2.12 -16.75
C THR A 132 -20.14 1.48 -15.44
N TRP A 133 -21.09 0.56 -15.58
CA TRP A 133 -21.74 -0.09 -14.44
C TRP A 133 -21.64 -1.61 -14.46
N THR A 134 -21.69 -2.19 -13.26
CA THR A 134 -21.81 -3.63 -13.05
C THR A 134 -23.12 -3.88 -12.35
N ALA A 135 -23.96 -4.70 -12.96
CA ALA A 135 -25.27 -5.04 -12.43
C ALA A 135 -25.21 -6.48 -11.94
N ALA A 136 -25.54 -6.69 -10.67
CA ALA A 136 -25.53 -8.02 -10.09
C ALA A 136 -26.57 -8.98 -10.70
N ASP A 137 -27.83 -8.57 -10.80
CA ASP A 137 -28.92 -9.46 -11.32
C ASP A 137 -29.76 -8.80 -12.44
N MET A 138 -30.93 -9.36 -12.76
CA MET A 138 -31.75 -8.81 -13.83
C MET A 138 -32.41 -7.49 -13.44
N ALA A 139 -32.85 -7.38 -12.19
CA ALA A 139 -33.47 -6.13 -11.71
C ALA A 139 -32.48 -4.96 -11.77
N ALA A 140 -31.24 -5.25 -11.41
CA ALA A 140 -30.16 -4.28 -11.51
C ALA A 140 -29.86 -3.84 -12.93
N GLN A 141 -30.04 -4.75 -13.88
CA GLN A 141 -29.84 -4.45 -15.30
C GLN A 141 -30.87 -3.47 -15.83
N ILE A 142 -32.06 -3.48 -15.28
CA ILE A 142 -33.06 -2.44 -15.59
C ILE A 142 -32.54 -1.08 -15.16
N THR A 143 -32.01 -1.01 -13.94
CA THR A 143 -31.48 0.24 -13.39
C THR A 143 -30.34 0.73 -14.28
N ARG A 144 -29.41 -0.17 -14.58
CA ARG A 144 -28.24 0.13 -15.41
C ARG A 144 -28.64 0.80 -16.72
N ARG A 145 -29.67 0.29 -17.38
CA ARG A 145 -30.12 0.86 -18.65
C ARG A 145 -30.67 2.27 -18.43
N LYS A 146 -31.53 2.40 -17.43
CA LYS A 146 -32.12 3.69 -17.05
C LYS A 146 -31.07 4.75 -16.79
N TRP A 147 -29.99 4.35 -16.11
CA TRP A 147 -28.88 5.24 -15.75
C TRP A 147 -27.92 5.54 -16.91
N GLU A 148 -27.76 4.59 -17.82
CA GLU A 148 -27.09 4.84 -19.10
C GLU A 148 -27.82 5.88 -19.97
N GLN A 149 -29.14 5.78 -20.04
CA GLN A 149 -29.94 6.72 -20.84
C GLN A 149 -29.95 8.12 -20.21
N SER A 150 -29.90 8.21 -18.89
CA SER A 150 -29.93 9.53 -18.22
C SER A 150 -28.54 10.13 -18.06
N GLY A 151 -27.51 9.32 -18.25
CA GLY A 151 -26.15 9.79 -18.17
C GLY A 151 -25.70 10.00 -16.73
N ALA A 152 -26.14 9.12 -15.82
CA ALA A 152 -25.84 9.25 -14.41
C ALA A 152 -24.35 9.30 -14.11
N ALA A 153 -23.56 8.36 -14.67
CA ALA A 153 -22.13 8.20 -14.30
C ALA A 153 -21.30 9.49 -14.46
N GLU A 154 -21.58 10.28 -15.51
CA GLU A 154 -20.96 11.61 -15.69
C GLU A 154 -21.06 12.47 -14.43
N HIS A 155 -22.20 12.39 -13.74
CA HIS A 155 -22.53 13.24 -12.60
C HIS A 155 -21.93 12.74 -11.29
N TYR A 156 -21.96 11.42 -11.10
CA TYR A 156 -21.29 10.81 -9.96
C TYR A 156 -19.78 11.06 -10.03
N LYS A 157 -19.20 10.75 -11.19
CA LYS A 157 -17.82 11.12 -11.56
C LYS A 157 -17.44 12.57 -11.19
N ALA A 158 -18.28 13.51 -11.61
CA ALA A 158 -18.02 14.91 -11.30
C ALA A 158 -17.97 15.18 -9.77
N TYR A 159 -18.81 14.50 -9.00
CA TYR A 159 -18.78 14.61 -7.53
C TYR A 159 -17.50 13.98 -6.96
N LEU A 160 -17.17 12.78 -7.45
CA LEU A 160 -16.09 11.99 -6.88
C LEU A 160 -14.73 12.62 -7.09
N GLU A 161 -14.46 12.95 -8.35
CA GLU A 161 -13.16 13.50 -8.77
C GLU A 161 -13.04 14.92 -8.27
N GLY A 162 -14.14 15.66 -8.31
CA GLY A 162 -14.15 17.03 -7.86
C GLY A 162 -14.47 17.12 -6.40
N GLU A 163 -15.76 17.22 -6.09
CA GLU A 163 -16.23 17.67 -4.79
C GLU A 163 -15.80 16.79 -3.62
N CYS A 164 -15.83 15.47 -3.80
CA CYS A 164 -15.36 14.55 -2.76
C CYS A 164 -13.93 14.92 -2.34
N VAL A 165 -13.04 14.94 -3.33
CA VAL A 165 -11.63 15.32 -3.16
C VAL A 165 -11.45 16.75 -2.64
N GLU A 166 -12.06 17.75 -3.27
CA GLU A 166 -11.99 19.11 -2.71
C GLU A 166 -12.30 19.10 -1.20
N TRP A 167 -13.36 18.40 -0.79
CA TRP A 167 -13.87 18.48 0.57
C TRP A 167 -13.04 17.64 1.53
N LEU A 168 -12.59 16.47 1.10
CA LEU A 168 -11.66 15.69 1.91
C LEU A 168 -10.41 16.50 2.29
N HIS A 169 -9.83 17.25 1.34
CA HIS A 169 -8.76 18.22 1.65
C HIS A 169 -9.19 19.08 2.83
N ARG A 170 -10.29 19.80 2.68
CA ARG A 170 -10.72 20.79 3.68
C ARG A 170 -10.84 20.21 5.08
N TYR A 171 -11.39 19.01 5.16
CA TYR A 171 -11.63 18.35 6.45
C TYR A 171 -10.34 17.95 7.16
N LEU A 172 -9.35 17.47 6.41
CA LEU A 172 -8.07 17.07 6.97
C LEU A 172 -7.31 18.26 7.52
N LYS A 173 -7.42 19.43 6.86
CA LYS A 173 -6.83 20.65 7.37
C LYS A 173 -7.51 21.12 8.66
N ASN A 174 -8.84 20.98 8.71
CA ASN A 174 -9.63 21.45 9.87
C ASN A 174 -9.47 20.63 11.16
N GLY A 175 -9.31 19.31 10.99
CA GLY A 175 -9.12 18.39 12.12
C GLY A 175 -7.79 17.63 12.02
N ASN A 176 -6.69 18.38 11.99
CA ASN A 176 -5.31 17.85 11.93
C ASN A 176 -4.86 17.28 13.29
N ALA A 177 -5.12 18.06 14.35
CA ALA A 177 -4.77 17.66 15.71
C ALA A 177 -5.51 16.40 16.18
N THR A 178 -6.75 16.23 15.74
CA THR A 178 -7.65 15.17 16.26
C THR A 178 -7.44 13.79 15.62
N LEU A 179 -7.20 13.74 14.31
CA LEU A 179 -6.87 12.47 13.64
C LEU A 179 -5.45 11.96 13.98
N LEU A 180 -4.54 12.89 14.34
CA LEU A 180 -3.20 12.57 14.87
C LEU A 180 -3.22 11.64 16.09
N ARG A 181 -4.14 11.89 17.02
CA ARG A 181 -4.29 11.10 18.26
C ARG A 181 -4.06 9.63 18.02
N THR A 182 -3.29 9.03 18.92
CA THR A 182 -3.22 7.57 19.08
C THR A 182 -3.14 7.28 20.57
N ASP A 183 -3.33 6.02 20.92
CA ASP A 183 -3.23 5.56 22.31
C ASP A 183 -2.47 4.24 22.35
N SER A 184 -1.45 4.19 23.19
CA SER A 184 -0.62 3.00 23.26
C SER A 184 -1.42 1.87 23.92
N PRO A 185 -1.24 0.64 23.43
CA PRO A 185 -1.71 -0.50 24.18
C PRO A 185 -0.94 -0.70 25.48
N LYS A 186 -1.68 -0.85 26.58
CA LYS A 186 -1.14 -1.50 27.75
C LYS A 186 -1.54 -2.94 27.60
N ALA A 187 -0.57 -3.82 27.77
CA ALA A 187 -0.76 -5.26 27.59
C ALA A 187 -0.28 -6.00 28.82
N HIS A 188 -0.88 -7.15 29.08
CA HIS A 188 -0.41 -8.06 30.12
C HIS A 188 -0.79 -9.48 29.75
N VAL A 189 -0.26 -10.43 30.48
CA VAL A 189 -0.53 -11.82 30.22
C VAL A 189 -1.24 -12.38 31.44
N THR A 190 -2.20 -13.27 31.20
CA THR A 190 -2.93 -13.97 32.24
C THR A 190 -2.75 -15.48 32.08
N HIS A 191 -2.95 -16.19 33.19
CA HIS A 191 -2.65 -17.62 33.29
C HIS A 191 -3.90 -18.30 33.80
N HIS A 192 -4.38 -19.32 33.07
CA HIS A 192 -5.67 -19.93 33.37
C HIS A 192 -5.59 -21.44 33.41
N PRO A 193 -5.14 -22.00 34.55
CA PRO A 193 -5.04 -23.45 34.70
C PRO A 193 -6.37 -23.96 34.12
N ARG A 194 -6.27 -24.66 33.00
CA ARG A 194 -7.48 -24.92 32.21
C ARG A 194 -7.91 -26.40 32.25
N SER A 195 -7.04 -27.29 31.77
CA SER A 195 -7.33 -28.73 31.72
C SER A 195 -6.41 -29.50 32.68
N LYS A 196 -6.30 -30.81 32.48
CA LYS A 196 -5.32 -31.63 33.19
C LYS A 196 -4.05 -31.75 32.32
N GLY A 197 -2.94 -31.21 32.83
CA GLY A 197 -1.64 -31.21 32.13
C GLY A 197 -1.28 -29.87 31.50
N GLU A 198 -2.29 -29.23 30.90
CA GLU A 198 -2.13 -28.01 30.11
C GLU A 198 -2.66 -26.77 30.82
N VAL A 199 -2.30 -25.60 30.30
CA VAL A 199 -2.87 -24.31 30.74
C VAL A 199 -3.27 -23.46 29.53
N THR A 200 -3.91 -22.34 29.82
CA THR A 200 -4.17 -21.31 28.82
C THR A 200 -3.39 -20.06 29.22
N LEU A 201 -2.55 -19.57 28.29
CA LEU A 201 -1.90 -18.26 28.39
C LEU A 201 -2.63 -17.34 27.45
N ARG A 202 -2.82 -16.09 27.88
CA ARG A 202 -3.68 -15.15 27.17
C ARG A 202 -3.08 -13.77 27.27
N CYS A 203 -2.85 -13.14 26.11
CA CYS A 203 -2.20 -11.85 26.03
C CYS A 203 -3.24 -10.80 25.74
N TRP A 204 -3.44 -9.89 26.69
CA TRP A 204 -4.44 -8.83 26.56
C TRP A 204 -3.75 -7.60 26.03
N ALA A 205 -4.49 -6.76 25.34
CA ALA A 205 -4.04 -5.43 24.94
C ALA A 205 -5.22 -4.49 25.09
N LEU A 206 -5.04 -3.41 25.84
CA LEU A 206 -6.14 -2.54 26.26
C LEU A 206 -5.80 -1.06 26.11
N GLY A 207 -6.83 -0.25 26.06
CA GLY A 207 -6.69 1.19 26.12
C GLY A 207 -6.17 1.84 24.85
N PHE A 208 -6.24 1.12 23.73
CA PHE A 208 -5.55 1.52 22.51
C PHE A 208 -6.44 2.09 21.41
N TYR A 209 -5.85 2.95 20.57
CA TYR A 209 -6.53 3.59 19.42
C TYR A 209 -5.48 4.03 18.39
N PRO A 210 -5.74 3.90 17.08
CA PRO A 210 -6.97 3.33 16.53
C PRO A 210 -7.03 1.82 16.63
N ALA A 211 -8.02 1.21 16.00
CA ALA A 211 -8.37 -0.19 16.22
C ALA A 211 -7.39 -1.23 15.67
N ASP A 212 -6.58 -0.83 14.69
CA ASP A 212 -5.76 -1.80 13.96
C ASP A 212 -4.61 -2.24 14.86
N ILE A 213 -4.31 -3.55 14.87
CA ILE A 213 -3.35 -4.11 15.84
C ILE A 213 -2.98 -5.53 15.46
N THR A 214 -1.80 -5.97 15.88
CA THR A 214 -1.41 -7.37 15.68
C THR A 214 -0.83 -7.95 16.94
N LEU A 215 -1.31 -9.14 17.29
CA LEU A 215 -0.81 -9.86 18.46
C LEU A 215 -0.30 -11.22 17.99
N THR A 216 0.89 -11.61 18.45
CA THR A 216 1.48 -12.87 18.05
C THR A 216 2.09 -13.58 19.23
N TRP A 217 1.83 -14.88 19.30
CA TRP A 217 2.49 -15.78 20.24
C TRP A 217 3.59 -16.50 19.48
N GLN A 218 4.73 -16.70 20.15
CA GLN A 218 5.86 -17.42 19.57
C GLN A 218 6.58 -18.32 20.58
N LEU A 219 6.92 -19.53 20.13
CA LEU A 219 7.64 -20.52 20.91
C LEU A 219 9.04 -20.77 20.32
N ASN A 220 10.04 -20.12 20.92
CA ASN A 220 11.45 -20.35 20.62
C ASN A 220 11.75 -20.08 19.14
N GLY A 221 11.48 -18.84 18.73
CA GLY A 221 11.72 -18.36 17.36
C GLY A 221 10.47 -18.37 16.48
N GLU A 222 9.79 -19.52 16.43
CA GLU A 222 8.66 -19.73 15.50
C GLU A 222 7.37 -19.04 15.97
N GLU A 223 6.44 -18.84 15.03
CA GLU A 223 5.15 -18.18 15.27
C GLU A 223 4.05 -19.26 15.35
N LEU A 224 3.12 -19.14 16.30
CA LEU A 224 2.08 -20.18 16.50
C LEU A 224 0.69 -19.75 16.02
N THR A 225 0.49 -19.66 14.71
CA THR A 225 -0.80 -19.19 14.16
C THR A 225 -1.85 -20.31 14.07
N GLN A 226 -1.44 -21.54 13.79
CA GLN A 226 -2.40 -22.67 13.67
C GLN A 226 -2.86 -23.30 14.99
N ASP A 227 -2.29 -22.86 16.12
CA ASP A 227 -2.70 -23.33 17.45
C ASP A 227 -3.13 -22.17 18.39
N MET A 228 -3.30 -20.97 17.85
CA MET A 228 -3.64 -19.77 18.62
C MET A 228 -5.15 -19.49 18.49
N GLU A 229 -5.75 -18.96 19.55
CA GLU A 229 -7.11 -18.40 19.48
C GLU A 229 -7.02 -16.88 19.55
N LEU A 230 -7.74 -16.23 18.64
CA LEU A 230 -7.71 -14.79 18.43
C LEU A 230 -9.15 -14.27 18.41
N VAL A 231 -9.44 -13.19 19.13
CA VAL A 231 -10.79 -12.57 19.13
C VAL A 231 -10.85 -11.28 18.33
N GLU A 232 -11.98 -11.04 17.69
CA GLU A 232 -12.16 -9.85 16.88
C GLU A 232 -12.01 -8.62 17.77
N THR A 233 -11.39 -7.59 17.23
CA THR A 233 -11.06 -6.42 18.03
C THR A 233 -12.34 -5.73 18.33
N ARG A 234 -12.47 -5.23 19.57
CA ARG A 234 -13.75 -4.78 20.14
C ARG A 234 -13.62 -3.46 20.89
N PRO A 235 -14.63 -2.59 20.81
CA PRO A 235 -14.54 -1.30 21.48
C PRO A 235 -14.83 -1.38 22.97
N ALA A 236 -14.02 -0.68 23.77
CA ALA A 236 -14.30 -0.48 25.19
C ALA A 236 -15.52 0.42 25.47
N GLY A 237 -15.86 1.30 24.53
CA GLY A 237 -16.93 2.27 24.71
C GLY A 237 -16.47 3.65 25.14
N ASP A 238 -15.24 3.78 25.62
CA ASP A 238 -14.62 5.10 25.95
C ASP A 238 -13.91 5.77 24.73
N GLY A 239 -13.77 5.06 23.61
CA GLY A 239 -12.99 5.52 22.47
C GLY A 239 -11.89 4.54 22.12
N THR A 240 -11.35 3.86 23.12
CA THR A 240 -10.28 2.90 22.92
C THR A 240 -10.81 1.53 22.46
N PHE A 241 -9.92 0.55 22.37
CA PHE A 241 -10.24 -0.77 21.87
C PHE A 241 -9.56 -1.84 22.70
N GLN A 242 -9.95 -3.08 22.47
CA GLN A 242 -9.47 -4.21 23.22
C GLN A 242 -9.35 -5.38 22.31
N LYS A 243 -8.33 -6.19 22.54
CA LYS A 243 -8.16 -7.43 21.82
C LYS A 243 -7.29 -8.31 22.71
N TRP A 244 -7.44 -9.62 22.55
CA TRP A 244 -6.56 -10.57 23.17
C TRP A 244 -6.35 -11.78 22.29
N ALA A 245 -5.16 -12.38 22.43
CA ALA A 245 -4.82 -13.61 21.73
C ALA A 245 -4.41 -14.62 22.79
N SER A 246 -4.55 -15.91 22.48
CA SER A 246 -4.31 -16.94 23.49
C SER A 246 -3.86 -18.29 22.94
N VAL A 247 -3.09 -19.00 23.77
CA VAL A 247 -2.45 -20.27 23.39
C VAL A 247 -2.60 -21.31 24.50
N VAL A 248 -2.59 -22.57 24.09
CA VAL A 248 -2.72 -23.72 24.99
C VAL A 248 -1.35 -24.43 25.13
N VAL A 249 -0.72 -24.24 26.29
CA VAL A 249 0.66 -24.70 26.54
C VAL A 249 0.69 -25.72 27.70
N PRO A 250 1.80 -26.48 27.86
CA PRO A 250 1.93 -27.37 29.02
C PRO A 250 2.42 -26.65 30.26
N LEU A 251 1.93 -27.06 31.43
CA LEU A 251 2.32 -26.49 32.73
C LEU A 251 3.81 -26.70 32.98
N GLY A 252 4.45 -25.72 33.62
CA GLY A 252 5.90 -25.73 33.84
C GLY A 252 6.69 -24.94 32.79
N LYS A 253 6.26 -25.02 31.53
CA LYS A 253 6.97 -24.44 30.39
C LYS A 253 6.40 -23.10 29.89
N GLU A 254 5.81 -22.31 30.81
CA GLU A 254 5.17 -21.02 30.46
C GLU A 254 6.17 -19.92 30.08
N GLN A 255 7.38 -20.01 30.63
CA GLN A 255 8.43 -19.03 30.36
C GLN A 255 8.96 -19.10 28.93
N ASN A 256 8.84 -20.27 28.30
CA ASN A 256 9.17 -20.46 26.87
C ASN A 256 8.45 -19.49 25.93
N TYR A 257 7.18 -19.22 26.22
CA TYR A 257 6.29 -18.54 25.28
C TYR A 257 6.28 -17.03 25.50
N THR A 258 6.34 -16.30 24.38
CA THR A 258 6.40 -14.84 24.36
C THR A 258 5.30 -14.30 23.44
N CYS A 259 4.57 -13.31 23.94
CA CYS A 259 3.55 -12.63 23.17
C CYS A 259 4.17 -11.34 22.62
N ARG A 260 3.67 -10.87 21.47
CA ARG A 260 4.14 -9.61 20.89
C ARG A 260 2.98 -8.76 20.35
N VAL A 261 3.13 -7.45 20.50
CA VAL A 261 2.04 -6.47 20.26
C VAL A 261 2.55 -5.32 19.38
N TYR A 262 1.98 -5.19 18.18
CA TYR A 262 2.38 -4.17 17.21
C TYR A 262 1.29 -3.11 17.05
N HIS A 263 1.65 -1.84 17.16
CA HIS A 263 0.69 -0.75 17.02
C HIS A 263 1.39 0.56 16.59
N GLU A 264 0.77 1.27 15.64
CA GLU A 264 1.10 2.67 15.27
C GLU A 264 1.60 3.67 16.33
N GLY A 265 0.80 3.93 17.38
CA GLY A 265 1.18 4.76 18.54
C GLY A 265 2.28 4.26 19.46
N LEU A 266 2.66 2.98 19.33
CA LEU A 266 3.76 2.39 20.09
C LEU A 266 5.11 2.87 19.49
N PRO A 267 6.03 3.41 20.32
CA PRO A 267 7.36 3.73 19.79
C PRO A 267 8.22 2.49 19.51
N GLU A 268 7.94 1.37 20.19
CA GLU A 268 8.51 0.08 19.83
C GLU A 268 7.58 -1.05 20.29
N PRO A 269 7.45 -2.13 19.50
CA PRO A 269 6.59 -3.26 19.88
C PRO A 269 6.91 -3.94 21.22
N LEU A 270 5.89 -4.03 22.08
CA LEU A 270 6.00 -4.67 23.39
C LEU A 270 6.13 -6.18 23.23
N THR A 271 7.01 -6.77 24.04
CA THR A 271 7.18 -8.23 24.14
C THR A 271 6.82 -8.58 25.59
N LEU A 272 6.22 -9.73 25.79
CA LEU A 272 5.60 -10.07 27.08
C LEU A 272 5.78 -11.51 27.45
N ARG A 273 5.82 -11.77 28.75
CA ARG A 273 6.04 -13.11 29.32
C ARG A 273 5.23 -13.25 30.61
N TRP A 274 4.90 -14.49 30.98
CA TRP A 274 4.11 -14.77 32.20
C TRP A 274 4.94 -14.50 33.49
N GLU A 275 4.33 -13.80 34.47
CA GLU A 275 4.93 -13.55 35.80
C GLU A 275 4.07 -14.14 36.94
N PRO A 276 4.68 -14.47 38.11
CA PRO A 276 3.92 -15.16 39.16
C PRO A 276 3.13 -14.22 40.08
N GLN B 2 -28.33 -12.53 4.25
CA GLN B 2 -28.81 -12.62 5.67
C GLN B 2 -27.77 -13.25 6.62
N LYS B 3 -26.98 -12.39 7.28
CA LYS B 3 -25.83 -12.83 8.08
C LYS B 3 -26.14 -13.03 9.55
N THR B 4 -25.60 -14.09 10.14
CA THR B 4 -25.86 -14.46 11.53
C THR B 4 -24.94 -13.71 12.51
N PRO B 5 -25.52 -13.00 13.50
CA PRO B 5 -24.73 -12.11 14.38
C PRO B 5 -23.61 -12.77 15.18
N GLN B 6 -22.46 -12.09 15.28
CA GLN B 6 -21.38 -12.46 16.18
C GLN B 6 -21.48 -11.57 17.40
N ILE B 7 -21.25 -12.17 18.57
CA ILE B 7 -21.52 -11.54 19.84
C ILE B 7 -20.26 -11.61 20.67
N GLN B 8 -19.99 -10.55 21.43
CA GLN B 8 -18.95 -10.60 22.45
C GLN B 8 -19.46 -9.92 23.72
N VAL B 9 -19.17 -10.51 24.87
CA VAL B 9 -19.61 -9.93 26.11
C VAL B 9 -18.40 -9.74 26.96
N TYR B 10 -18.14 -8.48 27.33
CA TYR B 10 -16.90 -8.11 28.00
C TYR B 10 -17.07 -6.81 28.74
N SER B 11 -16.17 -6.50 29.66
CA SER B 11 -16.26 -5.27 30.44
C SER B 11 -15.30 -4.22 29.90
N ARG B 12 -15.63 -2.96 30.11
CA ARG B 12 -14.81 -1.84 29.67
C ARG B 12 -13.47 -1.79 30.41
N HIS B 13 -13.55 -1.87 31.75
CA HIS B 13 -12.37 -1.81 32.62
C HIS B 13 -12.07 -3.20 33.16
N PRO B 14 -10.79 -3.47 33.53
CA PRO B 14 -10.50 -4.81 34.07
C PRO B 14 -11.27 -5.12 35.36
N PRO B 15 -11.94 -6.28 35.42
CA PRO B 15 -13.02 -6.56 36.37
C PRO B 15 -12.58 -6.91 37.78
N GLU B 16 -12.98 -6.06 38.73
CA GLU B 16 -12.57 -6.20 40.13
C GLU B 16 -13.83 -6.24 40.96
N ASN B 17 -14.30 -7.45 41.25
CA ASN B 17 -15.66 -7.62 41.82
C ASN B 17 -15.83 -6.84 43.12
N GLY B 18 -16.99 -6.17 43.21
CA GLY B 18 -17.21 -5.10 44.17
C GLY B 18 -17.09 -3.70 43.58
N LYS B 19 -16.34 -3.50 42.49
CA LYS B 19 -16.07 -2.14 41.97
C LYS B 19 -16.87 -1.82 40.70
N PRO B 20 -17.44 -0.60 40.58
CA PRO B 20 -18.19 -0.14 39.41
C PRO B 20 -17.47 -0.30 38.06
N ASN B 21 -18.27 -0.43 37.02
CA ASN B 21 -17.78 -0.87 35.72
C ASN B 21 -18.86 -0.67 34.67
N ILE B 22 -18.60 -1.18 33.47
CA ILE B 22 -19.53 -1.15 32.36
C ILE B 22 -19.43 -2.50 31.66
N LEU B 23 -20.56 -3.14 31.46
CA LEU B 23 -20.58 -4.38 30.75
C LEU B 23 -20.99 -4.08 29.30
N ASN B 24 -20.32 -4.71 28.34
CA ASN B 24 -20.62 -4.52 26.94
C ASN B 24 -21.07 -5.83 26.31
N CYS B 25 -22.10 -5.70 25.47
CA CYS B 25 -22.44 -6.66 24.46
C CYS B 25 -22.12 -6.00 23.11
N TYR B 26 -21.34 -6.71 22.30
CA TYR B 26 -20.90 -6.25 20.98
C TYR B 26 -21.39 -7.22 19.87
N VAL B 27 -22.31 -6.75 19.04
CA VAL B 27 -23.02 -7.59 18.07
C VAL B 27 -22.68 -7.05 16.70
N THR B 28 -22.12 -7.91 15.85
CA THR B 28 -21.57 -7.49 14.52
C THR B 28 -21.99 -8.50 13.47
N GLN B 29 -21.53 -8.28 12.24
CA GLN B 29 -21.78 -9.14 11.07
C GLN B 29 -23.23 -9.61 10.93
N PHE B 30 -24.18 -8.69 11.09
CA PHE B 30 -25.61 -9.02 10.89
C PHE B 30 -26.38 -8.16 9.88
N HIS B 31 -27.33 -8.83 9.24
CA HIS B 31 -28.17 -8.25 8.25
C HIS B 31 -29.42 -9.15 8.20
N PRO B 32 -30.64 -8.60 8.21
CA PRO B 32 -30.98 -7.16 8.15
C PRO B 32 -30.61 -6.34 9.39
N PRO B 33 -30.83 -5.01 9.36
CA PRO B 33 -30.49 -4.20 10.54
C PRO B 33 -31.34 -4.43 11.80
N HIS B 34 -32.56 -4.97 11.66
CA HIS B 34 -33.47 -5.14 12.81
C HIS B 34 -32.98 -6.28 13.70
N ILE B 35 -32.72 -5.96 14.98
CA ILE B 35 -32.18 -6.91 15.96
C ILE B 35 -32.72 -6.58 17.34
N GLU B 36 -32.77 -7.56 18.23
CA GLU B 36 -33.24 -7.32 19.61
C GLU B 36 -32.14 -7.78 20.53
N ILE B 37 -31.66 -6.88 21.40
CA ILE B 37 -30.55 -7.17 22.34
C ILE B 37 -31.06 -6.94 23.75
N GLN B 38 -30.86 -7.95 24.60
CA GLN B 38 -31.19 -7.86 26.02
C GLN B 38 -29.92 -8.13 26.81
N MET B 39 -29.68 -7.32 27.83
CA MET B 39 -28.61 -7.57 28.79
C MET B 39 -29.26 -8.06 30.08
N LEU B 40 -28.81 -9.22 30.57
CA LEU B 40 -29.39 -9.89 31.72
C LEU B 40 -28.45 -9.83 32.94
N LYS B 41 -29.03 -9.68 34.13
CA LYS B 41 -28.35 -9.87 35.44
C LYS B 41 -29.02 -11.03 36.19
N ASN B 42 -28.30 -12.14 36.34
CA ASN B 42 -28.89 -13.38 36.87
C ASN B 42 -30.15 -13.81 36.18
N GLY B 43 -30.08 -14.15 34.91
CA GLY B 43 -31.31 -14.44 34.14
C GLY B 43 -32.28 -13.27 33.89
N LYS B 44 -32.23 -12.20 34.70
CA LYS B 44 -33.20 -11.09 34.65
C LYS B 44 -32.76 -9.87 33.82
N LYS B 45 -33.59 -9.46 32.86
CA LYS B 45 -33.38 -8.23 32.06
C LYS B 45 -32.90 -7.00 32.82
N ILE B 46 -31.75 -6.44 32.42
CA ILE B 46 -31.21 -5.27 33.07
C ILE B 46 -32.00 -4.08 32.49
N PRO B 47 -32.52 -3.20 33.38
CA PRO B 47 -33.47 -2.19 32.92
C PRO B 47 -33.01 -1.16 31.86
N LYS B 48 -32.05 -0.31 32.22
CA LYS B 48 -31.59 0.77 31.34
C LYS B 48 -30.27 0.39 30.68
N VAL B 49 -30.36 0.08 29.39
CA VAL B 49 -29.23 -0.32 28.57
C VAL B 49 -29.06 0.73 27.46
N GLU B 50 -28.03 1.55 27.60
CA GLU B 50 -27.56 2.42 26.51
C GLU B 50 -27.16 1.64 25.21
N MET B 51 -27.50 2.19 24.04
CA MET B 51 -27.13 1.61 22.74
C MET B 51 -26.44 2.61 21.81
N SER B 52 -25.50 2.12 21.01
CA SER B 52 -24.84 2.94 20.00
C SER B 52 -25.77 3.15 18.83
N ASP B 53 -25.38 3.98 17.89
CA ASP B 53 -26.26 4.31 16.78
C ASP B 53 -25.96 3.26 15.76
N MET B 54 -26.85 3.09 14.80
CA MET B 54 -26.71 2.02 13.82
C MET B 54 -25.53 2.37 12.89
N SER B 55 -24.82 1.33 12.44
CA SER B 55 -23.70 1.50 11.55
C SER B 55 -23.48 0.20 10.80
N PHE B 56 -22.98 0.26 9.56
CA PHE B 56 -22.55 -0.96 8.88
C PHE B 56 -21.09 -0.98 8.43
N SER B 57 -20.65 -2.20 8.11
CA SER B 57 -19.29 -2.50 7.70
C SER B 57 -19.16 -2.44 6.18
N LYS B 58 -17.93 -2.56 5.71
CA LYS B 58 -17.67 -2.52 4.27
C LYS B 58 -18.34 -3.66 3.52
N ASP B 59 -18.58 -4.78 4.21
CA ASP B 59 -19.30 -5.93 3.66
C ASP B 59 -20.84 -5.79 3.65
N TRP B 60 -21.36 -4.62 4.07
CA TRP B 60 -22.80 -4.27 4.10
C TRP B 60 -23.50 -4.62 5.42
N SER B 61 -22.93 -5.53 6.21
CA SER B 61 -23.55 -5.95 7.48
C SER B 61 -23.48 -4.87 8.55
N PHE B 62 -24.44 -4.91 9.47
CA PHE B 62 -24.49 -3.90 10.54
C PHE B 62 -23.78 -4.39 11.80
N TYR B 63 -23.44 -3.43 12.67
CA TYR B 63 -22.92 -3.71 14.01
C TYR B 63 -23.47 -2.70 14.99
N ILE B 64 -23.30 -3.00 16.28
CA ILE B 64 -23.87 -2.18 17.33
C ILE B 64 -23.29 -2.54 18.71
N LEU B 65 -23.10 -1.53 19.56
CA LEU B 65 -22.64 -1.74 20.93
C LEU B 65 -23.77 -1.45 21.93
N ALA B 66 -24.15 -2.46 22.71
CA ALA B 66 -25.00 -2.26 23.89
C ALA B 66 -24.14 -2.18 25.13
N HIS B 67 -24.50 -1.34 26.09
CA HIS B 67 -23.82 -1.40 27.39
C HIS B 67 -24.67 -0.91 28.56
N THR B 68 -24.36 -1.41 29.75
CA THR B 68 -24.95 -0.91 31.00
C THR B 68 -23.93 -0.91 32.15
N GLU B 69 -24.18 -0.10 33.16
CA GLU B 69 -23.37 -0.05 34.38
C GLU B 69 -23.54 -1.38 35.09
N PHE B 70 -22.44 -1.91 35.61
CA PHE B 70 -22.50 -3.13 36.41
C PHE B 70 -21.38 -3.25 37.41
N THR B 71 -21.70 -3.84 38.57
CA THR B 71 -20.72 -4.13 39.60
C THR B 71 -20.60 -5.65 39.77
N PRO B 72 -19.54 -6.27 39.22
CA PRO B 72 -19.39 -7.72 39.31
C PRO B 72 -19.17 -8.21 40.72
N THR B 73 -19.59 -9.45 40.97
CA THR B 73 -19.48 -10.03 42.30
C THR B 73 -18.88 -11.42 42.15
N GLU B 74 -18.57 -12.03 43.28
CA GLU B 74 -17.92 -13.33 43.29
C GLU B 74 -18.75 -14.43 42.60
N THR B 75 -20.06 -14.20 42.40
CA THR B 75 -21.00 -15.22 41.85
C THR B 75 -22.08 -14.80 40.80
N ASP B 76 -22.47 -13.52 40.74
CA ASP B 76 -23.56 -13.11 39.83
C ASP B 76 -23.18 -13.41 38.40
N THR B 77 -24.12 -13.96 37.64
CA THR B 77 -23.93 -14.19 36.23
C THR B 77 -24.52 -13.02 35.49
N TYR B 78 -23.80 -12.56 34.47
CA TYR B 78 -24.31 -11.59 33.52
C TYR B 78 -24.31 -12.23 32.18
N ALA B 79 -25.15 -11.72 31.29
CA ALA B 79 -25.25 -12.29 29.94
C ALA B 79 -25.93 -11.35 28.96
N CYS B 80 -25.74 -11.64 27.68
CA CYS B 80 -26.34 -10.92 26.62
C CYS B 80 -27.14 -11.91 25.84
N ARG B 81 -28.36 -11.52 25.50
CA ARG B 81 -29.34 -12.33 24.80
C ARG B 81 -29.72 -11.55 23.53
N VAL B 82 -29.70 -12.22 22.38
CA VAL B 82 -29.84 -11.58 21.07
C VAL B 82 -30.87 -12.33 20.23
N LYS B 83 -31.80 -11.61 19.61
CA LYS B 83 -32.80 -12.21 18.69
C LYS B 83 -32.67 -11.50 17.36
N HIS B 84 -32.76 -12.28 16.29
CA HIS B 84 -32.47 -11.81 14.96
C HIS B 84 -33.01 -12.76 13.92
N ASP B 85 -33.49 -12.21 12.81
CA ASP B 85 -34.14 -13.00 11.77
C ASP B 85 -33.30 -14.20 11.34
N SER B 86 -31.99 -14.04 11.26
CA SER B 86 -31.11 -15.10 10.78
C SER B 86 -30.98 -16.34 11.65
N MET B 87 -31.43 -16.26 12.90
CA MET B 87 -31.34 -17.36 13.85
C MET B 87 -32.76 -17.83 14.15
N ALA B 88 -33.01 -19.13 13.98
CA ALA B 88 -34.32 -19.71 14.33
C ALA B 88 -34.68 -19.57 15.81
N GLU B 89 -33.68 -19.52 16.71
CA GLU B 89 -33.94 -19.18 18.13
C GLU B 89 -32.91 -18.21 18.76
N PRO B 90 -33.30 -17.45 19.80
CA PRO B 90 -32.38 -16.49 20.41
C PRO B 90 -31.09 -17.07 21.01
N LYS B 91 -29.95 -16.45 20.69
CA LYS B 91 -28.67 -16.82 21.24
C LYS B 91 -28.38 -16.02 22.50
N THR B 92 -27.87 -16.72 23.50
CA THR B 92 -27.56 -16.14 24.78
C THR B 92 -26.06 -16.35 25.01
N VAL B 93 -25.39 -15.34 25.56
CA VAL B 93 -23.97 -15.40 25.79
C VAL B 93 -23.70 -14.83 27.16
N TYR B 94 -23.11 -15.65 28.04
CA TYR B 94 -22.79 -15.25 29.42
C TYR B 94 -21.41 -14.59 29.48
N TRP B 95 -21.29 -13.59 30.33
CA TRP B 95 -20.03 -12.90 30.64
C TRP B 95 -19.06 -13.83 31.34
N ASP B 96 -17.78 -13.65 31.03
CA ASP B 96 -16.69 -14.48 31.53
C ASP B 96 -15.49 -13.55 31.76
N ARG B 97 -15.15 -13.25 33.00
CA ARG B 97 -14.07 -12.31 33.31
C ARG B 97 -12.71 -12.64 32.63
N ASP B 98 -12.49 -13.93 32.36
CA ASP B 98 -11.26 -14.36 31.66
C ASP B 98 -11.22 -14.10 30.15
N MET B 99 -12.27 -13.47 29.58
CA MET B 99 -12.43 -13.24 28.12
C MET B 99 -12.98 -11.85 27.74
N LYS C 1 -18.36 17.07 2.04
CA LYS C 1 -19.81 17.03 1.79
C LYS C 1 -20.28 15.71 1.16
N ALA C 2 -21.57 15.48 1.34
CA ALA C 2 -22.19 14.21 1.02
C ALA C 2 -22.54 14.07 -0.47
N PRO C 3 -22.51 12.85 -1.00
CA PRO C 3 -23.02 12.65 -2.34
C PRO C 3 -24.51 12.87 -2.44
N TYR C 4 -24.97 13.07 -3.67
CA TYR C 4 -26.37 13.26 -3.98
C TYR C 4 -26.63 12.45 -5.24
N ASN C 5 -27.70 11.67 -5.21
CA ASN C 5 -28.07 10.78 -6.31
C ASN C 5 -28.92 11.52 -7.31
N PHE C 6 -29.09 10.91 -8.48
CA PHE C 6 -29.87 11.50 -9.58
C PHE C 6 -31.04 10.56 -9.88
N ALA C 7 -31.09 9.87 -11.02
CA ALA C 7 -32.29 9.11 -11.36
C ALA C 7 -32.51 8.05 -10.29
N THR C 8 -33.78 7.77 -10.01
CA THR C 8 -34.16 6.75 -9.03
C THR C 8 -33.90 5.40 -9.70
N MET C 9 -33.96 4.35 -8.90
CA MET C 9 -33.42 3.06 -9.29
C MET C 9 -34.22 2.36 -10.39
N PRO D 2 4.48 3.31 5.57
CA PRO D 2 4.94 2.69 4.32
C PRO D 2 6.48 2.73 4.13
N HIS D 3 7.23 2.34 5.16
CA HIS D 3 8.69 2.57 5.25
C HIS D 3 9.54 1.41 4.69
N SER D 4 10.85 1.68 4.50
CA SER D 4 11.78 0.64 4.01
C SER D 4 13.28 0.93 4.24
N MET D 5 14.05 -0.16 4.24
CA MET D 5 15.50 -0.13 4.15
C MET D 5 15.88 -0.99 2.94
N ARG D 6 16.98 -0.61 2.29
CA ARG D 6 17.54 -1.37 1.17
C ARG D 6 19.04 -1.18 1.15
N TYR D 7 19.78 -2.26 0.96
CA TYR D 7 21.21 -2.18 0.73
C TYR D 7 21.44 -2.70 -0.68
N PHE D 8 21.99 -1.85 -1.55
CA PHE D 8 22.33 -2.20 -2.94
C PHE D 8 23.82 -2.42 -3.07
N GLU D 9 24.20 -3.58 -3.61
CA GLU D 9 25.59 -4.00 -3.63
C GLU D 9 26.01 -4.44 -5.03
N THR D 10 27.19 -3.98 -5.44
CA THR D 10 27.74 -4.30 -6.78
C THR D 10 29.19 -4.77 -6.71
N ALA D 11 29.52 -5.76 -7.53
CA ALA D 11 30.91 -6.19 -7.77
C ALA D 11 31.22 -6.29 -9.27
N VAL D 12 32.30 -5.62 -9.71
CA VAL D 12 32.69 -5.69 -11.13
C VAL D 12 34.09 -6.29 -11.31
N SER D 13 34.14 -7.46 -11.98
CA SER D 13 35.39 -8.08 -12.48
C SER D 13 36.09 -7.14 -13.42
N ARG D 14 37.41 -7.17 -13.39
CA ARG D 14 38.26 -6.32 -14.23
C ARG D 14 39.40 -7.15 -14.76
N PRO D 15 39.59 -7.19 -16.09
CA PRO D 15 40.69 -8.00 -16.61
C PRO D 15 42.00 -7.30 -16.23
N GLY D 16 43.00 -8.08 -15.85
CA GLY D 16 44.27 -7.52 -15.38
C GLY D 16 44.45 -7.66 -13.89
N LEU D 17 45.37 -6.88 -13.35
CA LEU D 17 45.92 -7.14 -12.01
C LEU D 17 44.95 -6.86 -10.88
N GLU D 18 44.02 -5.97 -11.14
CA GLU D 18 43.15 -5.47 -10.11
C GLU D 18 42.10 -6.53 -9.74
N GLU D 19 41.80 -6.60 -8.44
CA GLU D 19 40.70 -7.41 -7.92
C GLU D 19 39.36 -6.70 -8.24
N PRO D 20 38.23 -7.41 -8.11
CA PRO D 20 36.96 -6.76 -8.44
C PRO D 20 36.65 -5.54 -7.58
N ARG D 21 35.98 -4.56 -8.20
CA ARG D 21 35.52 -3.39 -7.48
C ARG D 21 34.24 -3.74 -6.79
N TYR D 22 34.14 -3.36 -5.51
CA TYR D 22 32.96 -3.62 -4.70
C TYR D 22 32.40 -2.33 -4.17
N ILE D 23 31.15 -2.06 -4.49
CA ILE D 23 30.42 -0.88 -3.96
C ILE D 23 29.12 -1.31 -3.27
N SER D 24 28.92 -0.82 -2.05
CA SER D 24 27.69 -1.07 -1.30
C SER D 24 27.07 0.25 -0.96
N VAL D 25 25.79 0.38 -1.26
CA VAL D 25 25.06 1.59 -0.92
C VAL D 25 23.88 1.16 -0.07
N GLY D 26 23.68 1.84 1.05
CA GLY D 26 22.48 1.65 1.88
C GLY D 26 21.47 2.79 1.70
N TYR D 27 20.19 2.41 1.64
CA TYR D 27 19.06 3.33 1.45
C TYR D 27 18.04 3.20 2.59
N VAL D 28 17.57 4.34 3.14
CA VAL D 28 16.42 4.40 4.07
C VAL D 28 15.30 5.25 3.47
N ASP D 29 14.15 4.65 3.19
CA ASP D 29 13.04 5.35 2.53
C ASP D 29 13.50 5.94 1.19
N ASN D 30 14.28 5.13 0.46
CA ASN D 30 14.91 5.52 -0.81
C ASN D 30 15.83 6.74 -0.75
N LYS D 31 16.41 7.03 0.41
CA LYS D 31 17.35 8.12 0.59
C LYS D 31 18.67 7.48 1.00
N GLU D 32 19.71 7.71 0.20
CA GLU D 32 21.04 7.15 0.46
C GLU D 32 21.60 7.68 1.79
N PHE D 33 22.05 6.77 2.66
CA PHE D 33 22.58 7.13 3.98
C PHE D 33 23.96 6.61 4.32
N VAL D 34 24.38 5.50 3.69
CA VAL D 34 25.75 4.97 3.85
C VAL D 34 26.28 4.48 2.52
N ARG D 35 27.60 4.54 2.36
CA ARG D 35 28.23 4.01 1.16
C ARG D 35 29.58 3.41 1.51
N PHE D 36 29.91 2.30 0.86
CA PHE D 36 31.26 1.72 0.88
C PHE D 36 31.73 1.51 -0.56
N ASP D 37 33.02 1.77 -0.79
CA ASP D 37 33.61 1.70 -2.12
C ASP D 37 35.03 1.17 -2.01
N SER D 38 35.30 0.00 -2.57
CA SER D 38 36.64 -0.59 -2.47
C SER D 38 37.74 0.19 -3.20
N ASP D 39 37.38 0.95 -4.23
CA ASP D 39 38.34 1.82 -4.94
C ASP D 39 38.73 3.05 -4.18
N ALA D 40 38.02 3.38 -3.10
CA ALA D 40 38.38 4.56 -2.32
C ALA D 40 39.81 4.43 -1.77
N GLU D 41 40.41 5.57 -1.45
CA GLU D 41 41.77 5.61 -0.96
C GLU D 41 41.87 4.73 0.29
N ASN D 42 40.96 4.99 1.23
CA ASN D 42 40.87 4.24 2.46
C ASN D 42 39.45 3.69 2.54
N PRO D 43 39.26 2.41 2.14
CA PRO D 43 37.89 1.91 2.00
C PRO D 43 37.19 1.63 3.35
N ARG D 44 36.14 2.40 3.61
CA ARG D 44 35.27 2.17 4.76
C ARG D 44 33.87 2.66 4.46
N TYR D 45 32.91 2.19 5.25
CA TYR D 45 31.56 2.71 5.11
C TYR D 45 31.65 4.14 5.56
N GLU D 46 30.86 5.00 4.92
CA GLU D 46 30.93 6.42 5.15
C GLU D 46 29.49 6.94 5.27
N PRO D 47 29.23 7.87 6.20
CA PRO D 47 27.87 8.43 6.27
C PRO D 47 27.57 9.30 5.05
N ARG D 48 26.29 9.42 4.68
CA ARG D 48 25.85 10.23 3.51
C ARG D 48 24.86 11.35 3.85
N ALA D 49 23.80 11.01 4.57
CA ALA D 49 22.98 12.02 5.21
C ALA D 49 23.75 12.57 6.43
N PRO D 50 23.42 13.82 6.87
CA PRO D 50 24.04 14.37 8.10
C PRO D 50 23.64 13.64 9.41
N TRP D 51 22.41 13.11 9.46
CA TRP D 51 21.91 12.36 10.64
C TRP D 51 22.60 11.04 10.99
N MET D 52 23.51 10.56 10.14
CA MET D 52 24.30 9.37 10.46
C MET D 52 25.60 9.65 11.19
N GLU D 53 26.05 10.92 11.24
CA GLU D 53 27.24 11.30 12.05
C GLU D 53 27.05 11.03 13.57
N GLN D 54 25.79 10.88 13.99
CA GLN D 54 25.46 10.31 15.31
C GLN D 54 26.27 9.08 15.71
N GLU D 55 26.28 8.05 14.86
CA GLU D 55 26.83 6.72 15.18
C GLU D 55 28.31 6.75 15.53
N GLY D 56 28.72 5.91 16.48
CA GLY D 56 30.07 5.97 17.02
C GLY D 56 31.03 5.09 16.28
N PRO D 57 32.35 5.34 16.41
CA PRO D 57 33.42 4.58 15.77
C PRO D 57 33.13 3.09 15.57
N GLU D 58 32.67 2.41 16.61
CA GLU D 58 32.47 0.96 16.55
C GLU D 58 31.49 0.58 15.45
N TYR D 59 30.46 1.41 15.23
CA TYR D 59 29.48 1.17 14.15
C TYR D 59 30.20 1.09 12.82
N TRP D 60 31.02 2.10 12.55
CA TRP D 60 31.73 2.24 11.29
C TRP D 60 32.73 1.14 11.18
N GLU D 61 33.50 0.95 12.24
CA GLU D 61 34.55 -0.05 12.23
C GLU D 61 33.99 -1.44 11.91
N ARG D 62 32.93 -1.84 12.58
CA ARG D 62 32.34 -3.16 12.37
C ARG D 62 31.56 -3.29 11.06
N GLU D 63 30.92 -2.21 10.61
CA GLU D 63 30.30 -2.22 9.28
C GLU D 63 31.39 -2.28 8.17
N THR D 64 32.49 -1.56 8.34
CA THR D 64 33.65 -1.71 7.48
C THR D 64 34.14 -3.17 7.43
N GLN D 65 34.29 -3.81 8.58
CA GLN D 65 34.70 -5.22 8.59
C GLN D 65 33.73 -6.14 7.86
N LYS D 66 32.43 -5.84 7.98
CA LYS D 66 31.41 -6.55 7.26
C LYS D 66 31.61 -6.38 5.75
N ALA D 67 31.83 -5.15 5.32
CA ALA D 67 32.05 -4.87 3.90
C ALA D 67 33.20 -5.70 3.31
N LYS D 68 34.33 -5.71 4.02
CA LYS D 68 35.50 -6.42 3.56
C LYS D 68 35.26 -7.92 3.39
N GLY D 69 34.43 -8.51 4.23
CA GLY D 69 34.02 -9.91 4.08
C GLY D 69 33.10 -10.10 2.88
N GLN D 70 32.17 -9.17 2.70
CA GLN D 70 31.29 -9.18 1.52
C GLN D 70 32.09 -9.11 0.23
N GLU D 71 33.11 -8.25 0.22
CA GLU D 71 34.02 -8.06 -0.91
C GLU D 71 34.63 -9.38 -1.37
N GLN D 72 35.16 -10.15 -0.43
CA GLN D 72 35.68 -11.45 -0.74
C GLN D 72 34.57 -12.39 -1.17
N TRP D 73 33.40 -12.28 -0.54
CA TRP D 73 32.25 -13.11 -0.95
C TRP D 73 31.90 -12.91 -2.43
N PHE D 74 31.92 -11.67 -2.90
CA PHE D 74 31.63 -11.39 -4.29
C PHE D 74 32.78 -11.84 -5.19
N ARG D 75 34.00 -11.60 -4.75
CA ARG D 75 35.15 -12.07 -5.49
C ARG D 75 35.03 -13.58 -5.78
N VAL D 76 34.72 -14.36 -4.75
CA VAL D 76 34.63 -15.82 -4.90
C VAL D 76 33.40 -16.22 -5.70
N SER D 77 32.31 -15.49 -5.55
CA SER D 77 31.07 -15.80 -6.24
C SER D 77 31.17 -15.54 -7.76
N LEU D 78 31.90 -14.47 -8.10
CA LEU D 78 32.22 -14.14 -9.50
C LEU D 78 33.04 -15.23 -10.18
N ARG D 79 34.11 -15.63 -9.54
CA ARG D 79 34.91 -16.72 -10.05
C ARG D 79 34.09 -18.00 -10.30
N ASN D 80 33.25 -18.38 -9.34
CA ASN D 80 32.42 -19.57 -9.45
C ASN D 80 31.43 -19.49 -10.60
N LEU D 81 30.90 -18.29 -10.82
CA LEU D 81 29.97 -18.04 -11.91
C LEU D 81 30.64 -18.14 -13.27
N LEU D 82 31.89 -17.68 -13.38
CA LEU D 82 32.66 -17.87 -14.63
C LEU D 82 32.66 -19.35 -15.00
N GLY D 83 33.01 -20.18 -14.02
CA GLY D 83 33.02 -21.63 -14.18
C GLY D 83 31.69 -22.24 -14.60
N TYR D 84 30.60 -21.77 -13.99
CA TYR D 84 29.26 -22.34 -14.25
C TYR D 84 28.79 -22.10 -15.66
N TYR D 85 28.90 -20.87 -16.12
CA TYR D 85 28.57 -20.51 -17.49
C TYR D 85 29.71 -20.80 -18.48
N ASN D 86 30.70 -21.61 -18.07
CA ASN D 86 31.96 -21.84 -18.79
C ASN D 86 32.49 -20.65 -19.62
N GLN D 87 32.60 -19.51 -18.95
CA GLN D 87 33.06 -18.28 -19.57
C GLN D 87 34.59 -18.18 -19.61
N SER D 88 35.07 -17.48 -20.62
CA SER D 88 36.51 -17.26 -20.82
C SER D 88 37.04 -16.23 -19.84
N ALA D 89 38.36 -16.25 -19.67
CA ALA D 89 39.06 -15.25 -18.85
C ALA D 89 39.13 -13.94 -19.63
N GLY D 90 39.64 -12.92 -18.93
CA GLY D 90 39.83 -11.58 -19.48
C GLY D 90 38.52 -10.95 -19.90
N GLY D 91 37.51 -11.05 -19.05
CA GLY D 91 36.21 -10.40 -19.25
C GLY D 91 35.90 -9.45 -18.10
N SER D 92 34.95 -8.55 -18.32
CA SER D 92 34.39 -7.74 -17.24
C SER D 92 32.93 -8.15 -17.00
N HIS D 93 32.64 -8.76 -15.86
CA HIS D 93 31.29 -9.25 -15.51
C HIS D 93 30.80 -8.63 -14.18
N THR D 94 29.49 -8.39 -14.10
CA THR D 94 28.87 -7.71 -12.95
C THR D 94 28.04 -8.67 -12.11
N LEU D 95 28.19 -8.58 -10.80
CA LEU D 95 27.32 -9.29 -9.84
C LEU D 95 26.69 -8.28 -8.93
N GLN D 96 25.38 -8.39 -8.76
CA GLN D 96 24.58 -7.38 -8.04
C GLN D 96 23.68 -8.04 -7.05
N GLN D 97 23.50 -7.36 -5.90
CA GLN D 97 22.57 -7.83 -4.87
C GLN D 97 21.71 -6.68 -4.37
N MET D 98 20.40 -6.91 -4.29
CA MET D 98 19.45 -6.01 -3.60
C MET D 98 18.93 -6.77 -2.42
N SER D 99 18.77 -6.08 -1.29
CA SER D 99 18.40 -6.72 -0.04
C SER D 99 17.82 -5.71 0.94
N GLY D 100 16.81 -6.12 1.70
CA GLY D 100 16.14 -5.20 2.64
C GLY D 100 14.75 -5.64 3.09
N CYS D 101 14.13 -4.74 3.83
CA CYS D 101 12.84 -4.99 4.47
C CYS D 101 11.91 -3.81 4.26
N ASP D 102 10.65 -4.11 3.90
CA ASP D 102 9.55 -3.13 3.96
C ASP D 102 8.86 -3.18 5.34
N LEU D 103 8.35 -2.04 5.78
CA LEU D 103 7.75 -1.86 7.12
C LEU D 103 6.38 -1.15 7.09
N GLY D 104 5.44 -1.61 7.91
CA GLY D 104 4.20 -0.87 8.20
C GLY D 104 4.42 0.26 9.20
N SER D 105 3.38 1.08 9.42
CA SER D 105 3.41 2.07 10.50
C SER D 105 3.38 1.36 11.87
N ASP D 106 2.61 0.27 11.97
CA ASP D 106 2.87 -0.77 12.97
C ASP D 106 4.22 -1.36 12.60
N TRP D 107 5.15 -1.42 13.54
CA TRP D 107 6.57 -1.58 13.18
C TRP D 107 6.93 -3.01 12.69
N ARG D 108 6.09 -3.54 11.79
CA ARG D 108 5.97 -4.97 11.54
C ARG D 108 6.45 -5.28 10.14
N LEU D 109 7.26 -6.33 9.98
CA LEU D 109 7.80 -6.66 8.68
C LEU D 109 6.68 -6.91 7.68
N LEU D 110 6.69 -6.15 6.58
CA LEU D 110 5.75 -6.33 5.49
C LEU D 110 6.28 -7.31 4.47
N ARG D 111 7.50 -7.03 3.99
CA ARG D 111 8.17 -7.90 3.02
C ARG D 111 9.69 -7.86 3.18
N GLY D 112 10.29 -9.04 3.03
CA GLY D 112 11.74 -9.20 2.98
C GLY D 112 12.20 -9.42 1.55
N TYR D 113 13.36 -8.87 1.23
CA TYR D 113 13.94 -8.95 -0.11
C TYR D 113 15.37 -9.41 -0.05
N LEU D 114 15.68 -10.44 -0.82
CA LEU D 114 17.06 -10.84 -1.04
C LEU D 114 17.17 -11.46 -2.42
N GLN D 115 17.83 -10.76 -3.31
CA GLN D 115 17.92 -11.22 -4.69
C GLN D 115 19.20 -10.77 -5.33
N PHE D 116 19.56 -11.50 -6.38
CA PHE D 116 20.81 -11.29 -7.09
C PHE D 116 20.62 -11.25 -8.60
N ALA D 117 21.55 -10.58 -9.27
CA ALA D 117 21.61 -10.55 -10.73
C ALA D 117 23.04 -10.68 -11.20
N TYR D 118 23.21 -11.46 -12.28
CA TYR D 118 24.50 -11.60 -12.95
C TYR D 118 24.36 -11.02 -14.33
N GLU D 119 25.27 -10.12 -14.68
CA GLU D 119 25.24 -9.47 -16.00
C GLU D 119 23.89 -8.80 -16.27
N GLY D 120 23.30 -8.20 -15.23
CA GLY D 120 22.00 -7.53 -15.34
C GLY D 120 20.77 -8.40 -15.64
N ARG D 121 20.88 -9.71 -15.46
CA ARG D 121 19.76 -10.64 -15.59
C ARG D 121 19.56 -11.30 -14.23
N ASP D 122 18.30 -11.43 -13.81
CA ASP D 122 17.96 -12.11 -12.54
C ASP D 122 18.63 -13.46 -12.48
N TYR D 123 19.24 -13.78 -11.33
CA TYR D 123 19.98 -15.02 -11.13
C TYR D 123 19.32 -15.87 -10.05
N ILE D 124 19.22 -15.32 -8.84
CA ILE D 124 18.55 -16.02 -7.77
C ILE D 124 17.91 -15.03 -6.87
N ALA D 125 16.76 -15.44 -6.29
CA ALA D 125 16.05 -14.60 -5.36
C ALA D 125 15.43 -15.45 -4.32
N LEU D 126 15.42 -14.93 -3.11
CA LEU D 126 14.66 -15.54 -2.02
C LEU D 126 13.21 -15.19 -2.29
N ASN D 127 12.34 -16.18 -2.07
CA ASN D 127 10.90 -15.99 -2.22
C ASN D 127 10.34 -15.20 -1.06
N GLU D 128 9.11 -14.77 -1.23
CA GLU D 128 8.38 -13.96 -0.23
C GLU D 128 8.26 -14.62 1.16
N ASP D 129 8.16 -15.95 1.18
CA ASP D 129 8.20 -16.74 2.43
C ASP D 129 9.53 -16.79 3.20
N LEU D 130 10.63 -16.36 2.59
CA LEU D 130 11.95 -16.38 3.22
C LEU D 130 12.45 -17.78 3.60
N LYS D 131 12.01 -18.79 2.85
CA LYS D 131 12.40 -20.20 3.09
C LYS D 131 12.89 -20.98 1.83
N THR D 132 12.42 -20.55 0.67
CA THR D 132 12.68 -21.21 -0.59
C THR D 132 13.33 -20.25 -1.59
N TRP D 133 13.79 -20.79 -2.71
CA TRP D 133 14.49 -19.99 -3.74
C TRP D 133 13.86 -20.14 -5.11
N THR D 134 14.05 -19.11 -5.92
CA THR D 134 13.75 -19.15 -7.37
C THR D 134 15.07 -18.98 -8.14
N ALA D 135 15.37 -19.94 -9.00
CA ALA D 135 16.59 -19.93 -9.81
C ALA D 135 16.24 -19.65 -11.26
N ALA D 136 16.77 -18.56 -11.80
CA ALA D 136 16.47 -18.18 -13.18
C ALA D 136 16.90 -19.23 -14.22
N ASP D 137 18.16 -19.67 -14.19
CA ASP D 137 18.70 -20.61 -15.20
C ASP D 137 19.36 -21.86 -14.57
N MET D 138 20.12 -22.62 -15.36
CA MET D 138 20.75 -23.87 -14.85
C MET D 138 21.91 -23.64 -13.91
N ALA D 139 22.69 -22.57 -14.13
CA ALA D 139 23.78 -22.16 -13.22
C ALA D 139 23.26 -21.75 -11.84
N ALA D 140 22.16 -21.01 -11.85
CA ALA D 140 21.49 -20.61 -10.61
C ALA D 140 20.94 -21.78 -9.80
N GLN D 141 20.54 -22.83 -10.52
CA GLN D 141 20.04 -24.05 -9.88
C GLN D 141 21.14 -24.72 -9.10
N ILE D 142 22.38 -24.66 -9.59
CA ILE D 142 23.54 -25.21 -8.85
C ILE D 142 23.69 -24.47 -7.52
N THR D 143 23.58 -23.14 -7.58
CA THR D 143 23.68 -22.27 -6.39
C THR D 143 22.56 -22.66 -5.43
N ARG D 144 21.33 -22.70 -5.95
CA ARG D 144 20.14 -23.09 -5.17
C ARG D 144 20.35 -24.37 -4.33
N ARG D 145 20.90 -25.40 -4.96
CA ARG D 145 21.14 -26.68 -4.29
C ARG D 145 22.17 -26.52 -3.18
N LYS D 146 23.27 -25.83 -3.50
CA LYS D 146 24.33 -25.52 -2.54
C LYS D 146 23.82 -24.79 -1.29
N TRP D 147 22.93 -23.82 -1.51
CA TRP D 147 22.34 -23.03 -0.46
C TRP D 147 21.22 -23.73 0.34
N GLU D 148 20.50 -24.66 -0.31
CA GLU D 148 19.61 -25.60 0.39
C GLU D 148 20.40 -26.54 1.33
N GLN D 149 21.52 -27.07 0.88
CA GLN D 149 22.31 -27.99 1.72
C GLN D 149 23.04 -27.27 2.87
N SER D 150 23.34 -25.98 2.71
CA SER D 150 23.99 -25.22 3.77
C SER D 150 22.99 -24.55 4.69
N GLY D 151 21.72 -24.48 4.25
CA GLY D 151 20.65 -23.87 5.03
C GLY D 151 20.72 -22.36 5.06
N ALA D 152 21.08 -21.74 3.93
CA ALA D 152 21.29 -20.29 3.84
C ALA D 152 20.05 -19.47 4.20
N ALA D 153 18.88 -19.86 3.69
CA ALA D 153 17.65 -19.06 3.87
C ALA D 153 17.29 -18.79 5.35
N GLU D 154 17.50 -19.79 6.22
CA GLU D 154 17.33 -19.59 7.68
C GLU D 154 18.05 -18.35 8.21
N HIS D 155 19.24 -18.11 7.64
CA HIS D 155 20.13 -17.06 8.12
C HIS D 155 19.75 -15.72 7.53
N TYR D 156 19.44 -15.69 6.23
CA TYR D 156 18.96 -14.44 5.59
C TYR D 156 17.65 -13.95 6.24
N LYS D 157 16.69 -14.86 6.35
CA LYS D 157 15.49 -14.70 7.17
C LYS D 157 15.78 -14.06 8.55
N ALA D 158 16.72 -14.62 9.31
CA ALA D 158 17.02 -14.11 10.64
C ALA D 158 17.45 -12.65 10.61
N TYR D 159 18.24 -12.28 9.59
CA TYR D 159 18.65 -10.87 9.38
C TYR D 159 17.46 -9.97 9.02
N LEU D 160 16.65 -10.46 8.08
CA LEU D 160 15.57 -9.68 7.49
C LEU D 160 14.49 -9.34 8.52
N GLU D 161 13.99 -10.39 9.17
CA GLU D 161 12.88 -10.26 10.14
C GLU D 161 13.40 -9.61 11.42
N GLY D 162 14.62 -9.95 11.80
CA GLY D 162 15.24 -9.36 12.96
C GLY D 162 15.95 -8.09 12.62
N GLU D 163 17.25 -8.22 12.33
CA GLU D 163 18.20 -7.11 12.34
C GLU D 163 17.87 -5.95 11.37
N CYS D 164 17.38 -6.27 10.16
CA CYS D 164 16.95 -5.23 9.21
C CYS D 164 15.92 -4.31 9.89
N VAL D 165 14.84 -4.96 10.35
CA VAL D 165 13.73 -4.30 11.04
C VAL D 165 14.21 -3.53 12.29
N GLU D 166 14.91 -4.22 13.21
CA GLU D 166 15.45 -3.54 14.42
C GLU D 166 16.17 -2.25 14.03
N TRP D 167 16.98 -2.32 12.99
CA TRP D 167 17.85 -1.20 12.64
C TRP D 167 17.13 -0.11 11.85
N LEU D 168 16.21 -0.50 10.96
CA LEU D 168 15.34 0.51 10.31
C LEU D 168 14.59 1.37 11.33
N HIS D 169 14.05 0.75 12.41
CA HIS D 169 13.49 1.52 13.53
C HIS D 169 14.50 2.57 13.95
N ARG D 170 15.68 2.13 14.37
CA ARG D 170 16.66 3.03 14.96
C ARG D 170 16.93 4.24 14.08
N TYR D 171 17.10 3.98 12.79
CA TYR D 171 17.48 5.02 11.83
C TYR D 171 16.39 6.08 11.65
N LEU D 172 15.13 5.64 11.62
CA LEU D 172 13.99 6.57 11.50
C LEU D 172 13.83 7.47 12.72
N LYS D 173 14.17 6.96 13.90
CA LYS D 173 14.21 7.78 15.11
C LYS D 173 15.36 8.79 15.06
N ASN D 174 16.52 8.38 14.56
CA ASN D 174 17.72 9.24 14.54
C ASN D 174 17.65 10.39 13.56
N GLY D 175 17.06 10.14 12.38
CA GLY D 175 16.94 11.13 11.32
C GLY D 175 15.49 11.35 11.04
N ASN D 176 14.76 11.59 12.11
CA ASN D 176 13.34 11.89 12.02
C ASN D 176 13.15 13.26 11.36
N ALA D 177 13.96 14.23 11.79
CA ALA D 177 13.92 15.59 11.24
C ALA D 177 14.29 15.66 9.74
N THR D 178 15.20 14.78 9.31
CA THR D 178 15.79 14.87 7.95
C THR D 178 14.92 14.22 6.87
N LEU D 179 14.35 13.04 7.14
CA LEU D 179 13.44 12.38 6.18
C LEU D 179 12.09 13.11 6.05
N LEU D 180 11.71 13.85 7.10
CA LEU D 180 10.55 14.76 7.08
C LEU D 180 10.60 15.79 5.95
N ARG D 181 11.78 16.38 5.73
CA ARG D 181 11.99 17.38 4.67
C ARG D 181 11.20 17.07 3.40
N THR D 182 10.58 18.12 2.87
CA THR D 182 10.08 18.13 1.51
C THR D 182 10.33 19.53 0.95
N ASP D 183 10.17 19.68 -0.35
CA ASP D 183 10.32 20.97 -1.02
C ASP D 183 9.20 21.11 -2.03
N SER D 184 8.50 22.24 -1.96
CA SER D 184 7.37 22.47 -2.86
C SER D 184 7.87 22.73 -4.27
N PRO D 185 7.20 22.15 -5.28
CA PRO D 185 7.44 22.59 -6.65
C PRO D 185 7.05 24.04 -6.86
N LYS D 186 7.95 24.81 -7.44
CA LYS D 186 7.55 26.03 -8.13
C LYS D 186 7.38 25.63 -9.56
N ALA D 187 6.26 26.01 -10.13
CA ALA D 187 5.91 25.63 -11.49
C ALA D 187 5.58 26.86 -12.31
N HIS D 188 5.81 26.77 -13.62
CA HIS D 188 5.37 27.79 -14.56
C HIS D 188 5.13 27.16 -15.92
N VAL D 189 4.52 27.92 -16.81
CA VAL D 189 4.21 27.44 -18.16
C VAL D 189 4.98 28.30 -19.13
N THR D 190 5.47 27.65 -20.18
CA THR D 190 6.20 28.32 -21.27
C THR D 190 5.49 28.06 -22.59
N HIS D 191 5.74 28.95 -23.54
CA HIS D 191 5.04 28.99 -24.81
C HIS D 191 6.08 28.97 -25.92
N HIS D 192 5.95 28.04 -26.85
CA HIS D 192 6.99 27.80 -27.86
C HIS D 192 6.37 27.69 -29.24
N PRO D 193 6.12 28.85 -29.91
CA PRO D 193 5.55 28.87 -31.28
C PRO D 193 6.40 27.82 -32.00
N ARG D 194 5.74 26.72 -32.40
CA ARG D 194 6.52 25.56 -32.81
C ARG D 194 6.43 25.31 -34.31
N SER D 195 5.22 25.04 -34.79
CA SER D 195 4.98 24.73 -36.21
C SER D 195 4.15 25.85 -36.86
N LYS D 196 3.57 25.58 -38.02
CA LYS D 196 2.62 26.48 -38.65
C LYS D 196 1.20 26.08 -38.22
N GLY D 197 0.53 27.00 -37.50
CA GLY D 197 -0.83 26.79 -36.97
C GLY D 197 -0.85 26.48 -35.48
N GLU D 198 0.09 25.64 -35.05
CA GLU D 198 0.12 25.08 -33.70
C GLU D 198 1.21 25.71 -32.86
N VAL D 199 1.13 25.45 -31.56
CA VAL D 199 2.19 25.81 -30.62
C VAL D 199 2.48 24.65 -29.66
N THR D 200 3.52 24.82 -28.85
CA THR D 200 3.82 23.91 -27.74
C THR D 200 3.67 24.68 -26.42
N LEU D 201 2.82 24.15 -25.54
CA LEU D 201 2.73 24.60 -24.16
C LEU D 201 3.44 23.56 -23.31
N ARG D 202 4.17 24.04 -22.30
CA ARG D 202 5.06 23.21 -21.50
C ARG D 202 5.03 23.64 -20.05
N CYS D 203 4.72 22.69 -19.16
CA CYS D 203 4.54 22.94 -17.74
C CYS D 203 5.73 22.40 -16.99
N TRP D 204 6.49 23.31 -16.40
CA TRP D 204 7.70 23.00 -15.68
C TRP D 204 7.36 22.88 -14.23
N ALA D 205 8.13 22.07 -13.51
CA ALA D 205 8.04 22.00 -12.06
C ALA D 205 9.45 21.86 -11.57
N LEU D 206 9.86 22.75 -10.67
CA LEU D 206 11.26 22.86 -10.27
C LEU D 206 11.43 22.98 -8.76
N GLY D 207 12.63 22.68 -8.29
CA GLY D 207 13.02 22.93 -6.90
C GLY D 207 12.46 21.97 -5.86
N PHE D 208 11.90 20.83 -6.33
CA PHE D 208 11.06 19.95 -5.50
C PHE D 208 11.73 18.66 -4.98
N TYR D 209 11.25 18.19 -3.83
CA TYR D 209 11.75 16.96 -3.20
C TYR D 209 10.68 16.38 -2.26
N PRO D 210 10.49 15.06 -2.21
CA PRO D 210 11.22 14.07 -2.97
C PRO D 210 10.76 13.96 -4.43
N ALA D 211 11.31 12.98 -5.14
CA ALA D 211 11.26 12.92 -6.59
C ALA D 211 9.89 12.59 -7.18
N ASP D 212 9.00 12.03 -6.37
CA ASP D 212 7.73 11.53 -6.90
C ASP D 212 6.86 12.74 -7.20
N ILE D 213 6.09 12.68 -8.28
CA ILE D 213 5.33 13.87 -8.74
C ILE D 213 4.41 13.55 -9.91
N THR D 214 3.29 14.26 -10.03
CA THR D 214 2.40 14.03 -11.17
C THR D 214 2.05 15.34 -11.83
N LEU D 215 2.17 15.38 -13.16
CA LEU D 215 1.82 16.56 -13.96
C LEU D 215 0.78 16.15 -14.98
N THR D 216 -0.30 16.92 -15.08
CA THR D 216 -1.39 16.61 -15.99
C THR D 216 -1.83 17.85 -16.73
N TRP D 217 -2.05 17.70 -18.02
CA TRP D 217 -2.67 18.72 -18.85
C TRP D 217 -4.12 18.31 -19.10
N GLN D 218 -5.01 19.29 -19.07
CA GLN D 218 -6.45 19.04 -19.29
C GLN D 218 -7.13 20.13 -20.12
N LEU D 219 -7.96 19.68 -21.06
CA LEU D 219 -8.73 20.54 -21.96
C LEU D 219 -10.22 20.42 -21.67
N ASN D 220 -10.72 21.39 -20.90
CA ASN D 220 -12.14 21.58 -20.64
C ASN D 220 -12.79 20.35 -19.97
N GLY D 221 -12.21 19.97 -18.82
CA GLY D 221 -12.64 18.84 -18.04
C GLY D 221 -11.79 17.60 -18.21
N GLU D 222 -11.56 17.19 -19.47
CA GLU D 222 -10.88 15.93 -19.80
C GLU D 222 -9.36 16.00 -19.65
N GLU D 223 -8.72 14.83 -19.52
CA GLU D 223 -7.28 14.70 -19.30
C GLU D 223 -6.64 14.28 -20.62
N LEU D 224 -5.50 14.88 -20.98
CA LEU D 224 -4.85 14.61 -22.28
C LEU D 224 -3.61 13.73 -22.13
N THR D 225 -3.78 12.44 -21.89
CA THR D 225 -2.63 11.54 -21.72
C THR D 225 -2.08 10.95 -23.04
N GLN D 226 -2.95 10.71 -24.03
CA GLN D 226 -2.49 10.16 -25.33
C GLN D 226 -1.91 11.18 -26.33
N ASP D 227 -1.95 12.47 -26.00
CA ASP D 227 -1.36 13.53 -26.84
C ASP D 227 -0.29 14.37 -26.11
N MET D 228 0.09 13.96 -24.90
CA MET D 228 1.02 14.69 -24.05
C MET D 228 2.42 14.09 -24.19
N GLU D 229 3.44 14.95 -24.08
CA GLU D 229 4.83 14.49 -23.91
C GLU D 229 5.28 14.75 -22.48
N LEU D 230 5.92 13.72 -21.92
CA LEU D 230 6.30 13.67 -20.52
C LEU D 230 7.76 13.21 -20.46
N VAL D 231 8.60 13.91 -19.69
CA VAL D 231 10.03 13.52 -19.52
C VAL D 231 10.27 12.89 -18.17
N GLU D 232 11.20 11.93 -18.11
CA GLU D 232 11.53 11.23 -16.89
C GLU D 232 12.05 12.26 -15.87
N THR D 233 11.67 12.10 -14.61
CA THR D 233 12.04 13.06 -13.60
C THR D 233 13.55 12.97 -13.46
N ARG D 234 14.18 14.12 -13.26
CA ARG D 234 15.62 14.27 -13.32
C ARG D 234 16.14 15.18 -12.21
N PRO D 235 17.33 14.88 -11.67
CA PRO D 235 17.85 15.66 -10.57
C PRO D 235 18.51 16.94 -11.05
N ALA D 236 18.26 18.04 -10.34
CA ALA D 236 19.00 19.30 -10.49
C ALA D 236 20.46 19.25 -10.00
N GLY D 237 20.77 18.30 -9.11
CA GLY D 237 22.10 18.19 -8.53
C GLY D 237 22.28 18.90 -7.21
N ASP D 238 21.36 19.80 -6.85
CA ASP D 238 21.37 20.45 -5.51
C ASP D 238 20.64 19.62 -4.43
N GLY D 239 19.95 18.56 -4.83
CA GLY D 239 19.09 17.81 -3.94
C GLY D 239 17.65 17.78 -4.43
N THR D 240 17.24 18.83 -5.15
CA THR D 240 15.87 18.91 -5.69
C THR D 240 15.79 18.18 -7.02
N PHE D 241 14.60 18.23 -7.65
CA PHE D 241 14.30 17.50 -8.87
C PHE D 241 13.57 18.40 -9.85
N GLN D 242 13.44 17.91 -11.07
CA GLN D 242 12.82 18.67 -12.14
C GLN D 242 12.02 17.73 -12.97
N LYS D 243 10.92 18.24 -13.52
CA LYS D 243 10.14 17.50 -14.46
C LYS D 243 9.30 18.51 -15.21
N TRP D 244 8.98 18.18 -16.46
CA TRP D 244 8.04 18.94 -17.25
C TRP D 244 7.15 18.06 -18.13
N ALA D 245 5.94 18.53 -18.35
CA ALA D 245 4.99 17.88 -19.24
C ALA D 245 4.54 18.89 -20.27
N SER D 246 4.20 18.44 -21.48
CA SER D 246 3.92 19.36 -22.58
C SER D 246 2.90 18.83 -23.57
N VAL D 247 2.22 19.78 -24.22
CA VAL D 247 1.11 19.51 -25.13
C VAL D 247 1.20 20.39 -26.36
N VAL D 248 0.66 19.87 -27.48
CA VAL D 248 0.64 20.55 -28.78
C VAL D 248 -0.77 21.06 -29.09
N VAL D 249 -0.95 22.38 -28.98
CA VAL D 249 -2.27 23.05 -29.06
C VAL D 249 -2.33 24.04 -30.24
N PRO D 250 -3.53 24.46 -30.67
CA PRO D 250 -3.63 25.49 -31.71
C PRO D 250 -3.49 26.92 -31.14
N LEU D 251 -2.83 27.79 -31.91
CA LEU D 251 -2.62 29.19 -31.53
C LEU D 251 -3.96 29.89 -31.34
N GLY D 252 -4.00 30.83 -30.39
CA GLY D 252 -5.23 31.53 -30.03
C GLY D 252 -5.96 30.89 -28.85
N LYS D 253 -5.96 29.55 -28.79
CA LYS D 253 -6.75 28.77 -27.80
C LYS D 253 -5.90 28.24 -26.62
N GLU D 254 -4.87 28.99 -26.23
CA GLU D 254 -3.95 28.58 -25.15
C GLU D 254 -4.59 28.67 -23.75
N GLN D 255 -5.53 29.59 -23.60
CA GLN D 255 -6.22 29.80 -22.32
C GLN D 255 -7.13 28.63 -21.92
N ASN D 256 -7.61 27.89 -22.92
CA ASN D 256 -8.36 26.65 -22.69
C ASN D 256 -7.64 25.67 -21.77
N TYR D 257 -6.34 25.53 -21.97
CA TYR D 257 -5.58 24.42 -21.41
C TYR D 257 -5.00 24.77 -20.04
N THR D 258 -5.16 23.82 -19.12
CA THR D 258 -4.71 23.96 -17.74
C THR D 258 -3.81 22.77 -17.35
N CYS D 259 -2.69 23.10 -16.71
CA CYS D 259 -1.75 22.11 -16.22
C CYS D 259 -1.95 21.95 -14.72
N ARG D 260 -1.72 20.74 -14.21
CA ARG D 260 -1.87 20.51 -12.78
C ARG D 260 -0.68 19.74 -12.19
N VAL D 261 -0.34 20.06 -10.93
CA VAL D 261 0.89 19.59 -10.27
C VAL D 261 0.62 19.03 -8.86
N TYR D 262 0.81 17.72 -8.68
CA TYR D 262 0.52 17.04 -7.42
C TYR D 262 1.81 16.63 -6.71
N HIS D 263 1.95 17.01 -5.44
CA HIS D 263 3.17 16.69 -4.66
C HIS D 263 2.89 16.68 -3.15
N GLU D 264 3.39 15.65 -2.48
CA GLU D 264 3.45 15.55 -1.01
C GLU D 264 3.64 16.81 -0.13
N GLY D 265 4.72 17.57 -0.37
CA GLY D 265 4.98 18.86 0.29
C GLY D 265 4.10 20.04 -0.10
N LEU D 266 3.30 19.89 -1.15
CA LEU D 266 2.33 20.93 -1.51
C LEU D 266 1.11 20.84 -0.57
N PRO D 267 0.71 21.99 0.05
CA PRO D 267 -0.53 21.99 0.86
C PRO D 267 -1.80 21.87 -0.01
N GLU D 268 -1.73 22.29 -1.28
CA GLU D 268 -2.78 22.03 -2.26
C GLU D 268 -2.19 22.02 -3.69
N PRO D 269 -2.64 21.10 -4.55
CA PRO D 269 -2.15 21.05 -5.92
C PRO D 269 -2.28 22.36 -6.71
N LEU D 270 -1.16 22.82 -7.27
CA LEU D 270 -1.14 24.01 -8.12
C LEU D 270 -1.82 23.74 -9.46
N THR D 271 -2.58 24.73 -9.93
CA THR D 271 -3.19 24.73 -11.26
C THR D 271 -2.59 25.94 -12.02
N LEU D 272 -2.38 25.80 -13.32
CA LEU D 272 -1.56 26.76 -14.07
C LEU D 272 -2.09 27.00 -15.47
N ARG D 273 -1.85 28.21 -15.97
CA ARG D 273 -2.35 28.65 -17.27
C ARG D 273 -1.30 29.55 -17.91
N TRP D 274 -1.33 29.69 -19.23
CA TRP D 274 -0.38 30.54 -19.98
C TRP D 274 -0.67 32.06 -19.77
N GLU D 275 0.39 32.84 -19.48
CA GLU D 275 0.31 34.32 -19.34
C GLU D 275 1.21 35.02 -20.39
N PRO D 276 0.88 36.28 -20.77
CA PRO D 276 1.62 36.93 -21.87
C PRO D 276 2.92 37.60 -21.39
N GLN E 2 22.05 -6.53 -21.48
CA GLN E 2 22.52 -5.14 -21.80
C GLN E 2 21.34 -4.22 -22.15
N LYS E 3 21.46 -2.93 -21.83
CA LYS E 3 20.37 -1.95 -22.02
C LYS E 3 20.90 -0.58 -22.48
N THR E 4 20.26 0.02 -23.51
CA THR E 4 20.66 1.36 -24.07
C THR E 4 20.35 2.55 -23.15
N PRO E 5 21.34 3.41 -22.91
CA PRO E 5 21.05 4.54 -22.06
C PRO E 5 19.97 5.48 -22.57
N GLN E 6 19.48 6.31 -21.65
CA GLN E 6 18.61 7.42 -21.94
C GLN E 6 19.34 8.64 -21.39
N ILE E 7 19.38 9.72 -22.17
CA ILE E 7 20.20 10.87 -21.83
C ILE E 7 19.34 12.12 -21.74
N GLN E 8 19.66 12.99 -20.79
CA GLN E 8 19.00 14.27 -20.65
C GLN E 8 20.05 15.33 -20.43
N VAL E 9 19.93 16.41 -21.18
CA VAL E 9 20.83 17.52 -21.02
C VAL E 9 19.95 18.71 -20.66
N TYR E 10 20.35 19.39 -19.58
CA TYR E 10 19.52 20.48 -19.01
C TYR E 10 20.32 21.21 -17.95
N SER E 11 19.89 22.43 -17.61
CA SER E 11 20.60 23.19 -16.57
C SER E 11 19.95 23.07 -15.17
N ARG E 12 20.78 23.28 -14.15
CA ARG E 12 20.35 23.20 -12.74
C ARG E 12 19.35 24.29 -12.38
N HIS E 13 19.77 25.55 -12.52
CA HIS E 13 18.89 26.69 -12.33
C HIS E 13 18.43 27.16 -13.72
N PRO E 14 17.34 27.97 -13.81
CA PRO E 14 16.87 28.35 -15.15
C PRO E 14 17.84 29.30 -15.89
N PRO E 15 18.01 29.13 -17.21
CA PRO E 15 19.12 29.74 -17.98
C PRO E 15 19.05 31.26 -18.21
N GLU E 16 19.97 32.00 -17.61
CA GLU E 16 20.11 33.45 -17.82
C GLU E 16 21.48 33.73 -18.41
N ASN E 17 21.57 33.69 -19.74
CA ASN E 17 22.88 33.88 -20.41
C ASN E 17 23.49 35.23 -20.07
N GLY E 18 24.79 35.21 -19.82
CA GLY E 18 25.46 36.28 -19.13
C GLY E 18 25.68 35.94 -17.67
N LYS E 19 24.88 35.03 -17.09
CA LYS E 19 25.06 34.65 -15.67
C LYS E 19 25.39 33.16 -15.51
N PRO E 20 26.31 32.82 -14.57
CA PRO E 20 26.89 31.48 -14.54
C PRO E 20 25.89 30.41 -14.07
N ASN E 21 26.26 29.13 -14.17
CA ASN E 21 25.31 28.04 -13.92
C ASN E 21 26.03 26.70 -13.75
N ILE E 22 25.24 25.63 -13.64
CA ILE E 22 25.70 24.25 -13.76
C ILE E 22 24.92 23.65 -14.91
N LEU E 23 25.59 22.87 -15.75
CA LEU E 23 24.91 22.08 -16.81
C LEU E 23 24.94 20.59 -16.47
N ASN E 24 23.82 19.90 -16.69
CA ASN E 24 23.68 18.49 -16.34
C ASN E 24 23.60 17.55 -17.55
N CYS E 25 24.39 16.49 -17.52
CA CYS E 25 24.12 15.29 -18.32
C CYS E 25 23.67 14.12 -17.40
N TYR E 26 22.44 13.66 -17.61
CA TYR E 26 21.83 12.64 -16.78
C TYR E 26 21.74 11.41 -17.64
N VAL E 27 22.42 10.35 -17.26
CA VAL E 27 22.45 9.16 -18.10
C VAL E 27 21.94 8.05 -17.24
N THR E 28 21.00 7.26 -17.77
CA THR E 28 20.28 6.21 -17.01
C THR E 28 19.94 5.00 -17.87
N GLN E 29 19.35 3.98 -17.26
CA GLN E 29 18.83 2.78 -17.93
C GLN E 29 19.93 2.04 -18.65
N PHE E 30 21.13 2.00 -18.06
CA PHE E 30 22.23 1.26 -18.69
C PHE E 30 22.81 0.13 -17.86
N HIS E 31 23.33 -0.89 -18.54
CA HIS E 31 24.01 -2.03 -17.91
C HIS E 31 24.85 -2.66 -19.02
N PRO E 32 26.16 -2.91 -18.83
CA PRO E 32 26.90 -2.83 -17.57
C PRO E 32 27.37 -1.42 -17.22
N PRO E 33 27.94 -1.22 -16.02
CA PRO E 33 28.24 0.13 -15.53
C PRO E 33 29.39 0.87 -16.17
N HIS E 34 30.30 0.21 -16.89
CA HIS E 34 31.36 0.97 -17.58
C HIS E 34 30.72 1.86 -18.68
N ILE E 35 30.97 3.15 -18.58
CA ILE E 35 30.42 4.09 -19.51
C ILE E 35 31.30 5.34 -19.53
N GLU E 36 31.39 5.95 -20.71
CA GLU E 36 32.24 7.08 -20.97
C GLU E 36 31.29 8.19 -21.37
N ILE E 37 31.54 9.37 -20.82
CA ILE E 37 30.61 10.49 -20.89
C ILE E 37 31.42 11.77 -21.01
N GLN E 38 31.31 12.46 -22.14
CA GLN E 38 31.92 13.78 -22.33
C GLN E 38 30.83 14.84 -22.32
N MET E 39 31.25 16.08 -22.02
CA MET E 39 30.42 17.26 -22.12
C MET E 39 31.19 18.28 -22.97
N LEU E 40 30.52 18.85 -23.94
CA LEU E 40 31.15 19.57 -25.04
C LEU E 40 30.63 20.97 -25.10
N LYS E 41 31.52 21.98 -25.15
CA LYS E 41 31.09 23.40 -25.18
C LYS E 41 30.80 23.89 -26.59
N ASN E 42 31.56 23.40 -27.55
CA ASN E 42 31.32 23.68 -28.95
C ASN E 42 32.04 22.57 -29.70
N GLY E 43 31.47 21.36 -29.64
CA GLY E 43 32.10 20.13 -30.14
C GLY E 43 33.46 19.77 -29.53
N LYS E 44 33.79 20.43 -28.42
CA LYS E 44 35.13 20.52 -27.88
C LYS E 44 34.83 20.07 -26.43
N LYS E 45 35.51 19.00 -25.97
CA LYS E 45 35.65 18.57 -24.56
C LYS E 45 35.75 19.67 -23.49
N ILE E 46 34.88 19.61 -22.48
CA ILE E 46 35.02 20.44 -21.29
C ILE E 46 35.78 19.59 -20.27
N PRO E 47 36.87 20.12 -19.68
CA PRO E 47 37.72 19.28 -18.80
C PRO E 47 37.21 18.95 -17.37
N LYS E 48 37.06 19.96 -16.51
CA LYS E 48 36.58 19.76 -15.14
C LYS E 48 35.08 19.39 -15.09
N VAL E 49 34.82 18.10 -15.33
CA VAL E 49 33.48 17.51 -15.40
C VAL E 49 33.28 16.56 -14.21
N GLU E 50 32.39 16.96 -13.31
CA GLU E 50 32.10 16.19 -12.08
C GLU E 50 31.14 15.06 -12.42
N MET E 51 31.30 13.96 -11.66
CA MET E 51 30.56 12.71 -11.87
C MET E 51 30.03 12.22 -10.53
N SER E 52 28.71 12.00 -10.47
CA SER E 52 28.04 11.41 -9.31
C SER E 52 28.45 9.95 -9.16
N ASP E 53 28.21 9.37 -7.99
CA ASP E 53 28.66 7.99 -7.73
C ASP E 53 27.80 6.96 -8.43
N MET E 54 28.35 5.75 -8.57
CA MET E 54 27.65 4.66 -9.27
C MET E 54 26.53 4.14 -8.40
N SER E 55 25.37 4.01 -9.02
CA SER E 55 24.12 3.74 -8.34
C SER E 55 23.24 2.99 -9.32
N PHE E 56 22.53 1.96 -8.87
CA PHE E 56 21.57 1.28 -9.75
C PHE E 56 20.13 1.37 -9.23
N SER E 57 19.20 0.88 -10.03
CA SER E 57 17.76 1.00 -9.81
C SER E 57 17.14 -0.36 -9.49
N LYS E 58 15.83 -0.41 -9.22
CA LYS E 58 15.12 -1.68 -8.96
C LYS E 58 15.17 -2.69 -10.14
N ASP E 59 15.38 -2.19 -11.37
CA ASP E 59 15.58 -3.05 -12.55
C ASP E 59 17.02 -3.52 -12.75
N TRP E 60 17.92 -3.21 -11.80
CA TRP E 60 19.38 -3.48 -11.89
C TRP E 60 20.22 -2.48 -12.71
N SER E 61 19.60 -1.59 -13.48
CA SER E 61 20.37 -0.73 -14.37
C SER E 61 20.92 0.45 -13.63
N PHE E 62 21.98 1.02 -14.19
CA PHE E 62 22.76 2.03 -13.53
C PHE E 62 22.37 3.41 -14.01
N TYR E 63 22.62 4.41 -13.17
CA TYR E 63 22.40 5.79 -13.52
C TYR E 63 23.55 6.63 -12.99
N ILE E 64 23.62 7.88 -13.47
CA ILE E 64 24.77 8.73 -13.23
C ILE E 64 24.45 10.17 -13.66
N LEU E 65 24.95 11.15 -12.90
CA LEU E 65 24.77 12.58 -13.22
C LEU E 65 26.10 13.31 -13.41
N ALA E 66 26.39 13.64 -14.67
CA ALA E 66 27.58 14.39 -14.99
C ALA E 66 27.23 15.87 -15.00
N HIS E 67 28.08 16.70 -14.41
CA HIS E 67 27.87 18.14 -14.48
C HIS E 67 29.17 18.96 -14.48
N THR E 68 29.04 20.22 -14.93
CA THR E 68 30.13 21.15 -14.95
C THR E 68 29.66 22.60 -14.87
N GLU E 69 30.51 23.47 -14.36
CA GLU E 69 30.31 24.91 -14.46
C GLU E 69 30.20 25.28 -15.93
N PHE E 70 29.31 26.23 -16.25
CA PHE E 70 29.18 26.77 -17.60
C PHE E 70 28.38 28.06 -17.55
N THR E 71 28.74 29.03 -18.39
CA THR E 71 27.91 30.22 -18.57
C THR E 71 27.31 30.19 -19.97
N PRO E 72 25.98 30.16 -20.06
CA PRO E 72 25.36 30.19 -21.37
C PRO E 72 25.48 31.56 -22.00
N THR E 73 25.53 31.56 -23.33
CA THR E 73 25.57 32.77 -24.15
C THR E 73 24.64 32.49 -25.32
N GLU E 74 24.41 33.48 -26.17
CA GLU E 74 23.30 33.40 -27.14
C GLU E 74 23.56 32.40 -28.27
N THR E 75 24.83 32.18 -28.61
CA THR E 75 25.23 31.37 -29.77
C THR E 75 26.00 30.08 -29.46
N ASP E 76 26.71 30.02 -28.32
CA ASP E 76 27.43 28.79 -27.91
C ASP E 76 26.50 27.60 -27.79
N THR E 77 26.97 26.42 -28.21
CA THR E 77 26.18 25.20 -28.18
C THR E 77 26.86 24.12 -27.38
N TYR E 78 26.40 23.95 -26.15
CA TYR E 78 26.89 22.90 -25.25
C TYR E 78 26.21 21.59 -25.60
N ALA E 79 26.81 20.47 -25.23
CA ALA E 79 26.26 19.15 -25.57
C ALA E 79 26.88 18.07 -24.70
N CYS E 80 26.53 16.81 -24.95
CA CYS E 80 26.99 15.71 -24.13
C CYS E 80 27.05 14.50 -25.03
N ARG E 81 28.19 13.81 -25.01
CA ARG E 81 28.46 12.64 -25.85
C ARG E 81 28.64 11.46 -24.92
N VAL E 82 28.11 10.31 -25.32
CA VAL E 82 28.02 9.14 -24.46
C VAL E 82 28.52 7.93 -25.25
N LYS E 83 29.19 7.01 -24.57
CA LYS E 83 29.55 5.76 -25.21
C LYS E 83 29.50 4.63 -24.20
N HIS E 84 28.81 3.56 -24.62
CA HIS E 84 28.47 2.43 -23.79
C HIS E 84 28.36 1.20 -24.70
N ASP E 85 28.71 0.03 -24.18
CA ASP E 85 28.74 -1.19 -24.98
C ASP E 85 27.51 -1.55 -25.81
N SER E 86 26.32 -1.27 -25.29
CA SER E 86 25.07 -1.58 -25.99
C SER E 86 24.81 -0.69 -27.21
N MET E 87 25.44 0.49 -27.26
CA MET E 87 25.35 1.39 -28.41
C MET E 87 26.48 1.09 -29.40
N ALA E 88 26.11 0.79 -30.64
CA ALA E 88 27.08 0.63 -31.74
C ALA E 88 27.92 1.89 -31.96
N GLU E 89 27.29 3.06 -31.90
CA GLU E 89 27.99 4.36 -32.11
C GLU E 89 27.72 5.35 -30.96
N PRO E 90 28.69 6.22 -30.64
CA PRO E 90 28.40 7.26 -29.64
C PRO E 90 27.21 8.13 -30.02
N LYS E 91 26.45 8.54 -29.02
CA LYS E 91 25.28 9.36 -29.18
C LYS E 91 25.63 10.71 -28.60
N THR E 92 25.31 11.77 -29.33
CA THR E 92 25.45 13.15 -28.85
C THR E 92 24.06 13.72 -28.72
N VAL E 93 23.86 14.48 -27.65
CA VAL E 93 22.63 15.15 -27.40
C VAL E 93 22.99 16.56 -27.06
N TYR E 94 22.41 17.50 -27.79
CA TYR E 94 22.72 18.91 -27.62
C TYR E 94 21.75 19.49 -26.59
N TRP E 95 22.26 20.49 -25.85
CA TRP E 95 21.48 21.26 -24.88
C TRP E 95 20.42 22.08 -25.56
N ASP E 96 19.30 22.27 -24.88
CA ASP E 96 18.18 23.02 -25.40
C ASP E 96 17.58 23.81 -24.24
N ARG E 97 17.74 25.13 -24.29
CA ARG E 97 17.26 26.05 -23.22
C ARG E 97 15.76 25.94 -22.89
N ASP E 98 14.97 25.45 -23.84
CA ASP E 98 13.55 25.19 -23.65
C ASP E 98 13.22 23.75 -23.24
N MET E 99 14.22 22.90 -22.96
CA MET E 99 13.97 21.50 -22.56
C MET E 99 14.80 20.97 -21.38
N LYS F 1 21.84 -1.38 9.56
CA LYS F 1 23.04 -2.24 9.36
C LYS F 1 22.87 -3.19 8.18
N ALA F 2 23.98 -3.41 7.48
CA ALA F 2 23.98 -4.10 6.20
C ALA F 2 23.90 -5.60 6.33
N PRO F 3 23.37 -6.28 5.30
CA PRO F 3 23.36 -7.72 5.30
C PRO F 3 24.74 -8.32 5.03
N TYR F 4 24.79 -9.63 5.18
CA TYR F 4 26.01 -10.41 5.08
C TYR F 4 25.63 -11.79 4.55
N ASN F 5 26.28 -12.18 3.47
CA ASN F 5 26.00 -13.45 2.82
C ASN F 5 26.70 -14.60 3.55
N PHE F 6 26.33 -15.81 3.17
CA PHE F 6 26.81 -16.99 3.83
C PHE F 6 27.64 -17.74 2.80
N ALA F 7 27.28 -18.97 2.43
CA ALA F 7 28.01 -19.69 1.38
C ALA F 7 28.11 -18.87 0.13
N THR F 8 29.22 -19.05 -0.57
CA THR F 8 29.41 -18.41 -1.86
C THR F 8 28.51 -19.08 -2.88
N MET F 9 28.30 -18.37 -3.98
CA MET F 9 27.48 -18.87 -5.04
C MET F 9 28.10 -20.09 -5.68
N ASP G 7 -34.74 41.66 -4.53
CA ASP G 7 -33.80 41.08 -3.52
C ASP G 7 -32.61 40.35 -4.18
N GLN G 8 -32.60 39.00 -4.18
CA GLN G 8 -31.44 38.20 -4.60
C GLN G 8 -31.65 37.60 -6.00
N GLN G 9 -31.12 38.28 -7.01
CA GLN G 9 -31.17 37.79 -8.39
C GLN G 9 -30.11 36.70 -8.48
N GLN G 10 -30.50 35.45 -8.24
CA GLN G 10 -29.52 34.35 -8.28
C GLN G 10 -29.11 33.99 -9.71
N VAL G 11 -29.98 34.26 -10.68
CA VAL G 11 -29.67 34.03 -12.09
C VAL G 11 -30.16 35.24 -12.89
N ARG G 12 -29.22 35.97 -13.49
CA ARG G 12 -29.49 37.20 -14.20
C ARG G 12 -29.25 36.95 -15.68
N GLN G 13 -30.26 37.24 -16.49
CA GLN G 13 -30.26 36.89 -17.89
C GLN G 13 -30.33 38.18 -18.70
N SER G 14 -29.63 38.18 -19.82
CA SER G 14 -29.57 39.34 -20.68
C SER G 14 -29.38 38.91 -22.12
N PRO G 15 -29.98 39.61 -23.09
CA PRO G 15 -30.97 40.66 -22.87
C PRO G 15 -32.33 40.03 -22.58
N GLN G 16 -33.40 40.82 -22.72
CA GLN G 16 -34.74 40.37 -22.38
C GLN G 16 -35.40 39.87 -23.64
N SER G 17 -35.39 40.70 -24.69
CA SER G 17 -35.69 40.28 -26.06
C SER G 17 -34.52 40.57 -27.05
N LEU G 18 -34.33 39.63 -27.97
CA LEU G 18 -33.23 39.65 -28.92
C LEU G 18 -33.74 39.29 -30.32
N THR G 19 -33.75 40.24 -31.24
CA THR G 19 -34.15 39.93 -32.60
C THR G 19 -32.94 39.88 -33.52
N VAL G 20 -32.83 38.81 -34.30
CA VAL G 20 -31.73 38.64 -35.24
C VAL G 20 -32.18 38.07 -36.60
N TRP G 21 -31.40 38.42 -37.62
CA TRP G 21 -31.71 38.10 -38.99
C TRP G 21 -31.33 36.64 -39.20
N GLU G 22 -32.22 35.85 -39.80
CA GLU G 22 -31.95 34.45 -40.08
C GLU G 22 -30.54 34.25 -40.63
N GLY G 23 -29.87 33.21 -40.15
CA GLY G 23 -28.52 32.85 -40.59
C GLY G 23 -27.41 33.28 -39.64
N GLY G 24 -27.65 34.36 -38.88
CA GLY G 24 -26.70 34.84 -37.88
C GLY G 24 -26.38 33.83 -36.80
N THR G 25 -25.57 34.24 -35.83
CA THR G 25 -25.35 33.44 -34.63
C THR G 25 -25.97 34.26 -33.49
N THR G 26 -26.68 33.58 -32.60
CA THR G 26 -27.23 34.25 -31.45
C THR G 26 -26.33 33.95 -30.26
N VAL G 27 -26.18 34.95 -29.39
CA VAL G 27 -25.47 34.80 -28.16
C VAL G 27 -26.38 35.30 -27.03
N LEU G 28 -26.82 34.36 -26.19
CA LEU G 28 -27.51 34.66 -24.95
C LEU G 28 -26.49 34.54 -23.84
N THR G 29 -26.61 35.42 -22.85
CA THR G 29 -25.69 35.42 -21.71
C THR G 29 -26.46 35.34 -20.40
N CYS G 30 -25.71 34.93 -19.38
CA CYS G 30 -26.27 34.61 -18.10
C CYS G 30 -25.22 34.73 -17.00
N SER G 31 -25.58 35.37 -15.91
CA SER G 31 -24.73 35.40 -14.72
C SER G 31 -25.49 34.83 -13.50
N TYR G 32 -24.78 34.07 -12.68
CA TYR G 32 -25.32 33.53 -11.44
C TYR G 32 -24.50 34.07 -10.29
N GLU G 33 -25.13 34.21 -9.12
CA GLU G 33 -24.45 34.72 -7.93
C GLU G 33 -23.74 33.61 -7.16
N ASP G 34 -24.47 32.54 -6.82
CA ASP G 34 -23.93 31.47 -5.94
C ASP G 34 -22.83 30.65 -6.59
N SER G 35 -21.60 30.84 -6.10
CA SER G 35 -20.40 30.26 -6.70
C SER G 35 -20.34 28.76 -6.61
N THR G 36 -21.20 28.18 -5.76
CA THR G 36 -21.22 26.72 -5.53
C THR G 36 -22.04 25.99 -6.61
N PHE G 37 -22.94 26.69 -7.32
CA PHE G 37 -23.75 26.08 -8.37
C PHE G 37 -22.83 25.30 -9.29
N ASN G 38 -23.21 24.07 -9.61
CA ASN G 38 -22.38 23.16 -10.41
C ASN G 38 -23.19 22.31 -11.41
N TYR G 39 -24.34 22.80 -11.85
CA TYR G 39 -25.09 22.20 -12.96
C TYR G 39 -26.04 23.25 -13.50
N PHE G 40 -26.01 23.41 -14.82
CA PHE G 40 -26.70 24.49 -15.51
C PHE G 40 -27.39 23.93 -16.76
N PRO G 41 -28.70 23.68 -16.66
CA PRO G 41 -29.48 23.34 -17.85
C PRO G 41 -30.09 24.60 -18.48
N TRP G 42 -30.31 24.55 -19.78
CA TRP G 42 -31.01 25.60 -20.51
C TRP G 42 -32.30 25.02 -20.94
N TYR G 43 -33.37 25.79 -20.76
CA TYR G 43 -34.72 25.41 -21.16
C TYR G 43 -35.21 26.33 -22.26
N GLN G 44 -35.90 25.75 -23.25
CA GLN G 44 -36.33 26.45 -24.47
C GLN G 44 -37.83 26.40 -24.53
N GLN G 45 -38.47 27.57 -24.70
CA GLN G 45 -39.94 27.68 -24.66
C GLN G 45 -40.62 28.26 -25.93
N PHE G 46 -41.05 27.37 -26.83
CA PHE G 46 -41.81 27.79 -28.01
C PHE G 46 -43.18 28.37 -27.61
N PRO G 47 -43.65 29.43 -28.32
CA PRO G 47 -44.92 30.11 -27.99
C PRO G 47 -46.08 29.15 -27.90
N GLY G 48 -46.82 29.21 -26.80
CA GLY G 48 -47.95 28.29 -26.53
C GLY G 48 -47.57 26.92 -25.96
N GLU G 49 -46.32 26.48 -26.19
CA GLU G 49 -45.77 25.26 -25.61
C GLU G 49 -45.14 25.56 -24.23
N GLY G 50 -44.98 24.51 -23.43
CA GLY G 50 -44.25 24.62 -22.15
C GLY G 50 -42.73 24.54 -22.29
N PRO G 51 -41.99 25.03 -21.28
CA PRO G 51 -40.53 24.87 -21.37
C PRO G 51 -40.06 23.42 -21.48
N ALA G 52 -39.01 23.21 -22.24
CA ALA G 52 -38.42 21.91 -22.38
C ALA G 52 -36.93 22.07 -22.38
N LEU G 53 -36.25 21.05 -21.85
CA LEU G 53 -34.81 21.05 -21.68
C LEU G 53 -34.17 21.06 -23.04
N LEU G 54 -33.25 22.02 -23.25
CA LEU G 54 -32.50 22.18 -24.49
C LEU G 54 -31.15 21.46 -24.42
N ILE G 55 -30.32 21.82 -23.46
CA ILE G 55 -28.96 21.30 -23.32
C ILE G 55 -28.37 21.69 -21.96
N SER G 56 -27.43 20.91 -21.43
CA SER G 56 -26.86 21.23 -20.12
C SER G 56 -25.36 20.93 -19.94
N ILE G 57 -24.77 21.64 -18.98
CA ILE G 57 -23.35 21.54 -18.68
C ILE G 57 -23.09 21.56 -17.17
N LEU G 58 -22.07 20.82 -16.74
CA LEU G 58 -21.63 20.79 -15.34
C LEU G 58 -20.39 21.65 -15.16
N SER G 59 -20.22 22.23 -13.98
CA SER G 59 -19.01 22.98 -13.57
C SER G 59 -17.68 22.47 -14.12
N VAL G 60 -17.51 21.15 -14.06
CA VAL G 60 -16.27 20.48 -14.47
C VAL G 60 -15.88 20.71 -15.94
N SER G 61 -16.84 21.09 -16.80
CA SER G 61 -16.56 21.40 -18.23
C SER G 61 -16.65 22.90 -18.58
N ASP G 62 -16.10 23.26 -19.75
CA ASP G 62 -16.06 24.66 -20.27
C ASP G 62 -17.02 24.88 -21.43
N LYS G 63 -17.27 23.81 -22.20
CA LYS G 63 -18.26 23.88 -23.24
C LYS G 63 -18.98 22.54 -23.43
N LYS G 64 -20.26 22.62 -23.74
CA LYS G 64 -21.04 21.50 -24.20
C LYS G 64 -21.65 21.98 -25.48
N GLU G 65 -21.84 21.07 -26.45
CA GLU G 65 -22.35 21.40 -27.77
C GLU G 65 -23.20 20.26 -28.31
N ASP G 66 -24.47 20.55 -28.61
CA ASP G 66 -25.32 19.63 -29.38
C ASP G 66 -25.63 20.31 -30.72
N GLY G 67 -24.80 19.99 -31.73
CA GLY G 67 -24.97 20.43 -33.11
C GLY G 67 -24.83 21.92 -33.26
N ARG G 68 -25.98 22.58 -33.43
CA ARG G 68 -26.04 24.03 -33.62
C ARG G 68 -25.98 24.87 -32.33
N PHE G 69 -26.46 24.28 -31.25
CA PHE G 69 -26.48 24.95 -29.95
C PHE G 69 -25.21 24.56 -29.21
N THR G 70 -24.66 25.49 -28.43
CA THR G 70 -23.46 25.23 -27.65
C THR G 70 -23.34 26.22 -26.49
N THR G 71 -23.15 25.69 -25.28
CA THR G 71 -23.09 26.45 -24.02
C THR G 71 -21.66 26.65 -23.55
N PHE G 72 -21.41 27.80 -22.93
CA PHE G 72 -20.09 28.17 -22.43
C PHE G 72 -20.16 28.51 -20.97
N PHE G 73 -19.74 27.58 -20.13
CA PHE G 73 -19.54 27.85 -18.72
C PHE G 73 -18.18 28.50 -18.50
N ASN G 74 -18.13 29.34 -17.47
CA ASN G 74 -16.91 30.00 -17.04
C ASN G 74 -16.98 30.30 -15.54
N LYS G 75 -16.39 29.41 -14.75
CA LYS G 75 -16.49 29.46 -13.28
C LYS G 75 -15.95 30.75 -12.67
N ARG G 76 -14.88 31.31 -13.26
CA ARG G 76 -14.12 32.41 -12.65
C ARG G 76 -14.93 33.69 -12.69
N GLU G 77 -15.28 34.13 -13.90
CA GLU G 77 -16.12 35.32 -14.06
C GLU G 77 -17.57 35.03 -13.63
N LYS G 78 -17.88 33.74 -13.42
CA LYS G 78 -19.10 33.29 -12.74
C LYS G 78 -20.28 33.53 -13.66
N LYS G 79 -20.04 33.23 -14.93
CA LYS G 79 -21.00 33.52 -15.99
C LYS G 79 -21.05 32.38 -17.02
N LEU G 80 -22.20 32.31 -17.67
CA LEU G 80 -22.59 31.18 -18.49
C LEU G 80 -23.24 31.78 -19.73
N SER G 81 -23.17 31.09 -20.86
CA SER G 81 -23.74 31.64 -22.12
C SER G 81 -24.08 30.57 -23.16
N LEU G 82 -25.09 30.87 -23.98
CA LEU G 82 -25.58 29.97 -25.02
C LEU G 82 -25.37 30.59 -26.39
N HIS G 83 -24.83 29.81 -27.32
CA HIS G 83 -24.53 30.27 -28.67
C HIS G 83 -25.21 29.33 -29.66
N ILE G 84 -26.09 29.88 -30.49
CA ILE G 84 -26.72 29.13 -31.57
C ILE G 84 -26.10 29.65 -32.85
N ILE G 85 -25.71 28.74 -33.74
CA ILE G 85 -24.75 29.06 -34.82
C ILE G 85 -25.39 29.37 -36.19
N ASP G 86 -26.41 28.60 -36.57
CA ASP G 86 -27.11 28.84 -37.84
C ASP G 86 -28.53 29.24 -37.53
N SER G 87 -28.69 30.48 -37.07
CA SER G 87 -29.97 30.87 -36.50
C SER G 87 -31.12 30.78 -37.52
N GLN G 88 -31.91 29.70 -37.45
CA GLN G 88 -33.15 29.56 -38.25
C GLN G 88 -34.33 30.16 -37.51
N PRO G 89 -35.49 30.37 -38.18
CA PRO G 89 -36.68 30.86 -37.46
C PRO G 89 -37.34 29.82 -36.57
N GLY G 90 -37.13 28.53 -36.84
CA GLY G 90 -37.48 27.43 -35.93
C GLY G 90 -37.03 27.69 -34.50
N ASP G 91 -35.83 28.23 -34.37
CA ASP G 91 -35.25 28.65 -33.10
C ASP G 91 -35.91 29.83 -32.37
N SER G 92 -37.02 30.35 -32.87
CA SER G 92 -37.63 31.47 -32.19
C SER G 92 -38.42 30.97 -30.97
N ALA G 93 -38.05 31.45 -29.79
CA ALA G 93 -38.61 30.99 -28.52
C ALA G 93 -38.02 31.81 -27.38
N THR G 94 -38.50 31.57 -26.16
CA THR G 94 -37.89 32.13 -24.94
C THR G 94 -36.89 31.10 -24.42
N TYR G 95 -35.65 31.55 -24.17
CA TYR G 95 -34.58 30.66 -23.69
C TYR G 95 -34.31 31.01 -22.27
N PHE G 96 -34.27 29.95 -21.44
CA PHE G 96 -34.23 30.07 -19.99
C PHE G 96 -32.95 29.45 -19.52
N CYS G 97 -32.24 30.21 -18.72
CA CYS G 97 -30.98 29.85 -18.14
C CYS G 97 -31.28 29.33 -16.73
N ALA G 98 -30.66 28.22 -16.34
CA ALA G 98 -30.86 27.72 -14.99
C ALA G 98 -29.59 27.26 -14.30
N ALA G 99 -29.61 27.31 -12.97
CA ALA G 99 -28.51 26.86 -12.13
C ALA G 99 -29.01 26.24 -10.83
N LEU G 100 -28.23 25.28 -10.32
CA LEU G 100 -28.48 24.68 -9.02
C LEU G 100 -27.21 24.02 -8.48
N TYR G 101 -27.13 23.87 -7.16
CA TYR G 101 -26.11 23.03 -6.52
C TYR G 101 -26.68 21.62 -6.20
N GLY G 102 -25.84 20.59 -6.36
CA GLY G 102 -26.10 19.27 -5.82
C GLY G 102 -27.38 18.63 -6.35
N ASN G 103 -28.38 18.54 -5.47
CA ASN G 103 -29.74 18.11 -5.79
C ASN G 103 -30.74 19.14 -5.29
N GLU G 104 -30.32 20.37 -5.14
CA GLU G 104 -31.23 21.40 -4.74
C GLU G 104 -32.16 21.67 -5.94
N LYS G 105 -33.14 22.51 -5.74
CA LYS G 105 -34.14 22.71 -6.76
C LYS G 105 -33.62 23.72 -7.73
N ILE G 106 -34.10 23.59 -8.96
CA ILE G 106 -33.65 24.40 -10.06
C ILE G 106 -34.11 25.84 -9.83
N THR G 107 -33.28 26.76 -10.28
CA THR G 107 -33.51 28.18 -10.19
C THR G 107 -33.41 28.71 -11.60
N PHE G 108 -34.50 29.24 -12.13
CA PHE G 108 -34.51 29.76 -13.48
C PHE G 108 -34.22 31.26 -13.53
N GLY G 109 -33.72 31.69 -14.68
CA GLY G 109 -33.65 33.12 -14.99
C GLY G 109 -35.02 33.68 -15.37
N ALA G 110 -35.01 34.93 -15.80
CA ALA G 110 -36.22 35.58 -16.31
C ALA G 110 -36.45 35.23 -17.78
N GLY G 111 -35.43 34.71 -18.44
CA GLY G 111 -35.55 34.19 -19.81
C GLY G 111 -35.36 35.26 -20.86
N THR G 112 -34.64 34.95 -21.93
CA THR G 112 -34.45 35.88 -23.04
C THR G 112 -35.31 35.46 -24.22
N LYS G 113 -36.19 36.35 -24.69
CA LYS G 113 -37.06 36.07 -25.86
C LYS G 113 -36.34 36.29 -27.20
N LEU G 114 -36.15 35.22 -27.95
CA LEU G 114 -35.39 35.28 -29.18
C LEU G 114 -36.35 35.15 -30.34
N THR G 115 -36.37 36.18 -31.18
CA THR G 115 -37.05 36.17 -32.47
C THR G 115 -35.94 36.09 -33.54
N ILE G 116 -35.96 35.02 -34.33
CA ILE G 116 -35.09 34.93 -35.50
C ILE G 116 -35.95 35.34 -36.69
N LYS G 117 -35.72 36.55 -37.20
CA LYS G 117 -36.46 37.09 -38.34
C LYS G 117 -36.07 36.37 -39.64
N PRO G 118 -37.06 35.97 -40.46
CA PRO G 118 -36.75 35.10 -41.62
C PRO G 118 -36.26 35.84 -42.86
N ASN G 119 -35.37 35.19 -43.62
CA ASN G 119 -34.72 35.75 -44.82
C ASN G 119 -35.57 36.60 -45.80
N ILE G 120 -36.79 36.15 -46.09
CA ILE G 120 -37.75 36.69 -47.12
C ILE G 120 -37.64 35.89 -48.44
N ALA H 1 -45.98 12.43 -20.16
CA ALA H 1 -46.87 13.54 -20.64
C ALA H 1 -47.41 14.31 -19.43
N VAL H 2 -47.41 15.63 -19.52
CA VAL H 2 -47.94 16.49 -18.47
C VAL H 2 -48.99 17.32 -19.15
N THR H 3 -50.19 17.30 -18.57
CA THR H 3 -51.39 17.84 -19.24
C THR H 3 -52.24 18.62 -18.22
N GLN H 4 -52.33 19.93 -18.43
CA GLN H 4 -53.06 20.84 -17.53
C GLN H 4 -54.47 21.09 -18.05
N SER H 5 -55.31 21.62 -17.16
CA SER H 5 -56.66 22.04 -17.51
C SER H 5 -57.15 22.95 -16.39
N PRO H 6 -57.92 23.99 -16.68
CA PRO H 6 -58.29 24.42 -18.00
C PRO H 6 -57.10 25.09 -18.71
N ARG H 7 -57.18 25.22 -20.03
CA ARG H 7 -56.11 25.86 -20.80
C ARG H 7 -56.19 27.38 -20.75
N SER H 8 -57.34 27.90 -20.36
CA SER H 8 -57.58 29.33 -20.23
C SER H 8 -58.65 29.56 -19.19
N LYS H 9 -58.62 30.72 -18.55
CA LYS H 9 -59.59 31.00 -17.51
C LYS H 9 -59.70 32.50 -17.23
N VAL H 10 -60.93 32.98 -17.20
CA VAL H 10 -61.23 34.35 -16.84
C VAL H 10 -61.92 34.27 -15.47
N ALA H 11 -61.62 35.24 -14.59
CA ALA H 11 -62.19 35.28 -13.25
C ALA H 11 -62.35 36.70 -12.76
N VAL H 12 -63.25 36.86 -11.77
CA VAL H 12 -63.57 38.15 -11.14
C VAL H 12 -62.81 38.29 -9.82
N THR H 13 -62.38 39.51 -9.44
CA THR H 13 -61.53 39.65 -8.23
C THR H 13 -62.28 39.25 -6.95
N GLY H 14 -61.81 38.18 -6.31
CA GLY H 14 -62.50 37.58 -5.17
C GLY H 14 -63.09 36.20 -5.46
N GLY H 15 -63.17 35.80 -6.72
CA GLY H 15 -63.62 34.45 -7.06
C GLY H 15 -62.68 33.33 -6.64
N LYS H 16 -63.23 32.12 -6.59
CA LYS H 16 -62.43 30.93 -6.39
C LYS H 16 -62.06 30.39 -7.75
N VAL H 17 -60.75 30.18 -7.96
CA VAL H 17 -60.22 29.61 -9.21
C VAL H 17 -59.38 28.40 -8.84
N THR H 18 -59.43 27.36 -9.66
CA THR H 18 -58.70 26.13 -9.36
C THR H 18 -58.05 25.48 -10.60
N LEU H 19 -56.72 25.63 -10.70
CA LEU H 19 -55.95 25.03 -11.82
C LEU H 19 -55.61 23.60 -11.45
N SER H 20 -55.67 22.71 -12.44
CA SER H 20 -55.48 21.27 -12.26
C SER H 20 -54.36 20.80 -13.15
N CYS H 21 -53.70 19.71 -12.77
CA CYS H 21 -52.65 19.11 -13.59
C CYS H 21 -52.74 17.61 -13.45
N HIS H 22 -52.49 16.91 -14.54
CA HIS H 22 -52.36 15.46 -14.53
C HIS H 22 -51.04 15.11 -15.23
N GLN H 23 -50.43 14.00 -14.86
CA GLN H 23 -49.23 13.51 -15.53
C GLN H 23 -49.16 12.01 -15.45
N THR H 24 -48.61 11.41 -16.50
CA THR H 24 -48.51 9.95 -16.59
C THR H 24 -47.07 9.56 -16.79
N ASN H 25 -46.17 10.19 -16.03
CA ASN H 25 -44.74 9.83 -16.00
C ASN H 25 -44.36 8.97 -14.81
N ASN H 26 -45.35 8.72 -13.93
CA ASN H 26 -45.16 8.12 -12.63
C ASN H 26 -44.02 8.84 -11.89
N HIS H 27 -44.13 10.17 -11.82
CA HIS H 27 -43.18 10.98 -11.08
C HIS H 27 -43.73 11.37 -9.75
N ASP H 28 -42.83 11.54 -8.78
CA ASP H 28 -43.23 11.89 -7.45
C ASP H 28 -43.22 13.36 -7.25
N TYR H 29 -42.28 14.05 -7.88
CA TYR H 29 -42.20 15.50 -7.71
C TYR H 29 -43.10 16.20 -8.75
N MET H 30 -43.93 17.13 -8.32
CA MET H 30 -44.75 17.89 -9.22
C MET H 30 -44.67 19.34 -8.74
N TYR H 31 -44.91 20.30 -9.65
CA TYR H 31 -44.58 21.69 -9.42
C TYR H 31 -45.62 22.60 -10.05
N TRP H 32 -45.84 23.77 -9.47
CA TRP H 32 -46.63 24.80 -10.10
C TRP H 32 -45.77 26.01 -10.20
N TYR H 33 -45.67 26.53 -11.42
CA TYR H 33 -44.75 27.58 -11.77
C TYR H 33 -45.59 28.73 -12.30
N ARG H 34 -45.06 29.93 -12.11
CA ARG H 34 -45.75 31.10 -12.58
C ARG H 34 -44.85 31.84 -13.54
N GLN H 35 -45.40 32.14 -14.71
CA GLN H 35 -44.78 33.05 -15.66
C GLN H 35 -45.60 34.32 -15.81
N ASP H 36 -44.91 35.44 -15.98
CA ASP H 36 -45.55 36.76 -16.10
C ASP H 36 -45.14 37.46 -17.38
N THR H 37 -46.04 37.40 -18.37
CA THR H 37 -45.88 38.01 -19.69
C THR H 37 -44.67 37.44 -20.44
N GLY H 38 -44.52 36.12 -20.39
CA GLY H 38 -43.45 35.40 -21.12
C GLY H 38 -42.12 35.29 -20.43
N HIS H 39 -41.91 36.09 -19.37
CA HIS H 39 -40.70 36.10 -18.55
C HIS H 39 -40.96 35.43 -17.17
N GLY H 40 -39.93 34.75 -16.68
CA GLY H 40 -39.93 34.20 -15.31
C GLY H 40 -40.50 32.80 -15.20
N LEU H 41 -39.91 31.99 -14.33
CA LEU H 41 -40.50 30.72 -13.92
C LEU H 41 -40.33 30.54 -12.42
N ARG H 42 -41.08 31.34 -11.67
CA ARG H 42 -41.09 31.34 -10.20
C ARG H 42 -41.97 30.24 -9.58
N LEU H 43 -41.38 29.44 -8.71
CA LEU H 43 -42.08 28.32 -8.06
C LEU H 43 -43.07 28.78 -6.99
N ILE H 44 -44.30 28.31 -7.04
CA ILE H 44 -45.36 28.70 -6.10
C ILE H 44 -45.53 27.66 -4.99
N HIS H 45 -45.82 26.42 -5.41
CA HIS H 45 -45.84 25.25 -4.52
C HIS H 45 -45.40 24.01 -5.30
N TYR H 46 -44.81 23.07 -4.61
CA TYR H 46 -44.51 21.78 -5.19
C TYR H 46 -44.92 20.63 -4.24
N SER H 47 -44.60 19.40 -4.63
CA SER H 47 -44.89 18.23 -3.84
C SER H 47 -44.10 17.00 -4.30
N TYR H 48 -43.52 16.30 -3.32
CA TYR H 48 -42.78 15.04 -3.57
C TYR H 48 -43.51 13.74 -3.17
N VAL H 49 -44.77 13.84 -2.75
CA VAL H 49 -45.68 12.72 -2.55
C VAL H 49 -47.06 13.24 -2.13
N ALA H 50 -48.12 12.50 -2.44
CA ALA H 50 -49.44 12.78 -1.88
C ALA H 50 -49.42 12.26 -0.46
N ASP H 51 -50.16 12.85 0.47
CA ASP H 51 -51.08 13.95 0.27
C ASP H 51 -50.44 15.14 0.95
N SER H 52 -49.21 15.46 0.57
CA SER H 52 -48.47 16.60 1.16
C SER H 52 -48.05 17.55 0.06
N THR H 53 -47.90 18.83 0.40
CA THR H 53 -47.33 19.82 -0.50
C THR H 53 -46.42 20.74 0.26
N GLU H 54 -45.52 21.43 -0.43
CA GLU H 54 -44.52 22.22 0.25
C GLU H 54 -44.48 23.62 -0.34
N LYS H 55 -44.05 24.60 0.46
CA LYS H 55 -44.01 25.98 -0.03
C LYS H 55 -42.88 26.19 -1.01
N GLY H 56 -43.16 27.03 -2.01
CA GLY H 56 -42.19 27.44 -3.00
C GLY H 56 -41.75 28.85 -2.72
N ASP H 57 -41.25 29.53 -3.75
CA ASP H 57 -40.76 30.89 -3.60
C ASP H 57 -41.87 31.93 -3.52
N ILE H 58 -43.02 31.69 -4.17
CA ILE H 58 -44.13 32.65 -4.29
C ILE H 58 -45.46 32.01 -3.84
N PRO H 59 -45.54 31.60 -2.57
CA PRO H 59 -46.74 30.88 -2.17
C PRO H 59 -47.93 31.77 -1.78
N ASP H 60 -47.69 33.06 -1.48
CA ASP H 60 -48.73 33.94 -0.91
C ASP H 60 -49.92 34.14 -1.87
N GLY H 61 -51.13 33.89 -1.34
CA GLY H 61 -52.37 33.89 -2.11
C GLY H 61 -52.68 32.58 -2.84
N TYR H 62 -51.83 31.57 -2.68
CA TYR H 62 -51.97 30.31 -3.43
C TYR H 62 -51.94 29.14 -2.46
N LYS H 63 -52.60 28.05 -2.85
CA LYS H 63 -52.63 26.82 -2.06
C LYS H 63 -52.63 25.65 -3.03
N ALA H 64 -51.80 24.65 -2.76
CA ALA H 64 -51.66 23.48 -3.63
C ALA H 64 -52.32 22.26 -3.02
N SER H 65 -52.48 21.19 -3.82
CA SER H 65 -53.11 19.97 -3.34
C SER H 65 -52.83 18.77 -4.23
N ARG H 66 -52.38 17.69 -3.61
CA ARG H 66 -51.89 16.52 -4.29
C ARG H 66 -52.74 15.33 -3.85
N PRO H 67 -53.89 15.10 -4.50
CA PRO H 67 -54.70 13.91 -4.15
C PRO H 67 -54.05 12.58 -4.57
N SER H 68 -53.77 12.41 -5.85
CA SER H 68 -53.12 11.20 -6.33
C SER H 68 -51.62 11.48 -6.43
N GLN H 69 -50.83 10.48 -6.85
CA GLN H 69 -49.50 10.75 -7.40
C GLN H 69 -49.60 11.35 -8.79
N GLU H 70 -50.67 11.02 -9.50
CA GLU H 70 -50.88 11.50 -10.86
C GLU H 70 -51.34 12.95 -10.93
N ASN H 71 -52.00 13.49 -9.89
CA ASN H 71 -52.70 14.79 -10.01
C ASN H 71 -52.27 15.80 -9.00
N PHE H 72 -52.27 17.07 -9.40
CA PHE H 72 -51.74 18.15 -8.58
C PHE H 72 -52.49 19.40 -8.95
N SER H 73 -52.85 20.18 -7.95
CA SER H 73 -53.81 21.26 -8.15
C SER H 73 -53.37 22.49 -7.37
N LEU H 74 -53.48 23.64 -8.02
CA LEU H 74 -53.23 24.93 -7.42
C LEU H 74 -54.58 25.60 -7.32
N ILE H 75 -54.80 26.33 -6.22
CA ILE H 75 -56.12 26.84 -5.85
C ILE H 75 -55.98 28.26 -5.37
N LEU H 76 -56.79 29.16 -5.94
CA LEU H 76 -56.85 30.55 -5.51
C LEU H 76 -58.20 30.73 -4.85
N GLU H 77 -58.20 31.07 -3.55
CA GLU H 77 -59.42 31.16 -2.72
C GLU H 77 -60.18 32.45 -3.00
N LEU H 78 -59.44 33.56 -3.03
CA LEU H 78 -59.93 34.85 -3.53
C LEU H 78 -58.95 35.41 -4.57
N ALA H 79 -59.27 35.19 -5.86
CA ALA H 79 -58.45 35.70 -6.96
C ALA H 79 -58.25 37.23 -6.89
N SER H 80 -57.00 37.69 -6.91
CA SER H 80 -56.70 39.11 -7.07
C SER H 80 -56.30 39.41 -8.51
N LEU H 81 -56.24 40.69 -8.84
CA LEU H 81 -55.76 41.15 -10.15
C LEU H 81 -54.30 40.78 -10.37
N SER H 82 -53.50 40.83 -9.31
CA SER H 82 -52.07 40.48 -9.38
C SER H 82 -51.77 38.99 -9.68
N GLN H 83 -52.78 38.12 -9.63
CA GLN H 83 -52.60 36.69 -9.99
C GLN H 83 -53.00 36.40 -11.45
N THR H 84 -52.93 37.43 -12.29
CA THR H 84 -53.17 37.32 -13.71
C THR H 84 -51.77 37.08 -14.31
N ALA H 85 -51.63 35.95 -15.01
CA ALA H 85 -50.33 35.37 -15.35
C ALA H 85 -50.61 34.05 -16.05
N VAL H 86 -49.55 33.38 -16.51
CA VAL H 86 -49.69 32.04 -17.04
C VAL H 86 -49.07 31.09 -16.04
N TYR H 87 -49.64 29.89 -15.93
CA TYR H 87 -49.21 28.91 -14.93
C TYR H 87 -48.79 27.62 -15.61
N PHE H 88 -47.69 27.06 -15.12
CA PHE H 88 -47.17 25.81 -15.60
C PHE H 88 -47.04 24.81 -14.47
N CYS H 89 -47.52 23.61 -14.77
CA CYS H 89 -47.29 22.45 -13.96
C CYS H 89 -46.00 21.85 -14.48
N ALA H 90 -45.31 21.09 -13.64
CA ALA H 90 -44.22 20.23 -14.13
C ALA H 90 -44.13 18.94 -13.32
N SER H 91 -43.46 17.94 -13.87
CA SER H 91 -43.08 16.76 -13.07
C SER H 91 -41.58 16.42 -13.28
N SER H 92 -41.07 15.56 -12.39
CA SER H 92 -39.67 15.12 -12.36
C SER H 92 -39.49 13.94 -11.42
N ASP H 93 -38.53 13.07 -11.72
CA ASP H 93 -38.21 11.93 -10.87
C ASP H 93 -37.56 12.55 -9.66
N ALA H 94 -37.58 11.83 -8.53
CA ALA H 94 -36.87 12.25 -7.33
C ALA H 94 -35.38 12.14 -7.57
N GLY H 95 -34.60 12.73 -6.68
CA GLY H 95 -33.16 12.81 -6.81
C GLY H 95 -32.77 14.10 -7.48
N GLY H 96 -31.47 14.28 -7.68
CA GLY H 96 -30.93 15.52 -8.21
C GLY H 96 -30.93 15.65 -9.73
N ARG H 97 -31.01 16.88 -10.20
CA ARG H 97 -30.77 17.19 -11.61
C ARG H 97 -31.63 16.46 -12.65
N ASN H 98 -32.76 15.89 -12.23
CA ASN H 98 -33.64 15.23 -13.14
C ASN H 98 -34.33 16.31 -13.90
N THR H 99 -34.73 16.03 -15.14
CA THR H 99 -35.23 17.10 -16.03
C THR H 99 -36.71 17.40 -15.69
N LEU H 100 -37.07 18.67 -15.63
CA LEU H 100 -38.47 19.01 -15.44
C LEU H 100 -39.19 18.79 -16.75
N TYR H 101 -40.28 18.02 -16.71
CA TYR H 101 -41.16 17.91 -17.85
C TYR H 101 -42.37 18.78 -17.54
N PHE H 102 -42.62 19.78 -18.37
CA PHE H 102 -43.63 20.84 -18.10
C PHE H 102 -44.86 20.65 -18.90
N GLY H 103 -46.01 21.01 -18.34
CA GLY H 103 -47.23 21.05 -19.12
C GLY H 103 -47.23 22.19 -20.12
N ALA H 104 -48.25 22.19 -20.99
CA ALA H 104 -48.32 23.13 -22.10
C ALA H 104 -48.82 24.52 -21.73
N GLY H 105 -49.34 24.72 -20.53
CA GLY H 105 -49.67 26.05 -20.02
C GLY H 105 -51.16 26.29 -19.76
N THR H 106 -51.43 27.20 -18.83
CA THR H 106 -52.77 27.62 -18.47
C THR H 106 -52.75 29.15 -18.30
N ARG H 107 -53.56 29.84 -19.11
CA ARG H 107 -53.63 31.30 -19.08
C ARG H 107 -54.77 31.72 -18.13
N LEU H 108 -54.49 32.70 -17.28
CA LEU H 108 -55.48 33.18 -16.32
C LEU H 108 -55.56 34.70 -16.34
N SER H 109 -56.71 35.22 -16.76
CA SER H 109 -57.00 36.65 -16.63
C SER H 109 -57.90 36.87 -15.43
N VAL H 110 -57.54 37.84 -14.58
CA VAL H 110 -58.35 38.24 -13.45
C VAL H 110 -58.72 39.69 -13.62
N LEU H 111 -60.02 39.97 -13.49
CA LEU H 111 -60.61 41.24 -13.89
C LEU H 111 -61.51 41.82 -12.79
N GLU H 112 -61.51 43.15 -12.69
CA GLU H 112 -62.35 43.89 -11.73
C GLU H 112 -63.81 43.47 -11.96
N ASP H 113 -64.29 43.70 -13.19
CA ASP H 113 -65.65 43.33 -13.61
C ASP H 113 -65.61 42.66 -14.97
N LEU H 114 -66.70 42.01 -15.33
CA LEU H 114 -66.77 41.29 -16.60
C LEU H 114 -67.55 42.08 -17.64
N ARG H 115 -67.32 43.39 -17.69
CA ARG H 115 -68.07 44.24 -18.61
C ARG H 115 -67.35 44.35 -19.94
N ASN H 116 -66.06 44.64 -19.90
CA ASN H 116 -65.30 44.77 -21.15
C ASN H 116 -65.08 43.48 -21.94
N VAL H 117 -65.48 42.33 -21.39
CA VAL H 117 -65.37 41.06 -22.09
C VAL H 117 -66.21 41.10 -23.39
N THR H 118 -65.60 40.70 -24.50
CA THR H 118 -66.26 40.72 -25.80
C THR H 118 -65.74 39.58 -26.68
N PRO H 119 -66.63 38.78 -27.28
CA PRO H 119 -66.17 37.70 -28.16
C PRO H 119 -65.73 38.22 -29.52
N PRO H 120 -64.98 37.40 -30.28
CA PRO H 120 -64.36 37.91 -31.51
C PRO H 120 -65.32 38.01 -32.69
N LYS H 121 -65.01 38.90 -33.64
CA LYS H 121 -65.73 38.98 -34.93
C LYS H 121 -64.84 38.27 -35.94
N VAL H 122 -65.37 37.22 -36.55
CA VAL H 122 -64.58 36.35 -37.38
C VAL H 122 -64.83 36.64 -38.87
N SER H 123 -63.72 36.93 -39.57
CA SER H 123 -63.72 37.30 -40.97
C SER H 123 -62.95 36.22 -41.74
N LEU H 124 -63.47 35.84 -42.90
CA LEU H 124 -62.74 34.97 -43.83
C LEU H 124 -62.53 35.66 -45.18
N PHE H 125 -61.26 35.92 -45.51
CA PHE H 125 -60.87 36.55 -46.76
C PHE H 125 -60.47 35.45 -47.73
N GLU H 126 -60.93 35.57 -48.99
CA GLU H 126 -60.71 34.54 -50.02
C GLU H 126 -59.40 34.88 -50.69
N PRO H 127 -58.72 33.85 -51.23
CA PRO H 127 -57.32 34.03 -51.57
C PRO H 127 -57.15 34.94 -52.75
N SER H 128 -56.07 35.70 -52.75
CA SER H 128 -55.84 36.72 -53.75
C SER H 128 -55.74 36.07 -55.14
N LYS H 129 -56.51 36.63 -56.07
CA LYS H 129 -56.58 36.12 -57.45
C LYS H 129 -55.35 36.52 -58.27
N ALA H 130 -54.56 37.47 -57.77
CA ALA H 130 -53.20 37.69 -58.25
C ALA H 130 -52.29 36.49 -57.91
N GLU H 131 -52.38 35.98 -56.68
CA GLU H 131 -51.63 34.77 -56.26
C GLU H 131 -52.12 33.47 -56.91
N ILE H 132 -53.43 33.36 -57.17
CA ILE H 132 -53.97 32.12 -57.74
C ILE H 132 -53.41 31.88 -59.14
N ALA H 133 -53.29 32.95 -59.93
CA ALA H 133 -52.69 32.87 -61.26
C ALA H 133 -51.16 32.84 -61.25
N ASN H 134 -50.56 33.66 -60.38
CA ASN H 134 -49.10 33.76 -60.24
C ASN H 134 -48.20 32.62 -59.68
N LYS H 135 -48.39 32.25 -58.42
CA LYS H 135 -47.63 31.11 -57.85
C LYS H 135 -48.42 29.80 -57.82
N GLN H 136 -49.70 29.84 -58.19
CA GLN H 136 -50.60 28.67 -58.15
C GLN H 136 -50.84 28.10 -56.75
N LYS H 137 -51.13 29.02 -55.81
CA LYS H 137 -51.47 28.69 -54.42
C LYS H 137 -52.43 29.71 -53.78
N ALA H 138 -53.31 29.19 -52.94
CA ALA H 138 -54.40 29.95 -52.37
C ALA H 138 -54.24 30.06 -50.86
N THR H 139 -53.99 31.29 -50.40
CA THR H 139 -53.89 31.60 -48.98
C THR H 139 -55.23 32.13 -48.49
N LEU H 140 -56.03 31.24 -47.88
CA LEU H 140 -57.27 31.66 -47.20
C LEU H 140 -56.90 32.31 -45.87
N VAL H 141 -57.06 33.62 -45.76
CA VAL H 141 -56.76 34.32 -44.52
C VAL H 141 -58.01 34.26 -43.64
N CYS H 142 -57.79 34.14 -42.34
CA CYS H 142 -58.85 34.33 -41.36
C CYS H 142 -58.40 35.30 -40.30
N LEU H 143 -59.34 36.08 -39.80
CA LEU H 143 -59.04 37.12 -38.84
C LEU H 143 -60.08 37.09 -37.75
N ALA H 144 -59.60 37.03 -36.51
CA ALA H 144 -60.40 37.22 -35.31
C ALA H 144 -60.01 38.57 -34.76
N ARG H 145 -60.98 39.34 -34.29
CA ARG H 145 -60.76 40.73 -34.06
C ARG H 145 -61.81 41.30 -33.17
N GLY H 146 -61.37 42.19 -32.28
CA GLY H 146 -62.23 42.92 -31.39
C GLY H 146 -62.70 42.11 -30.20
N PHE H 147 -61.80 41.29 -29.68
CA PHE H 147 -62.12 40.43 -28.56
C PHE H 147 -61.33 40.88 -27.36
N PHE H 148 -61.79 40.48 -26.17
CA PHE H 148 -61.10 40.80 -24.93
C PHE H 148 -61.49 39.80 -23.86
N PRO H 149 -60.53 39.29 -23.09
CA PRO H 149 -59.09 39.43 -23.32
C PRO H 149 -58.61 38.29 -24.25
N ASP H 150 -57.31 38.24 -24.56
CA ASP H 150 -56.80 37.22 -25.51
C ASP H 150 -56.80 35.82 -24.90
N HIS H 151 -57.97 35.18 -25.01
CA HIS H 151 -58.19 33.80 -24.62
C HIS H 151 -58.95 33.11 -25.79
N VAL H 152 -58.33 33.06 -26.97
CA VAL H 152 -58.94 32.50 -28.20
C VAL H 152 -58.16 31.35 -28.86
N GLU H 153 -58.83 30.21 -29.03
CA GLU H 153 -58.23 29.01 -29.66
C GLU H 153 -58.73 28.89 -31.10
N LEU H 154 -57.84 29.15 -32.06
CA LEU H 154 -58.21 29.17 -33.49
C LEU H 154 -57.73 27.93 -34.21
N SER H 155 -58.66 27.07 -34.62
CA SER H 155 -58.38 25.93 -35.47
C SER H 155 -59.01 26.14 -36.84
N TRP H 156 -58.34 25.62 -37.86
CA TRP H 156 -58.96 25.43 -39.16
C TRP H 156 -59.69 24.08 -39.18
N TRP H 157 -60.70 23.99 -40.04
CA TRP H 157 -61.44 22.77 -40.31
C TRP H 157 -61.78 22.78 -41.80
N VAL H 158 -61.91 21.62 -42.43
CA VAL H 158 -62.15 21.52 -43.87
C VAL H 158 -63.44 20.91 -44.47
N ASN H 159 -63.47 19.61 -44.79
CA ASN H 159 -64.68 18.78 -44.92
C ASN H 159 -65.18 18.17 -43.60
N GLY H 160 -64.38 18.27 -42.54
CA GLY H 160 -64.76 17.76 -41.22
C GLY H 160 -63.55 17.78 -40.29
N LYS H 161 -62.51 17.03 -40.67
CA LYS H 161 -61.26 16.97 -39.91
C LYS H 161 -60.37 18.16 -40.25
N GLU H 162 -59.21 18.24 -39.58
CA GLU H 162 -58.22 19.30 -39.78
C GLU H 162 -56.83 18.67 -40.02
N VAL H 163 -56.05 19.28 -40.92
CA VAL H 163 -54.75 18.73 -41.35
C VAL H 163 -53.59 19.06 -40.39
N HIS H 164 -53.57 20.28 -39.84
CA HIS H 164 -52.44 20.85 -39.06
C HIS H 164 -51.15 21.21 -39.87
N SER H 165 -51.08 20.80 -41.14
CA SER H 165 -49.99 21.12 -42.05
C SER H 165 -50.58 22.13 -43.06
N GLY H 166 -49.95 23.29 -43.17
CA GLY H 166 -50.46 24.40 -43.97
C GLY H 166 -50.91 25.62 -43.16
N VAL H 167 -50.88 25.53 -41.83
CA VAL H 167 -51.39 26.58 -40.94
C VAL H 167 -50.28 27.51 -40.46
N CYS H 168 -50.33 28.79 -40.85
CA CYS H 168 -49.41 29.80 -40.35
C CYS H 168 -50.23 30.72 -39.43
N THR H 169 -50.70 30.15 -38.32
CA THR H 169 -51.54 30.85 -37.32
C THR H 169 -50.67 31.65 -36.31
N ASP H 170 -50.93 32.96 -36.20
CA ASP H 170 -50.11 33.90 -35.42
C ASP H 170 -49.74 33.41 -34.01
N PRO H 171 -48.52 33.72 -33.55
CA PRO H 171 -48.16 33.38 -32.17
C PRO H 171 -48.90 34.22 -31.11
N GLN H 172 -48.80 35.54 -31.27
CA GLN H 172 -49.28 36.49 -30.27
C GLN H 172 -50.53 37.15 -30.84
N ALA H 173 -51.45 37.53 -29.96
CA ALA H 173 -52.54 38.41 -30.36
C ALA H 173 -51.96 39.81 -30.51
N TYR H 174 -52.67 40.70 -31.20
CA TYR H 174 -52.25 42.10 -31.35
C TYR H 174 -53.17 43.02 -30.55
N LYS H 175 -52.58 44.00 -29.86
CA LYS H 175 -53.34 44.91 -29.01
C LYS H 175 -53.84 46.14 -29.78
N GLU H 176 -54.81 45.92 -30.68
CA GLU H 176 -55.36 47.00 -31.54
C GLU H 176 -56.07 48.14 -30.75
N SER H 177 -56.37 47.89 -29.48
CA SER H 177 -56.75 48.96 -28.53
C SER H 177 -56.54 48.46 -27.10
N ASN H 178 -56.93 49.27 -26.11
CA ASN H 178 -56.68 48.93 -24.72
C ASN H 178 -57.53 47.74 -24.23
N TYR H 179 -58.82 47.73 -24.60
CA TYR H 179 -59.74 46.59 -24.33
C TYR H 179 -60.10 45.80 -25.60
N SER H 180 -59.18 45.73 -26.57
CA SER H 180 -59.48 45.11 -27.87
C SER H 180 -58.24 44.43 -28.45
N TYR H 181 -58.33 43.11 -28.60
CA TYR H 181 -57.26 42.26 -29.17
C TYR H 181 -57.67 41.72 -30.56
N SER H 182 -56.69 41.18 -31.28
CA SER H 182 -56.90 40.71 -32.66
C SER H 182 -55.88 39.61 -33.02
N LEU H 183 -56.28 38.66 -33.87
CA LEU H 183 -55.42 37.49 -34.18
C LEU H 183 -55.58 36.95 -35.61
N SER H 184 -54.57 37.20 -36.45
CA SER H 184 -54.58 36.75 -37.85
C SER H 184 -54.25 35.27 -37.94
N SER H 185 -54.60 34.62 -39.05
CA SER H 185 -54.26 33.21 -39.30
C SER H 185 -54.37 32.87 -40.78
N ARG H 186 -53.44 32.07 -41.28
CA ARG H 186 -53.37 31.73 -42.70
C ARG H 186 -53.62 30.25 -42.94
N LEU H 187 -54.01 29.92 -44.16
CA LEU H 187 -54.07 28.52 -44.62
C LEU H 187 -53.54 28.46 -46.06
N ARG H 188 -52.50 27.63 -46.29
CA ARG H 188 -51.84 27.53 -47.60
C ARG H 188 -52.21 26.21 -48.29
N VAL H 189 -52.83 26.31 -49.46
CA VAL H 189 -53.33 25.16 -50.23
C VAL H 189 -53.32 25.48 -51.74
N SER H 190 -53.65 24.48 -52.57
CA SER H 190 -53.53 24.61 -54.02
C SER H 190 -54.84 25.03 -54.71
N PHE H 193 -56.45 22.10 -54.98
CA PHE H 193 -57.64 21.70 -54.23
C PHE H 193 -58.73 22.78 -54.21
N TRP H 194 -58.31 24.05 -54.19
CA TRP H 194 -59.21 25.20 -53.92
C TRP H 194 -60.20 25.52 -55.05
N HIS H 195 -59.72 25.46 -56.29
CA HIS H 195 -60.58 25.66 -57.46
C HIS H 195 -61.86 24.84 -57.40
N ASN H 196 -61.73 23.59 -56.96
CA ASN H 196 -62.84 22.68 -56.81
C ASN H 196 -63.85 23.22 -55.77
N PRO H 197 -65.17 23.30 -56.12
CA PRO H 197 -66.18 23.78 -55.17
C PRO H 197 -66.77 22.69 -54.24
N ARG H 198 -66.22 21.48 -54.28
CA ARG H 198 -66.65 20.37 -53.41
C ARG H 198 -65.99 20.47 -52.03
N ASN H 199 -64.79 21.07 -51.99
CA ASN H 199 -64.06 21.30 -50.74
C ASN H 199 -64.70 22.38 -49.83
N HIS H 200 -64.95 22.01 -48.58
CA HIS H 200 -65.46 22.91 -47.53
C HIS H 200 -64.30 23.53 -46.74
N PHE H 201 -64.46 24.78 -46.33
CA PHE H 201 -63.41 25.51 -45.63
C PHE H 201 -64.04 26.27 -44.49
N ARG H 202 -63.37 26.25 -43.33
CA ARG H 202 -63.94 26.83 -42.11
C ARG H 202 -62.84 27.36 -41.20
N CYS H 203 -63.02 28.58 -40.71
CA CYS H 203 -62.18 29.15 -39.68
C CYS H 203 -62.99 29.17 -38.38
N GLN H 204 -62.73 28.23 -37.47
CA GLN H 204 -63.37 28.24 -36.16
C GLN H 204 -62.45 28.92 -35.15
N VAL H 205 -63.04 29.73 -34.27
CA VAL H 205 -62.30 30.31 -33.16
C VAL H 205 -63.12 30.09 -31.89
N GLN H 206 -62.48 29.49 -30.89
CA GLN H 206 -63.12 29.21 -29.60
C GLN H 206 -62.72 30.30 -28.59
N PHE H 207 -63.71 31.01 -28.06
CA PHE H 207 -63.48 32.08 -27.10
C PHE H 207 -63.61 31.47 -25.72
N HIS H 208 -62.53 31.52 -24.94
CA HIS H 208 -62.56 31.02 -23.57
C HIS H 208 -63.01 32.15 -22.68
N GLY H 209 -64.32 32.36 -22.65
CA GLY H 209 -64.96 33.38 -21.84
C GLY H 209 -65.45 32.82 -20.51
N LEU H 210 -66.59 33.31 -20.07
CA LEU H 210 -67.15 32.98 -18.75
C LEU H 210 -67.69 31.57 -18.72
N SER H 211 -67.74 31.00 -17.52
CA SER H 211 -68.49 29.76 -17.31
C SER H 211 -69.92 30.13 -16.94
N GLU H 212 -70.78 29.11 -16.86
CA GLU H 212 -72.19 29.29 -16.50
C GLU H 212 -72.36 29.69 -15.03
N GLU H 213 -71.43 29.24 -14.17
CA GLU H 213 -71.38 29.67 -12.76
C GLU H 213 -71.31 31.20 -12.61
N ASP H 214 -70.60 31.85 -13.52
CA ASP H 214 -70.20 33.25 -13.36
C ASP H 214 -71.36 34.27 -13.50
N LYS H 215 -71.27 35.32 -12.69
CA LYS H 215 -72.25 36.41 -12.66
C LYS H 215 -71.92 37.42 -13.78
N SER H 220 -78.20 41.83 -22.27
CA SER H 220 -76.77 41.80 -22.59
C SER H 220 -76.33 40.39 -23.02
N PRO H 221 -75.67 40.24 -24.21
CA PRO H 221 -75.19 38.91 -24.60
C PRO H 221 -73.96 38.48 -23.77
N LYS H 222 -74.23 37.74 -22.69
CA LYS H 222 -73.21 37.26 -21.74
C LYS H 222 -72.24 36.31 -22.46
N PRO H 223 -71.01 36.78 -22.78
CA PRO H 223 -70.14 35.96 -23.64
C PRO H 223 -69.49 34.77 -22.92
N VAL H 224 -70.14 33.61 -23.03
CA VAL H 224 -69.62 32.36 -22.44
C VAL H 224 -68.54 31.75 -23.33
N THR H 225 -67.98 30.62 -22.88
CA THR H 225 -67.10 29.83 -23.71
C THR H 225 -67.86 29.36 -24.94
N GLN H 226 -67.34 29.69 -26.12
CA GLN H 226 -68.13 29.61 -27.35
C GLN H 226 -67.29 29.42 -28.60
N ASN H 227 -67.86 28.73 -29.60
CA ASN H 227 -67.24 28.53 -30.91
C ASN H 227 -67.94 29.35 -32.00
N ILE H 228 -67.32 30.46 -32.42
CA ILE H 228 -67.82 31.30 -33.51
C ILE H 228 -66.94 31.10 -34.76
N SER H 229 -67.51 30.55 -35.83
CA SER H 229 -66.78 30.28 -37.10
C SER H 229 -67.28 31.06 -38.33
N ALA H 230 -66.47 31.04 -39.38
CA ALA H 230 -66.86 31.55 -40.70
C ALA H 230 -66.28 30.66 -41.81
N GLU H 231 -67.04 30.54 -42.90
CA GLU H 231 -66.79 29.53 -43.92
C GLU H 231 -67.04 30.02 -45.34
N ALA H 232 -66.46 29.27 -46.27
CA ALA H 232 -66.56 29.54 -47.70
C ALA H 232 -66.51 28.25 -48.53
N TRP H 233 -67.00 28.33 -49.76
CA TRP H 233 -66.89 27.24 -50.73
C TRP H 233 -65.89 27.63 -51.82
N GLY H 234 -65.48 26.64 -52.61
CA GLY H 234 -64.52 26.87 -53.69
C GLY H 234 -65.04 27.74 -54.83
N ARG H 235 -64.32 28.82 -55.11
CA ARG H 235 -64.53 29.70 -56.25
C ARG H 235 -63.52 29.25 -57.33
N ALA H 236 -64.00 28.69 -58.44
CA ALA H 236 -63.12 28.07 -59.46
C ALA H 236 -62.29 29.09 -60.25
N GLN I 1 29.73 -35.30 37.47
CA GLN I 1 29.40 -36.62 38.09
C GLN I 1 30.58 -37.40 38.66
N GLN I 2 31.83 -37.05 38.33
CA GLN I 2 32.98 -37.69 38.98
C GLN I 2 34.19 -36.79 39.21
N LYS I 3 34.84 -36.34 38.15
CA LYS I 3 36.02 -35.49 38.27
C LYS I 3 35.75 -34.21 37.50
N GLU I 4 36.14 -33.07 38.06
CA GLU I 4 35.99 -31.76 37.43
C GLU I 4 37.17 -30.85 37.77
N LYS I 5 37.53 -29.95 36.85
CA LYS I 5 38.44 -28.84 37.15
C LYS I 5 37.74 -27.51 36.82
N HIS I 6 37.97 -26.46 37.62
CA HIS I 6 37.17 -25.21 37.59
C HIS I 6 37.96 -23.89 37.57
N ASP I 7 37.52 -22.96 36.70
CA ASP I 7 38.04 -21.56 36.53
C ASP I 7 39.40 -21.25 37.12
N GLN I 10 35.87 -12.97 26.93
CA GLN I 10 34.96 -12.65 25.83
C GLN I 10 33.96 -13.78 25.57
N VAL I 11 34.46 -15.03 25.45
CA VAL I 11 33.60 -16.24 25.47
C VAL I 11 34.13 -17.19 26.53
N ARG I 12 33.41 -17.30 27.63
CA ARG I 12 33.88 -18.02 28.80
C ARG I 12 33.14 -19.36 28.91
N GLN I 13 33.91 -20.44 28.99
CA GLN I 13 33.41 -21.80 28.99
C GLN I 13 33.73 -22.49 30.32
N SER I 14 32.90 -23.43 30.73
CA SER I 14 33.09 -24.13 32.00
C SER I 14 32.27 -25.42 32.11
N PRO I 15 32.72 -26.38 32.93
CA PRO I 15 34.07 -26.39 33.55
C PRO I 15 35.22 -26.62 32.54
N GLN I 16 36.45 -26.76 33.03
CA GLN I 16 37.62 -26.92 32.17
C GLN I 16 37.81 -28.39 31.77
N SER I 17 37.84 -29.28 32.76
CA SER I 17 37.83 -30.73 32.57
C SER I 17 36.56 -31.32 33.25
N LEU I 18 36.11 -32.49 32.76
CA LEU I 18 34.88 -33.13 33.26
C LEU I 18 34.79 -34.61 32.90
N THR I 19 34.56 -35.44 33.93
CA THR I 19 34.44 -36.89 33.75
C THR I 19 33.09 -37.32 34.32
N VAL I 20 32.28 -37.97 33.49
CA VAL I 20 30.98 -38.45 33.95
C VAL I 20 30.78 -39.90 33.57
N TRP I 21 29.82 -40.51 34.26
CA TRP I 21 29.49 -41.91 34.03
C TRP I 21 28.63 -42.00 32.81
N GLU I 22 28.84 -43.10 32.07
CA GLU I 22 28.01 -43.50 30.95
C GLU I 22 26.52 -43.40 31.33
N GLY I 23 25.69 -42.95 30.39
CA GLY I 23 24.23 -42.94 30.58
C GLY I 23 23.66 -41.69 31.24
N GLY I 24 24.47 -40.95 31.98
CA GLY I 24 24.11 -39.63 32.50
C GLY I 24 23.92 -38.59 31.40
N THR I 25 23.46 -37.41 31.79
CA THR I 25 23.34 -36.28 30.89
C THR I 25 24.40 -35.24 31.28
N THR I 26 25.37 -35.00 30.39
CA THR I 26 26.45 -34.07 30.68
C THR I 26 25.92 -32.72 30.26
N VAL I 27 26.16 -31.69 31.08
CA VAL I 27 25.88 -30.30 30.73
C VAL I 27 27.18 -29.49 30.68
N LEU I 28 27.46 -28.88 29.51
CA LEU I 28 28.51 -27.86 29.37
C LEU I 28 27.87 -26.48 29.34
N THR I 29 28.59 -25.48 29.83
CA THR I 29 28.11 -24.09 29.79
C THR I 29 29.14 -23.11 29.21
N CYS I 30 28.57 -21.98 28.79
CA CYS I 30 29.26 -21.00 28.01
C CYS I 30 28.56 -19.67 28.28
N SER I 31 29.34 -18.66 28.59
CA SER I 31 28.87 -17.28 28.72
C SER I 31 29.66 -16.40 27.70
N TYR I 32 29.04 -15.34 27.19
CA TYR I 32 29.70 -14.44 26.24
C TYR I 32 29.35 -12.98 26.54
N GLU I 33 30.23 -12.06 26.13
CA GLU I 33 30.16 -10.64 26.55
C GLU I 33 29.48 -9.69 25.58
N ASP I 34 29.80 -9.84 24.29
CA ASP I 34 29.29 -9.01 23.20
C ASP I 34 27.84 -9.37 22.90
N SER I 35 26.90 -8.49 23.22
CA SER I 35 25.48 -8.81 23.09
C SER I 35 24.98 -8.81 21.62
N THR I 36 25.75 -8.19 20.73
CA THR I 36 25.42 -8.16 19.30
C THR I 36 25.51 -9.54 18.66
N PHE I 37 26.42 -10.39 19.18
CA PHE I 37 26.62 -11.77 18.73
C PHE I 37 25.33 -12.47 18.37
N ASN I 38 25.38 -13.32 17.35
CA ASN I 38 24.19 -14.02 16.91
C ASN I 38 24.36 -15.42 16.32
N TYR I 39 25.59 -15.88 16.07
CA TYR I 39 25.79 -17.27 15.61
C TYR I 39 26.68 -17.97 16.60
N PHE I 40 26.30 -19.22 16.90
CA PHE I 40 26.90 -19.98 17.97
C PHE I 40 27.06 -21.44 17.54
N PRO I 41 28.19 -21.77 16.94
CA PRO I 41 28.50 -23.15 16.62
C PRO I 41 29.41 -23.76 17.69
N TRP I 42 29.07 -24.97 18.15
CA TRP I 42 29.95 -25.75 19.01
C TRP I 42 30.77 -26.62 18.09
N TYR I 43 32.05 -26.78 18.44
CA TYR I 43 32.95 -27.70 17.72
C TYR I 43 33.35 -28.77 18.70
N GLN I 44 33.66 -29.96 18.19
CA GLN I 44 34.00 -31.10 19.01
C GLN I 44 35.33 -31.63 18.54
N GLN I 45 36.23 -31.89 19.48
CA GLN I 45 37.61 -32.31 19.17
C GLN I 45 37.97 -33.66 19.79
N PHE I 46 37.90 -34.71 18.98
CA PHE I 46 38.33 -36.02 19.43
C PHE I 46 39.87 -36.05 19.55
N PRO I 47 40.39 -36.89 20.45
CA PRO I 47 41.86 -37.02 20.57
C PRO I 47 42.55 -37.38 19.26
N GLY I 48 43.72 -36.79 19.03
CA GLY I 48 44.45 -36.93 17.76
C GLY I 48 43.81 -36.32 16.50
N GLU I 49 42.64 -35.69 16.64
CA GLU I 49 41.92 -35.11 15.50
C GLU I 49 41.70 -33.62 15.70
N GLY I 50 41.42 -32.90 14.63
CA GLY I 50 41.14 -31.49 14.74
C GLY I 50 39.69 -31.28 15.13
N PRO I 51 39.31 -30.09 15.59
CA PRO I 51 37.89 -29.88 15.85
C PRO I 51 37.01 -29.98 14.59
N ALA I 52 35.83 -30.58 14.75
CA ALA I 52 34.77 -30.53 13.72
C ALA I 52 33.53 -29.84 14.25
N LEU I 53 32.68 -29.41 13.31
CA LEU I 53 31.40 -28.78 13.65
C LEU I 53 30.48 -29.80 14.28
N LEU I 54 29.88 -29.41 15.41
CA LEU I 54 28.96 -30.29 16.16
C LEU I 54 27.50 -29.93 15.83
N ILE I 55 27.12 -28.73 16.27
CA ILE I 55 25.76 -28.24 16.30
C ILE I 55 25.82 -26.71 16.35
N SER I 56 24.77 -26.05 15.89
CA SER I 56 24.77 -24.59 15.81
C SER I 56 23.39 -24.03 16.05
N ILE I 57 23.34 -22.84 16.65
CA ILE I 57 22.09 -22.19 17.03
C ILE I 57 22.16 -20.67 16.89
N LEU I 58 21.14 -20.09 16.25
CA LEU I 58 21.05 -18.63 16.03
C LEU I 58 20.39 -17.94 17.22
N SER I 59 20.64 -16.65 17.41
CA SER I 59 20.03 -15.90 18.55
C SER I 59 18.49 -15.69 18.44
N VAL I 60 17.95 -15.95 17.25
CA VAL I 60 16.51 -15.99 17.01
C VAL I 60 15.85 -17.22 17.68
N SER I 61 16.64 -18.29 17.88
CA SER I 61 16.16 -19.49 18.62
C SER I 61 16.48 -19.49 20.12
N ASP I 62 15.80 -20.40 20.83
CA ASP I 62 16.13 -20.77 22.22
C ASP I 62 16.79 -22.14 22.29
N LYS I 63 16.29 -23.12 21.52
CA LYS I 63 16.90 -24.44 21.51
C LYS I 63 17.07 -25.03 20.13
N LYS I 64 18.12 -25.85 19.98
CA LYS I 64 18.41 -26.56 18.74
C LYS I 64 18.74 -27.96 19.17
N GLU I 65 18.26 -28.97 18.48
CA GLU I 65 18.32 -30.32 18.97
C GLU I 65 18.61 -31.23 17.83
N ASP I 66 19.72 -31.97 17.88
CA ASP I 66 20.10 -32.78 16.75
C ASP I 66 20.71 -34.08 17.20
N GLY I 67 19.88 -35.03 17.58
CA GLY I 67 20.37 -36.28 18.07
C GLY I 67 20.43 -36.17 19.57
N ARG I 68 21.42 -36.81 20.18
CA ARG I 68 21.53 -36.77 21.61
C ARG I 68 22.10 -35.44 22.05
N PHE I 69 22.19 -34.51 21.13
CA PHE I 69 22.77 -33.24 21.45
C PHE I 69 21.77 -32.14 21.24
N THR I 70 21.67 -31.24 22.19
CA THR I 70 20.82 -30.10 22.02
C THR I 70 21.48 -28.93 22.70
N THR I 71 21.27 -27.76 22.15
CA THR I 71 21.88 -26.52 22.65
C THR I 71 20.80 -25.56 23.07
N PHE I 72 21.09 -24.77 24.11
CA PHE I 72 20.15 -23.81 24.64
C PHE I 72 20.76 -22.41 24.67
N PHE I 73 20.26 -21.54 23.79
CA PHE I 73 20.64 -20.14 23.78
C PHE I 73 19.73 -19.34 24.72
N ASN I 74 20.34 -18.35 25.40
CA ASN I 74 19.64 -17.47 26.35
C ASN I 74 20.17 -16.04 26.30
N LYS I 75 19.49 -15.20 25.53
CA LYS I 75 19.90 -13.80 25.31
C LYS I 75 19.90 -12.89 26.56
N ARG I 76 19.04 -13.20 27.55
CA ARG I 76 18.94 -12.37 28.76
C ARG I 76 20.15 -12.47 29.67
N GLU I 77 20.43 -13.66 30.19
CA GLU I 77 21.65 -13.92 30.96
C GLU I 77 22.89 -13.96 30.07
N LYS I 78 22.66 -14.08 28.75
CA LYS I 78 23.72 -13.95 27.73
C LYS I 78 24.62 -15.19 27.83
N LYS I 79 23.98 -16.32 28.10
CA LYS I 79 24.65 -17.59 28.31
C LYS I 79 24.06 -18.59 27.35
N LEU I 80 24.77 -19.70 27.25
CA LEU I 80 24.52 -20.69 26.24
C LEU I 80 24.96 -22.04 26.83
N SER I 81 24.36 -23.13 26.37
CA SER I 81 24.68 -24.42 26.97
C SER I 81 24.45 -25.59 26.03
N LEU I 82 25.14 -26.70 26.34
CA LEU I 82 25.14 -27.92 25.55
C LEU I 82 24.83 -29.09 26.46
N HIS I 83 23.87 -29.91 26.01
CA HIS I 83 23.31 -31.02 26.77
C HIS I 83 23.50 -32.27 25.94
N ILE I 84 23.90 -33.36 26.59
CA ILE I 84 24.03 -34.68 25.96
C ILE I 84 23.15 -35.65 26.77
N ILE I 85 22.54 -36.67 26.14
CA ILE I 85 21.41 -37.41 26.75
C ILE I 85 21.77 -38.82 27.30
N ASP I 86 21.99 -39.79 26.42
CA ASP I 86 22.88 -40.92 26.73
C ASP I 86 24.23 -40.24 26.80
N SER I 87 25.22 -40.92 27.35
CA SER I 87 26.56 -40.35 27.34
C SER I 87 27.55 -41.49 27.14
N GLN I 88 27.63 -41.98 25.90
CA GLN I 88 28.59 -43.04 25.55
C GLN I 88 30.03 -42.48 25.57
N PRO I 89 31.06 -43.34 25.74
CA PRO I 89 32.45 -42.88 25.66
C PRO I 89 32.88 -42.32 24.32
N GLY I 90 32.18 -42.66 23.24
CA GLY I 90 32.30 -41.98 21.94
C GLY I 90 32.32 -40.48 22.11
N ASP I 91 31.50 -39.97 23.02
CA ASP I 91 31.47 -38.55 23.36
C ASP I 91 32.70 -38.00 24.13
N SER I 92 33.72 -38.82 24.38
CA SER I 92 34.91 -38.35 25.05
C SER I 92 35.65 -37.48 24.06
N ALA I 93 35.58 -36.18 24.26
CA ALA I 93 36.18 -35.19 23.37
C ALA I 93 36.29 -33.83 24.07
N THR I 94 36.96 -32.88 23.42
CA THR I 94 37.05 -31.52 23.93
C THR I 94 36.06 -30.65 23.16
N TYR I 95 35.09 -30.11 23.89
CA TYR I 95 33.98 -29.41 23.30
C TYR I 95 34.25 -27.93 23.34
N PHE I 96 34.04 -27.26 22.22
CA PHE I 96 34.31 -25.83 22.08
C PHE I 96 33.06 -25.06 21.75
N CYS I 97 32.79 -24.05 22.55
CA CYS I 97 31.72 -23.11 22.34
C CYS I 97 32.29 -21.95 21.51
N ALA I 98 31.50 -21.38 20.61
CA ALA I 98 31.92 -20.21 19.85
C ALA I 98 30.83 -19.18 19.61
N ALA I 99 31.27 -17.95 19.34
CA ALA I 99 30.40 -16.80 19.16
C ALA I 99 30.93 -15.84 18.11
N LEU I 100 30.02 -15.31 17.28
CA LEU I 100 30.39 -14.30 16.29
C LEU I 100 29.21 -13.43 15.96
N TYR I 101 29.48 -12.16 15.65
CA TYR I 101 28.45 -11.28 15.07
C TYR I 101 28.52 -11.42 13.57
N GLY I 102 27.36 -11.38 12.92
CA GLY I 102 27.26 -11.22 11.47
C GLY I 102 28.06 -12.24 10.69
N ASN I 103 29.03 -11.69 9.92
CA ASN I 103 30.06 -12.44 9.19
C ASN I 103 31.48 -12.22 9.74
N GLU I 104 31.59 -11.58 10.91
CA GLU I 104 32.86 -11.47 11.61
C GLU I 104 33.43 -12.86 11.91
N LYS I 105 34.70 -12.91 12.29
CA LYS I 105 35.39 -14.18 12.45
C LYS I 105 34.90 -14.88 13.72
N ILE I 106 34.95 -16.21 13.68
CA ILE I 106 34.53 -17.04 14.81
C ILE I 106 35.40 -16.77 16.05
N THR I 107 34.79 -16.74 17.23
CA THR I 107 35.51 -16.57 18.51
C THR I 107 35.31 -17.83 19.32
N PHE I 108 36.36 -18.60 19.52
CA PHE I 108 36.23 -19.84 20.27
C PHE I 108 36.33 -19.58 21.76
N GLY I 109 35.66 -20.43 22.52
CA GLY I 109 35.89 -20.49 23.94
C GLY I 109 37.19 -21.21 24.23
N ALA I 110 37.40 -21.50 25.50
CA ALA I 110 38.59 -22.16 25.99
C ALA I 110 38.54 -23.68 25.89
N GLY I 111 37.36 -24.24 25.58
CA GLY I 111 37.16 -25.69 25.61
C GLY I 111 36.86 -26.28 26.99
N THR I 112 36.01 -27.31 26.97
CA THR I 112 35.79 -28.17 28.09
C THR I 112 36.23 -29.57 27.65
N LYS I 113 37.18 -30.17 28.38
CA LYS I 113 37.65 -31.54 28.10
C LYS I 113 36.71 -32.56 28.72
N LEU I 114 36.03 -33.33 27.88
CA LEU I 114 34.99 -34.24 28.37
C LEU I 114 35.43 -35.65 28.19
N THR I 115 35.42 -36.39 29.28
CA THR I 115 35.70 -37.81 29.29
C THR I 115 34.45 -38.51 29.75
N ILE I 116 33.99 -39.46 28.97
CA ILE I 116 32.95 -40.33 29.44
C ILE I 116 33.66 -41.62 29.80
N LYS I 117 33.57 -41.96 31.08
CA LYS I 117 34.05 -43.20 31.60
C LYS I 117 32.96 -44.26 31.33
N PRO I 118 33.35 -45.42 30.75
CA PRO I 118 32.36 -46.47 30.45
C PRO I 118 31.85 -47.23 31.69
N ASN I 119 30.91 -48.16 31.46
CA ASN I 119 30.35 -49.01 32.53
C ASN I 119 31.02 -50.41 32.66
N ILE I 120 32.34 -50.47 32.49
CA ILE I 120 33.15 -51.63 32.90
C ILE I 120 32.89 -52.87 32.05
N ALA J 1 39.80 -31.98 2.19
CA ALA J 1 40.74 -32.47 3.25
C ALA J 1 41.71 -31.37 3.69
N VAL J 2 42.22 -31.50 4.91
CA VAL J 2 43.23 -30.59 5.46
C VAL J 2 44.32 -31.42 6.14
N THR J 3 45.57 -31.19 5.78
CA THR J 3 46.70 -32.00 6.29
C THR J 3 47.88 -31.09 6.67
N GLN J 4 48.54 -31.37 7.79
CA GLN J 4 49.61 -30.49 8.31
C GLN J 4 50.95 -31.23 8.32
N SER J 5 52.01 -30.60 7.81
CA SER J 5 53.18 -31.38 7.39
C SER J 5 53.98 -31.97 8.54
N PRO J 6 54.68 -31.15 9.33
CA PRO J 6 55.28 -31.81 10.51
C PRO J 6 54.17 -32.14 11.49
N ARG J 7 53.88 -33.42 11.71
CA ARG J 7 52.88 -33.82 12.71
C ARG J 7 53.38 -33.50 14.11
N SER J 8 54.68 -33.60 14.31
CA SER J 8 55.28 -33.36 15.61
C SER J 8 56.65 -32.72 15.38
N LYS J 9 57.08 -31.81 16.26
CA LYS J 9 58.32 -31.05 16.04
C LYS J 9 58.98 -30.45 17.31
N VAL J 10 60.29 -30.67 17.43
CA VAL J 10 61.15 -30.17 18.50
C VAL J 10 62.04 -29.06 17.93
N ALA J 11 62.42 -28.09 18.77
CA ALA J 11 63.28 -26.98 18.31
C ALA J 11 64.00 -26.25 19.43
N VAL J 12 65.09 -25.59 19.07
CA VAL J 12 65.94 -24.86 20.01
C VAL J 12 65.38 -23.44 20.12
N THR J 13 65.59 -22.79 21.27
CA THR J 13 65.24 -21.38 21.39
C THR J 13 66.20 -20.60 20.50
N GLY J 14 65.64 -19.84 19.55
CA GLY J 14 66.42 -19.13 18.52
C GLY J 14 66.47 -19.81 17.17
N GLY J 15 66.31 -21.14 17.14
CA GLY J 15 66.25 -21.88 15.87
C GLY J 15 65.00 -21.60 15.07
N LYS J 16 65.06 -21.89 13.77
CA LYS J 16 63.96 -21.57 12.84
C LYS J 16 63.05 -22.77 12.66
N VAL J 17 61.75 -22.49 12.49
CA VAL J 17 60.71 -23.52 12.33
C VAL J 17 59.61 -23.05 11.36
N THR J 18 59.18 -23.95 10.48
CA THR J 18 58.10 -23.69 9.55
C THR J 18 57.04 -24.83 9.51
N LEU J 19 55.81 -24.52 9.92
CA LEU J 19 54.68 -25.45 9.84
C LEU J 19 53.89 -25.21 8.57
N SER J 20 53.43 -26.28 7.95
CA SER J 20 52.76 -26.22 6.66
C SER J 20 51.40 -26.92 6.66
N CYS J 21 50.60 -26.53 5.70
CA CYS J 21 49.24 -27.02 5.58
C CYS J 21 48.92 -27.12 4.10
N HIS J 22 48.18 -28.15 3.73
CA HIS J 22 47.68 -28.31 2.39
C HIS J 22 46.16 -28.50 2.50
N GLN J 23 45.40 -27.90 1.59
CA GLN J 23 43.96 -28.14 1.52
C GLN J 23 43.54 -28.42 0.11
N THR J 24 42.59 -29.35 -0.01
CA THR J 24 42.06 -29.75 -1.28
C THR J 24 40.57 -29.54 -1.24
N ASN J 25 40.13 -28.52 -0.49
CA ASN J 25 38.72 -28.10 -0.46
C ASN J 25 38.44 -27.03 -1.50
N ASN J 26 39.49 -26.48 -2.12
CA ASN J 26 39.35 -25.34 -3.04
C ASN J 26 38.75 -24.08 -2.34
N HIS J 27 38.94 -24.00 -1.02
CA HIS J 27 38.51 -22.87 -0.22
C HIS J 27 39.46 -21.67 -0.37
N ASP J 28 38.96 -20.47 -0.06
CA ASP J 28 39.77 -19.23 -0.15
C ASP J 28 40.38 -18.78 1.15
N TYR J 29 39.63 -18.95 2.24
CA TYR J 29 40.13 -18.58 3.55
C TYR J 29 40.90 -19.76 4.17
N MET J 30 41.98 -19.43 4.89
CA MET J 30 42.80 -20.38 5.62
C MET J 30 43.26 -19.78 6.97
N TYR J 31 43.56 -20.63 7.93
CA TYR J 31 43.61 -20.22 9.30
C TYR J 31 44.68 -20.97 10.09
N TRP J 32 45.45 -20.24 10.88
CA TRP J 32 46.40 -20.80 11.81
C TRP J 32 45.91 -20.47 13.18
N TYR J 33 45.67 -21.53 13.96
CA TYR J 33 45.13 -21.50 15.30
C TYR J 33 46.13 -22.18 16.21
N ARG J 34 46.32 -21.60 17.41
CA ARG J 34 47.20 -22.14 18.45
C ARG J 34 46.35 -22.64 19.61
N GLN J 35 46.73 -23.82 20.11
CA GLN J 35 46.11 -24.45 21.28
C GLN J 35 47.10 -24.63 22.43
N ASP J 36 46.63 -24.59 23.68
CA ASP J 36 47.54 -24.46 24.86
C ASP J 36 47.30 -25.45 25.99
N THR J 37 47.92 -26.63 25.91
CA THR J 37 47.64 -27.71 26.88
C THR J 37 46.12 -28.08 26.83
N GLY J 38 45.58 -28.25 25.62
CA GLY J 38 44.14 -28.45 25.38
C GLY J 38 43.25 -27.20 25.41
N HIS J 39 43.77 -26.10 25.98
CA HIS J 39 43.06 -24.83 26.22
C HIS J 39 43.08 -23.94 24.96
N GLY J 40 41.93 -23.34 24.67
CA GLY J 40 41.83 -22.31 23.65
C GLY J 40 41.94 -22.79 22.21
N LEU J 41 41.59 -21.88 21.31
CA LEU J 41 41.80 -22.06 19.89
C LEU J 41 41.93 -20.64 19.30
N ARG J 42 43.09 -20.02 19.49
CA ARG J 42 43.31 -18.60 19.17
C ARG J 42 43.96 -18.42 17.84
N LEU J 43 43.52 -17.38 17.10
CA LEU J 43 43.97 -17.16 15.73
C LEU J 43 45.29 -16.39 15.71
N ILE J 44 46.25 -16.92 14.95
CA ILE J 44 47.57 -16.31 14.79
C ILE J 44 47.57 -15.46 13.52
N HIS J 45 47.36 -16.12 12.38
CA HIS J 45 47.25 -15.45 11.07
C HIS J 45 46.18 -16.10 10.23
N TYR J 46 45.65 -15.35 9.29
CA TYR J 46 44.67 -15.91 8.36
C TYR J 46 44.91 -15.30 7.00
N SER J 47 44.23 -15.85 5.99
CA SER J 47 44.42 -15.42 4.61
C SER J 47 43.17 -15.68 3.81
N TYR J 48 42.80 -14.78 2.91
CA TYR J 48 41.62 -15.00 2.07
C TYR J 48 41.92 -15.14 0.58
N VAL J 49 43.19 -15.13 0.20
CA VAL J 49 43.63 -15.30 -1.19
C VAL J 49 45.14 -15.34 -1.27
N ALA J 50 45.69 -16.08 -2.22
CA ALA J 50 47.16 -16.04 -2.46
C ALA J 50 47.51 -14.64 -3.00
N ASP J 51 48.65 -14.00 -2.67
CA ASP J 51 49.67 -14.42 -1.72
C ASP J 51 49.71 -13.45 -0.54
N SER J 52 48.57 -12.97 -0.10
CA SER J 52 48.50 -12.06 1.04
C SER J 52 48.10 -12.87 2.28
N THR J 53 48.45 -12.30 3.45
CA THR J 53 48.00 -12.79 4.76
C THR J 53 47.63 -11.60 5.62
N GLU J 54 47.12 -11.89 6.81
CA GLU J 54 46.35 -10.94 7.58
C GLU J 54 46.45 -11.40 9.03
N LYS J 55 46.68 -10.45 9.94
CA LYS J 55 46.97 -10.77 11.33
C LYS J 55 45.76 -11.20 12.11
N GLY J 56 45.94 -12.22 12.94
CA GLY J 56 44.89 -12.71 13.82
C GLY J 56 44.89 -11.96 15.12
N ASP J 57 44.39 -12.61 16.16
CA ASP J 57 44.40 -12.05 17.50
C ASP J 57 45.80 -12.05 18.12
N ILE J 58 46.64 -13.03 17.75
CA ILE J 58 47.86 -13.37 18.51
C ILE J 58 49.11 -13.35 17.62
N PRO J 59 49.33 -12.28 16.84
CA PRO J 59 50.31 -12.38 15.78
C PRO J 59 51.81 -12.28 16.16
N ASP J 60 52.16 -11.74 17.34
CA ASP J 60 53.58 -11.50 17.71
C ASP J 60 54.36 -12.80 17.72
N GLY J 61 55.59 -12.73 17.20
CA GLY J 61 56.46 -13.89 17.03
C GLY J 61 56.14 -14.85 15.89
N TYR J 62 55.17 -14.50 15.05
CA TYR J 62 54.70 -15.39 13.98
C TYR J 62 54.54 -14.58 12.71
N LYS J 63 54.85 -15.21 11.59
CA LYS J 63 54.61 -14.63 10.26
C LYS J 63 53.89 -15.70 9.45
N ALA J 64 53.14 -15.29 8.44
CA ALA J 64 52.41 -16.26 7.59
C ALA J 64 52.75 -16.09 6.13
N SER J 65 52.47 -17.14 5.37
CA SER J 65 52.79 -17.19 3.96
C SER J 65 51.74 -18.02 3.22
N ARG J 66 51.21 -17.45 2.13
CA ARG J 66 50.16 -18.06 1.34
C ARG J 66 50.66 -18.15 -0.11
N PRO J 67 51.53 -19.14 -0.39
CA PRO J 67 52.08 -19.25 -1.75
C PRO J 67 51.04 -19.63 -2.79
N SER J 68 50.08 -20.46 -2.37
CA SER J 68 49.09 -21.08 -3.25
C SER J 68 47.68 -20.93 -2.63
N GLN J 69 46.65 -21.31 -3.39
CA GLN J 69 45.31 -21.41 -2.82
C GLN J 69 45.17 -22.67 -1.97
N GLU J 70 45.98 -23.68 -2.28
CA GLU J 70 45.98 -24.93 -1.51
C GLU J 70 46.84 -24.86 -0.23
N ASN J 71 47.91 -24.07 -0.25
CA ASN J 71 48.94 -24.12 0.78
C ASN J 71 48.97 -22.87 1.63
N PHE J 72 49.24 -23.06 2.91
CA PHE J 72 49.34 -21.99 3.85
C PHE J 72 50.37 -22.38 4.87
N SER J 73 51.23 -21.43 5.26
CA SER J 73 52.42 -21.73 6.06
C SER J 73 52.60 -20.74 7.21
N LEU J 74 52.99 -21.26 8.36
CA LEU J 74 53.27 -20.45 9.55
C LEU J 74 54.77 -20.56 9.82
N ILE J 75 55.41 -19.45 10.21
CA ILE J 75 56.87 -19.32 10.22
C ILE J 75 57.30 -18.67 11.54
N LEU J 76 58.22 -19.31 12.26
CA LEU J 76 58.80 -18.74 13.49
C LEU J 76 60.28 -18.46 13.22
N GLU J 77 60.65 -17.17 13.24
CA GLU J 77 62.01 -16.73 12.91
C GLU J 77 62.96 -17.14 14.02
N LEU J 78 62.64 -16.72 15.23
CA LEU J 78 63.37 -17.10 16.44
C LEU J 78 62.44 -17.84 17.38
N ALA J 79 62.51 -19.16 17.36
CA ALA J 79 61.63 -19.98 18.19
C ALA J 79 61.80 -19.64 19.68
N SER J 80 60.71 -19.29 20.38
CA SER J 80 60.79 -18.92 21.83
C SER J 80 60.05 -19.95 22.69
N LEU J 81 60.41 -20.05 23.97
CA LEU J 81 59.81 -21.09 24.82
C LEU J 81 58.28 -21.02 24.82
N SER J 82 57.73 -19.81 24.91
CA SER J 82 56.28 -19.58 24.95
C SER J 82 55.54 -19.92 23.65
N GLN J 83 56.27 -20.21 22.59
CA GLN J 83 55.68 -20.76 21.36
C GLN J 83 55.58 -22.27 21.39
N THR J 84 55.90 -22.91 22.53
CA THR J 84 55.58 -24.33 22.72
C THR J 84 54.05 -24.50 22.82
N ALA J 85 53.48 -25.28 21.89
CA ALA J 85 52.03 -25.42 21.77
C ALA J 85 51.67 -26.41 20.69
N VAL J 86 50.37 -26.67 20.58
CA VAL J 86 49.80 -27.38 19.44
C VAL J 86 49.20 -26.36 18.43
N TYR J 87 49.43 -26.59 17.15
CA TYR J 87 48.99 -25.65 16.12
C TYR J 87 48.06 -26.33 15.13
N PHE J 88 46.85 -25.83 15.00
CA PHE J 88 45.90 -26.34 14.01
C PHE J 88 45.79 -25.41 12.80
N CYS J 89 45.57 -26.03 11.64
CA CYS J 89 45.29 -25.36 10.39
C CYS J 89 43.79 -25.52 10.05
N ALA J 90 43.22 -24.59 9.30
CA ALA J 90 41.84 -24.76 8.84
C ALA J 90 41.52 -23.94 7.61
N SER J 91 40.56 -24.43 6.84
CA SER J 91 40.06 -23.74 5.65
C SER J 91 38.55 -23.41 5.81
N SER J 92 38.08 -22.43 5.03
CA SER J 92 36.64 -22.11 4.95
C SER J 92 36.29 -21.43 3.64
N ASP J 93 35.06 -21.62 3.19
CA ASP J 93 34.48 -20.84 2.09
C ASP J 93 34.42 -19.39 2.55
N ALA J 94 34.53 -18.45 1.61
CA ALA J 94 34.34 -17.05 1.90
C ALA J 94 32.88 -16.76 2.30
N GLY J 95 32.66 -15.69 3.08
CA GLY J 95 31.33 -15.35 3.62
C GLY J 95 31.10 -15.70 5.08
N GLY J 96 29.87 -15.53 5.52
CA GLY J 96 29.52 -15.71 6.94
C GLY J 96 29.22 -17.14 7.36
N ARG J 97 29.67 -17.50 8.57
CA ARG J 97 29.20 -18.71 9.25
C ARG J 97 29.45 -20.03 8.51
N ASN J 98 30.41 -20.05 7.60
CA ASN J 98 30.79 -21.29 6.95
C ASN J 98 31.58 -22.08 7.94
N THR J 99 31.56 -23.39 7.76
CA THR J 99 32.16 -24.28 8.74
C THR J 99 33.68 -24.26 8.52
N LEU J 100 34.44 -24.06 9.60
CA LEU J 100 35.87 -24.27 9.58
C LEU J 100 36.17 -25.75 9.45
N TYR J 101 36.91 -26.13 8.42
CA TYR J 101 37.41 -27.50 8.26
C TYR J 101 38.86 -27.55 8.73
N PHE J 102 39.10 -28.19 9.87
CA PHE J 102 40.40 -28.17 10.52
C PHE J 102 41.29 -29.34 10.11
N GLY J 103 42.61 -29.11 10.13
CA GLY J 103 43.62 -30.18 10.03
C GLY J 103 43.71 -30.96 11.33
N ALA J 104 44.46 -32.06 11.33
CA ALA J 104 44.63 -32.90 12.54
C ALA J 104 45.66 -32.38 13.56
N GLY J 105 46.30 -31.26 13.32
CA GLY J 105 47.18 -30.62 14.34
C GLY J 105 48.66 -30.90 14.23
N THR J 106 49.46 -29.95 14.72
CA THR J 106 50.93 -30.02 14.70
C THR J 106 51.46 -29.65 16.10
N ARG J 107 52.39 -30.44 16.61
CA ARG J 107 52.79 -30.35 18.00
C ARG J 107 54.19 -29.79 18.04
N LEU J 108 54.43 -28.85 18.95
CA LEU J 108 55.64 -28.07 18.94
C LEU J 108 56.18 -27.92 20.35
N SER J 109 57.38 -28.45 20.57
CA SER J 109 58.11 -28.22 21.80
C SER J 109 59.33 -27.39 21.48
N VAL J 110 59.38 -26.19 22.03
CA VAL J 110 60.56 -25.34 21.95
C VAL J 110 61.33 -25.61 23.22
N LEU J 111 62.63 -25.88 23.06
CA LEU J 111 63.48 -26.23 24.19
C LEU J 111 64.71 -25.33 24.33
N GLU J 112 65.01 -24.98 25.59
CA GLU J 112 66.26 -24.30 25.95
C GLU J 112 67.49 -25.02 25.40
N ASP J 113 67.48 -26.34 25.60
CA ASP J 113 68.65 -27.18 25.58
C ASP J 113 68.25 -28.52 24.94
N LEU J 114 68.90 -28.92 23.84
CA LEU J 114 68.62 -30.24 23.20
C LEU J 114 69.19 -31.44 23.97
N ARG J 115 69.82 -31.20 25.11
CA ARG J 115 70.42 -32.26 25.91
C ARG J 115 69.36 -33.15 26.56
N ASN J 116 68.28 -32.54 27.06
CA ASN J 116 67.19 -33.28 27.72
C ASN J 116 66.36 -34.20 26.81
N VAL J 117 66.58 -34.16 25.48
CA VAL J 117 65.85 -35.01 24.52
C VAL J 117 66.38 -36.44 24.50
N THR J 118 65.75 -37.31 25.28
CA THR J 118 66.07 -38.73 25.33
C THR J 118 64.88 -39.51 24.78
N PRO J 119 65.14 -40.47 23.86
CA PRO J 119 64.06 -41.32 23.36
C PRO J 119 63.57 -42.30 24.44
N PRO J 120 62.52 -43.09 24.14
CA PRO J 120 62.00 -44.03 25.13
C PRO J 120 62.78 -45.34 25.28
N LYS J 121 62.59 -45.97 26.44
CA LYS J 121 63.09 -47.29 26.76
C LYS J 121 61.84 -48.14 26.91
N VAL J 122 61.61 -48.99 25.92
CA VAL J 122 60.34 -49.71 25.74
C VAL J 122 60.47 -51.11 26.33
N SER J 123 59.48 -51.49 27.13
CA SER J 123 59.46 -52.78 27.83
C SER J 123 58.12 -53.49 27.55
N LEU J 124 58.19 -54.67 26.94
CA LEU J 124 57.03 -55.54 26.75
C LEU J 124 57.00 -56.59 27.87
N PHE J 125 55.80 -56.90 28.35
CA PHE J 125 55.58 -57.94 29.36
C PHE J 125 54.57 -58.94 28.80
N GLU J 126 54.63 -60.18 29.28
CA GLU J 126 53.79 -61.27 28.75
C GLU J 126 53.40 -62.30 29.82
N PRO J 127 52.10 -62.55 30.07
CA PRO J 127 51.00 -61.61 29.83
C PRO J 127 50.01 -61.69 31.00
N LYS J 129 49.69 -64.97 33.41
CA LYS J 129 49.78 -66.43 33.59
C LYS J 129 48.79 -66.97 34.63
N ALA J 130 48.69 -66.31 35.79
CA ALA J 130 47.51 -66.42 36.66
C ALA J 130 46.27 -65.92 35.92
N GLU J 131 46.47 -64.90 35.08
CA GLU J 131 45.48 -64.35 34.14
C GLU J 131 44.90 -65.39 33.16
N ILE J 132 45.80 -66.23 32.63
CA ILE J 132 45.48 -67.16 31.53
C ILE J 132 44.57 -68.29 31.98
N ALA J 133 45.01 -69.07 32.97
CA ALA J 133 44.25 -70.22 33.44
C ALA J 133 42.82 -69.82 33.82
N ASN J 134 42.72 -68.89 34.77
CA ASN J 134 41.44 -68.47 35.37
C ASN J 134 40.45 -67.88 34.37
N LYS J 135 40.79 -66.71 33.82
CA LYS J 135 39.88 -65.96 32.95
C LYS J 135 40.10 -66.19 31.44
N GLN J 136 40.85 -67.24 31.09
CA GLN J 136 41.07 -67.66 29.70
C GLN J 136 41.46 -66.52 28.76
N LYS J 137 42.25 -65.57 29.27
CA LYS J 137 42.71 -64.42 28.50
C LYS J 137 44.10 -63.99 28.95
N ALA J 138 44.87 -63.48 28.00
CA ALA J 138 46.25 -63.08 28.21
C ALA J 138 46.33 -61.61 27.87
N THR J 139 46.78 -60.80 28.83
CA THR J 139 46.91 -59.35 28.66
C THR J 139 48.37 -58.99 28.60
N LEU J 140 48.88 -58.73 27.38
CA LEU J 140 50.26 -58.25 27.17
C LEU J 140 50.34 -56.73 27.44
N VAL J 141 50.90 -56.34 28.58
CA VAL J 141 51.08 -54.92 28.95
C VAL J 141 52.42 -54.43 28.39
N CYS J 142 52.38 -53.34 27.61
CA CYS J 142 53.59 -52.66 27.12
C CYS J 142 53.84 -51.34 27.86
N LEU J 143 55.08 -50.86 27.88
CA LEU J 143 55.43 -49.68 28.67
C LEU J 143 56.64 -48.96 28.12
N ALA J 144 56.46 -47.68 27.80
CA ALA J 144 57.52 -46.80 27.30
C ALA J 144 57.89 -45.80 28.38
N ARG J 145 59.17 -45.64 28.68
CA ARG J 145 59.60 -44.88 29.85
C ARG J 145 60.81 -44.02 29.57
N GLY J 146 60.93 -42.94 30.34
CA GLY J 146 62.11 -42.08 30.34
C GLY J 146 62.33 -41.31 29.06
N PHE J 147 61.22 -40.92 28.40
CA PHE J 147 61.30 -40.16 27.13
C PHE J 147 60.93 -38.69 27.33
N PHE J 148 61.60 -37.83 26.55
CA PHE J 148 61.31 -36.39 26.56
C PHE J 148 61.62 -35.80 25.17
N PRO J 149 60.75 -34.93 24.64
CA PRO J 149 59.43 -34.57 25.19
C PRO J 149 58.36 -35.63 24.88
N ASP J 150 57.11 -35.36 25.26
CA ASP J 150 56.00 -36.33 25.11
C ASP J 150 55.48 -36.51 23.67
N HIS J 151 56.41 -36.75 22.73
CA HIS J 151 56.09 -36.84 21.30
C HIS J 151 56.11 -38.31 20.88
N VAL J 152 55.15 -39.08 21.42
CA VAL J 152 55.09 -40.53 21.19
C VAL J 152 53.71 -41.02 20.80
N GLU J 153 53.70 -42.14 20.08
CA GLU J 153 52.48 -42.85 19.71
C GLU J 153 52.80 -44.34 19.73
N LEU J 154 52.05 -45.11 20.52
CA LEU J 154 52.31 -46.55 20.71
C LEU J 154 51.27 -47.39 19.97
N SER J 155 51.72 -48.19 19.01
CA SER J 155 50.87 -49.15 18.29
C SER J 155 51.15 -50.60 18.70
N TRP J 156 50.30 -51.51 18.22
CA TRP J 156 50.42 -52.95 18.45
C TRP J 156 50.37 -53.65 17.12
N TRP J 157 51.29 -54.59 16.90
CA TRP J 157 51.35 -55.36 15.64
C TRP J 157 51.38 -56.88 15.90
N VAL J 158 50.24 -57.55 15.65
CA VAL J 158 50.12 -59.01 15.77
C VAL J 158 50.31 -59.63 14.39
N ASN J 159 51.41 -60.36 14.18
CA ASN J 159 51.72 -61.02 12.89
C ASN J 159 51.99 -60.10 11.67
N GLY J 160 52.31 -58.83 11.89
CA GLY J 160 52.70 -57.93 10.79
C GLY J 160 51.68 -56.94 10.24
N LYS J 161 50.46 -56.93 10.80
CA LYS J 161 49.47 -55.85 10.53
C LYS J 161 48.97 -55.22 11.84
N GLU J 162 48.79 -53.90 11.82
CA GLU J 162 48.40 -53.12 13.00
C GLU J 162 47.02 -53.55 13.50
N VAL J 163 46.84 -53.60 14.82
CA VAL J 163 45.57 -54.03 15.42
C VAL J 163 44.95 -52.92 16.26
N HIS J 164 43.64 -52.71 16.09
CA HIS J 164 42.86 -51.73 16.85
C HIS J 164 41.98 -52.40 17.92
N SER J 165 41.37 -53.52 17.54
CA SER J 165 40.66 -54.40 18.50
C SER J 165 41.57 -54.84 19.65
N GLY J 166 40.98 -55.12 20.81
CA GLY J 166 41.73 -55.57 21.99
C GLY J 166 42.63 -54.56 22.70
N VAL J 167 42.88 -53.41 22.07
CA VAL J 167 43.89 -52.47 22.54
C VAL J 167 43.35 -51.61 23.67
N CYS J 168 44.22 -51.22 24.59
CA CYS J 168 43.87 -50.31 25.67
C CYS J 168 45.05 -49.35 26.05
N THR J 169 45.44 -48.51 25.08
CA THR J 169 46.50 -47.51 25.25
C THR J 169 45.96 -46.39 26.12
N ASP J 170 46.85 -45.70 26.85
CA ASP J 170 46.46 -44.55 27.67
C ASP J 170 46.07 -43.33 26.80
N PRO J 171 45.12 -42.51 27.29
CA PRO J 171 44.83 -41.24 26.61
C PRO J 171 46.05 -40.34 26.48
N GLN J 172 46.73 -40.09 27.61
CA GLN J 172 47.86 -39.16 27.68
C GLN J 172 49.19 -39.85 27.97
N ALA J 173 50.28 -39.22 27.57
CA ALA J 173 51.58 -39.47 28.17
C ALA J 173 51.55 -38.95 29.61
N TYR J 174 51.53 -39.87 30.57
CA TYR J 174 51.64 -39.56 32.00
C TYR J 174 53.06 -39.04 32.27
N LYS J 175 53.22 -38.17 33.25
CA LYS J 175 54.55 -37.63 33.57
C LYS J 175 55.12 -38.33 34.80
N GLU J 176 56.45 -38.49 34.81
CA GLU J 176 57.16 -39.15 35.91
C GLU J 176 57.91 -38.11 36.75
N SER J 177 58.65 -37.25 36.07
CA SER J 177 59.25 -36.03 36.66
C SER J 177 59.44 -34.99 35.55
N ASN J 178 60.03 -33.84 35.89
CA ASN J 178 60.25 -32.73 34.92
C ASN J 178 60.63 -33.17 33.51
N TYR J 179 61.76 -33.87 33.39
CA TYR J 179 62.31 -34.26 32.09
C TYR J 179 62.20 -35.78 31.90
N SER J 180 60.98 -36.31 32.10
CA SER J 180 60.72 -37.75 31.97
C SER J 180 59.22 -38.03 31.84
N TYR J 181 58.84 -38.82 30.84
CA TYR J 181 57.43 -39.12 30.54
C TYR J 181 57.22 -40.65 30.37
N SER J 182 56.03 -41.11 30.75
CA SER J 182 55.62 -42.54 30.67
C SER J 182 54.35 -42.75 29.83
N LEU J 183 54.21 -43.95 29.29
CA LEU J 183 53.03 -44.31 28.50
C LEU J 183 52.84 -45.83 28.43
N SER J 184 51.85 -46.33 29.16
CA SER J 184 51.48 -47.74 29.15
C SER J 184 50.38 -48.00 28.13
N SER J 185 50.16 -49.29 27.87
CA SER J 185 49.16 -49.82 26.94
C SER J 185 49.10 -51.33 27.10
N ARG J 186 47.93 -51.92 26.90
CA ARG J 186 47.77 -53.34 27.14
C ARG J 186 46.85 -54.01 26.13
N LEU J 187 47.41 -54.98 25.41
CA LEU J 187 46.70 -55.79 24.40
C LEU J 187 46.24 -57.12 25.00
N ARG J 188 45.00 -57.49 24.70
CA ARG J 188 44.33 -58.60 25.35
C ARG J 188 43.85 -59.61 24.32
N VAL J 189 44.48 -60.78 24.32
CA VAL J 189 44.06 -61.90 23.47
C VAL J 189 43.63 -63.05 24.37
N SER J 190 42.81 -63.95 23.82
CA SER J 190 42.36 -65.14 24.55
C SER J 190 43.53 -66.13 24.72
N ALA J 191 43.50 -66.84 25.85
CA ALA J 191 44.55 -67.78 26.25
C ALA J 191 44.94 -68.77 25.14
N THR J 192 43.96 -69.13 24.31
CA THR J 192 44.19 -70.02 23.16
C THR J 192 45.16 -69.39 22.13
N PHE J 193 44.95 -68.12 21.82
CA PHE J 193 45.78 -67.40 20.82
C PHE J 193 47.21 -67.16 21.32
N TRP J 194 47.35 -66.89 22.62
CA TRP J 194 48.67 -66.70 23.25
C TRP J 194 49.48 -68.01 23.30
N HIS J 195 48.84 -69.11 23.71
CA HIS J 195 49.54 -70.40 23.81
C HIS J 195 50.22 -70.82 22.50
N ASN J 196 49.56 -70.54 21.37
CA ASN J 196 50.09 -70.83 20.03
C ASN J 196 51.37 -70.03 19.72
N PRO J 197 52.55 -70.71 19.67
CA PRO J 197 53.84 -70.03 19.50
C PRO J 197 54.11 -69.51 18.09
N ARG J 198 53.29 -69.91 17.12
CA ARG J 198 53.39 -69.40 15.76
C ARG J 198 52.90 -67.93 15.67
N ASN J 199 51.98 -67.56 16.58
CA ASN J 199 51.50 -66.18 16.71
C ASN J 199 52.55 -65.18 17.27
N HIS J 200 52.78 -64.10 16.52
CA HIS J 200 53.77 -63.04 16.83
C HIS J 200 53.11 -61.74 17.32
N PHE J 201 53.70 -61.13 18.35
CA PHE J 201 53.25 -59.88 18.98
C PHE J 201 54.36 -58.84 18.93
N ARG J 202 54.00 -57.57 18.79
CA ARG J 202 54.99 -56.48 18.76
C ARG J 202 54.38 -55.17 19.21
N CYS J 203 54.86 -54.67 20.36
CA CYS J 203 54.57 -53.30 20.79
C CYS J 203 55.55 -52.32 20.10
N GLN J 204 55.05 -51.18 19.63
CA GLN J 204 55.88 -50.22 18.88
C GLN J 204 55.63 -48.75 19.23
N VAL J 205 56.61 -48.11 19.87
CA VAL J 205 56.52 -46.67 20.15
C VAL J 205 57.10 -45.85 19.00
N GLN J 206 56.32 -44.85 18.58
CA GLN J 206 56.69 -43.96 17.50
C GLN J 206 57.17 -42.70 18.21
N PHE J 207 58.49 -42.53 18.37
CA PHE J 207 59.04 -41.33 19.00
C PHE J 207 59.38 -40.34 17.91
N HIS J 208 58.91 -39.10 18.08
CA HIS J 208 59.33 -37.96 17.25
C HIS J 208 60.29 -37.09 18.03
N GLY J 209 61.45 -36.81 17.44
CA GLY J 209 62.51 -36.13 18.16
C GLY J 209 63.17 -35.14 17.25
N LEU J 210 64.48 -35.30 17.10
CA LEU J 210 65.29 -34.44 16.23
C LEU J 210 65.18 -34.92 14.80
N SER J 211 65.49 -34.01 13.88
CA SER J 211 65.42 -34.25 12.44
C SER J 211 66.83 -34.41 11.87
N GLU J 212 66.91 -34.66 10.56
CA GLU J 212 68.18 -34.72 9.82
C GLU J 212 69.04 -33.47 10.07
N GLU J 213 68.42 -32.30 10.00
CA GLU J 213 69.10 -31.01 10.04
C GLU J 213 69.54 -30.55 11.46
N ASP J 214 68.86 -31.02 12.51
CA ASP J 214 69.26 -30.76 13.90
C ASP J 214 70.65 -31.32 14.17
N LYS J 215 71.52 -30.52 14.80
CA LYS J 215 72.91 -30.95 15.05
C LYS J 215 73.12 -31.32 16.51
N TRP J 216 74.23 -32.01 16.76
CA TRP J 216 74.46 -32.78 17.99
C TRP J 216 76.00 -32.80 18.29
N PRO J 217 76.41 -32.91 19.58
CA PRO J 217 77.84 -33.11 19.88
C PRO J 217 78.38 -34.47 19.41
N GLU J 218 79.70 -34.62 19.39
CA GLU J 218 80.37 -35.78 18.74
C GLU J 218 80.54 -37.02 19.67
N GLY J 219 79.49 -37.36 20.43
CA GLY J 219 79.57 -38.35 21.53
C GLY J 219 78.45 -39.39 21.62
N SER J 220 77.53 -39.22 22.58
CA SER J 220 76.42 -40.16 22.81
C SER J 220 75.41 -40.14 21.63
N PRO J 221 74.63 -41.23 21.44
CA PRO J 221 73.93 -41.43 20.16
C PRO J 221 72.73 -40.47 19.94
N LYS J 222 72.42 -40.18 18.68
CA LYS J 222 71.52 -39.08 18.36
C LYS J 222 70.05 -39.43 18.65
N PRO J 223 69.34 -38.61 19.46
CA PRO J 223 67.96 -38.88 19.85
C PRO J 223 66.96 -38.36 18.81
N VAL J 224 67.07 -38.88 17.58
CA VAL J 224 66.24 -38.44 16.47
C VAL J 224 64.86 -39.09 16.58
N THR J 225 63.97 -38.66 15.70
CA THR J 225 62.72 -39.37 15.39
C THR J 225 63.06 -40.81 14.99
N GLN J 226 62.54 -41.79 15.74
CA GLN J 226 62.83 -43.23 15.55
C GLN J 226 61.67 -44.11 16.05
N ASN J 227 61.60 -45.33 15.52
CA ASN J 227 60.69 -46.36 16.04
C ASN J 227 61.42 -47.38 16.91
N ILE J 228 60.87 -47.61 18.10
CA ILE J 228 61.42 -48.55 19.05
C ILE J 228 60.35 -49.64 19.23
N SER J 229 60.72 -50.88 18.91
CA SER J 229 59.81 -52.03 19.02
C SER J 229 60.22 -52.92 20.19
N ALA J 230 59.26 -53.72 20.66
CA ALA J 230 59.50 -54.79 21.63
C ALA J 230 58.48 -55.90 21.35
N GLU J 231 58.96 -57.15 21.31
CA GLU J 231 58.21 -58.26 20.71
C GLU J 231 58.34 -59.58 21.48
N ALA J 232 57.45 -60.51 21.15
CA ALA J 232 57.34 -61.80 21.83
C ALA J 232 56.63 -62.80 20.93
N TRP J 233 56.82 -64.09 21.20
CA TRP J 233 56.08 -65.17 20.54
C TRP J 233 55.18 -65.86 21.57
N GLY J 234 54.34 -66.78 21.11
CA GLY J 234 53.47 -67.54 22.02
C GLY J 234 54.16 -68.69 22.73
N ARG J 235 53.51 -69.24 23.77
CA ARG J 235 54.05 -70.42 24.51
C ARG J 235 53.01 -71.23 25.34
N ALA J 236 52.92 -72.53 25.05
CA ALA J 236 52.44 -73.54 26.02
C ALA J 236 53.53 -74.57 26.35
N ASP J 237 54.72 -74.39 25.74
CA ASP J 237 55.87 -75.33 25.78
C ASP J 237 55.53 -76.83 25.79
#